data_7HLI
# 
_entry.id   7HLI 
# 
_audit_conform.dict_name       mmcif_pdbx.dic 
_audit_conform.dict_version    5.399 
_audit_conform.dict_location   http://mmcif.pdb.org/dictionaries/ascii/mmcif_pdbx.dic 
# 
loop_
_database_2.database_id 
_database_2.database_code 
_database_2.pdbx_database_accession 
_database_2.pdbx_DOI 
PDB   7HLI         pdb_00007hli 10.2210/pdb7hli/pdb 
WWPDB D_1001407624 ?            ?                   
# 
_pdbx_audit_revision_history.ordinal             1 
_pdbx_audit_revision_history.data_content_type   'Structure model' 
_pdbx_audit_revision_history.major_revision      1 
_pdbx_audit_revision_history.minor_revision      0 
_pdbx_audit_revision_history.revision_date       2024-11-27 
# 
_pdbx_audit_revision_details.ordinal             1 
_pdbx_audit_revision_details.revision_ordinal    1 
_pdbx_audit_revision_details.data_content_type   'Structure model' 
_pdbx_audit_revision_details.provider            repository 
_pdbx_audit_revision_details.type                'Initial release' 
_pdbx_audit_revision_details.description         ? 
_pdbx_audit_revision_details.details             ? 
# 
_pdbx_database_status.entry_id                        7HLI 
_pdbx_database_status.status_code                     REL 
_pdbx_database_status.status_code_sf                  REL 
_pdbx_database_status.status_code_mr                  ? 
_pdbx_database_status.status_code_cs                  ? 
_pdbx_database_status.recvd_initial_deposition_date   2024-11-04 
_pdbx_database_status.status_code_nmr_data            ? 
_pdbx_database_status.deposit_site                    RCSB 
_pdbx_database_status.process_site                    RCSB 
_pdbx_database_status.SG_entry                        ? 
_pdbx_database_status.pdb_format_compatible           N 
_pdbx_database_status.methods_development_category    ? 
# 
_pdbx_contact_author.id                 1 
_pdbx_contact_author.email              knapp@pharmchem.uni-frankfurt.de 
_pdbx_contact_author.name_first         Stefan 
_pdbx_contact_author.name_last          Knapp 
_pdbx_contact_author.role               'principal investigator/group leader' 
_pdbx_contact_author.identifier_ORCID   0000-0001-5995-6494 
_pdbx_contact_author.name_mi            ? 
# 
loop_
_audit_author.name 
_audit_author.pdbx_ordinal 
_audit_author.identifier_ORCID 
'Kim, Y.'                              1 ? 
'Marples, P.'                          2 ? 
'Fearon, D.'                           3 ? 
'von Delft, F.'                        4 ? 
'Knapp, S.'                            5 ? 
'Kraemer, A.'                          6 ? 
'Structural Genomics Consortium (SGC)' 7 ? 
# 
_citation.id                        primary 
_citation.title                     'PanDDA analysis group deposition' 
_citation.journal_abbrev            'To Be Published' 
_citation.journal_volume            ? 
_citation.page_first                ? 
_citation.page_last                 ? 
_citation.year                      ? 
_citation.journal_id_ASTM           ? 
_citation.country                   ? 
_citation.journal_id_ISSN           ? 
_citation.journal_id_CSD            0353 
_citation.book_publisher            ? 
_citation.pdbx_database_id_PubMed   ? 
_citation.pdbx_database_id_DOI      ? 
# 
loop_
_citation_author.citation_id 
_citation_author.name 
_citation_author.identifier_ORCID 
_citation_author.ordinal 
primary 'Kim, Y.'                              ? 1 
primary 'Marples, P.'                          ? 2 
primary 'Fearon, D.'                           ? 3 
primary 'von Delft, F.'                        ? 4 
primary 'Knapp, S.'                            ? 5 
primary 'Kraemer, A.'                          ? 6 
primary 'Structural Genomics Consortium (SGC)' ? 7 
# 
loop_
_entity.id 
_entity.type 
_entity.src_method 
_entity.pdbx_description 
_entity.formula_weight 
_entity.pdbx_number_of_molecules 
_entity.pdbx_ec 
_entity.pdbx_mutation 
_entity.pdbx_fragment 
_entity.details 
1 polymer     man 'E3 ubiquitin-protein ligase TRIM21'                                             21596.361 1  2.3.2.27 ? ? ? 
2 non-polymer syn '1-[(1S,4S)-1,2,3,4-tetrahydro-1,4-(epiminomethano)naphthalen-10-yl]ethan-1-one' 201.264   1  ?        ? ? ? 
3 non-polymer syn 1,2-ETHANEDIOL                                                                   62.068    1  ?        ? ? ? 
4 non-polymer syn 'SULFATE ION'                                                                    96.063    1  ?        ? ? ? 
5 water       nat water                                                                            18.015    31 ?        ? ? ? 
# 
_entity_name_com.entity_id   1 
_entity_name_com.name        
;52 kDa Ro protein,52 kDa ribonucleoprotein autoantigen Ro/SS-A,Ro(SS-A),Sjoegren syndrome type A antigen,SS-A,Tripartite motif-containing protein 21
;
# 
_entity_poly.entity_id                      1 
_entity_poly.type                           'polypeptide(L)' 
_entity_poly.nstd_linkage                   no 
_entity_poly.nstd_monomer                   no 
_entity_poly.pdbx_seq_one_letter_code       
;MHHHHHHMVHITLDRNTANSWLIISKDRRQVRMGDTHQNVSDNKERFSNYPMVLGAQRFSSGKMYWEVDVTQKEAWDLGV
CRDSVQRKGQFSLSPENGFWTIWLWQDSYEAGTSPQTTLHIQVPPCQIGIFVDYEAGVVSFYNITDHGSLIYTFSECVFA
GPLRPFFNVGFNYSGGNAAPLKLCPLKM
;
_entity_poly.pdbx_seq_one_letter_code_can   
;MHHHHHHMVHITLDRNTANSWLIISKDRRQVRMGDTHQNVSDNKERFSNYPMVLGAQRFSSGKMYWEVDVTQKEAWDLGV
CRDSVQRKGQFSLSPENGFWTIWLWQDSYEAGTSPQTTLHIQVPPCQIGIFVDYEAGVVSFYNITDHGSLIYTFSECVFA
GPLRPFFNVGFNYSGGNAAPLKLCPLKM
;
_entity_poly.pdbx_strand_id                 B 
_entity_poly.pdbx_target_identifier         ? 
# 
loop_
_pdbx_entity_nonpoly.entity_id 
_pdbx_entity_nonpoly.name 
_pdbx_entity_nonpoly.comp_id 
2 '1-[(1S,4S)-1,2,3,4-tetrahydro-1,4-(epiminomethano)naphthalen-10-yl]ethan-1-one' A1BE9 
3 1,2-ETHANEDIOL                                                                   EDO   
4 'SULFATE ION'                                                                    SO4   
5 water                                                                            HOH   
# 
loop_
_entity_poly_seq.entity_id 
_entity_poly_seq.num 
_entity_poly_seq.mon_id 
_entity_poly_seq.hetero 
1 1   MET n 
1 2   HIS n 
1 3   HIS n 
1 4   HIS n 
1 5   HIS n 
1 6   HIS n 
1 7   HIS n 
1 8   MET n 
1 9   VAL n 
1 10  HIS n 
1 11  ILE n 
1 12  THR n 
1 13  LEU n 
1 14  ASP n 
1 15  ARG n 
1 16  ASN n 
1 17  THR n 
1 18  ALA n 
1 19  ASN n 
1 20  SER n 
1 21  TRP n 
1 22  LEU n 
1 23  ILE n 
1 24  ILE n 
1 25  SER n 
1 26  LYS n 
1 27  ASP n 
1 28  ARG n 
1 29  ARG n 
1 30  GLN n 
1 31  VAL n 
1 32  ARG n 
1 33  MET n 
1 34  GLY n 
1 35  ASP n 
1 36  THR n 
1 37  HIS n 
1 38  GLN n 
1 39  ASN n 
1 40  VAL n 
1 41  SER n 
1 42  ASP n 
1 43  ASN n 
1 44  LYS n 
1 45  GLU n 
1 46  ARG n 
1 47  PHE n 
1 48  SER n 
1 49  ASN n 
1 50  TYR n 
1 51  PRO n 
1 52  MET n 
1 53  VAL n 
1 54  LEU n 
1 55  GLY n 
1 56  ALA n 
1 57  GLN n 
1 58  ARG n 
1 59  PHE n 
1 60  SER n 
1 61  SER n 
1 62  GLY n 
1 63  LYS n 
1 64  MET n 
1 65  TYR n 
1 66  TRP n 
1 67  GLU n 
1 68  VAL n 
1 69  ASP n 
1 70  VAL n 
1 71  THR n 
1 72  GLN n 
1 73  LYS n 
1 74  GLU n 
1 75  ALA n 
1 76  TRP n 
1 77  ASP n 
1 78  LEU n 
1 79  GLY n 
1 80  VAL n 
1 81  CYS n 
1 82  ARG n 
1 83  ASP n 
1 84  SER n 
1 85  VAL n 
1 86  GLN n 
1 87  ARG n 
1 88  LYS n 
1 89  GLY n 
1 90  GLN n 
1 91  PHE n 
1 92  SER n 
1 93  LEU n 
1 94  SER n 
1 95  PRO n 
1 96  GLU n 
1 97  ASN n 
1 98  GLY n 
1 99  PHE n 
1 100 TRP n 
1 101 THR n 
1 102 ILE n 
1 103 TRP n 
1 104 LEU n 
1 105 TRP n 
1 106 GLN n 
1 107 ASP n 
1 108 SER n 
1 109 TYR n 
1 110 GLU n 
1 111 ALA n 
1 112 GLY n 
1 113 THR n 
1 114 SER n 
1 115 PRO n 
1 116 GLN n 
1 117 THR n 
1 118 THR n 
1 119 LEU n 
1 120 HIS n 
1 121 ILE n 
1 122 GLN n 
1 123 VAL n 
1 124 PRO n 
1 125 PRO n 
1 126 CYS n 
1 127 GLN n 
1 128 ILE n 
1 129 GLY n 
1 130 ILE n 
1 131 PHE n 
1 132 VAL n 
1 133 ASP n 
1 134 TYR n 
1 135 GLU n 
1 136 ALA n 
1 137 GLY n 
1 138 VAL n 
1 139 VAL n 
1 140 SER n 
1 141 PHE n 
1 142 TYR n 
1 143 ASN n 
1 144 ILE n 
1 145 THR n 
1 146 ASP n 
1 147 HIS n 
1 148 GLY n 
1 149 SER n 
1 150 LEU n 
1 151 ILE n 
1 152 TYR n 
1 153 THR n 
1 154 PHE n 
1 155 SER n 
1 156 GLU n 
1 157 CYS n 
1 158 VAL n 
1 159 PHE n 
1 160 ALA n 
1 161 GLY n 
1 162 PRO n 
1 163 LEU n 
1 164 ARG n 
1 165 PRO n 
1 166 PHE n 
1 167 PHE n 
1 168 ASN n 
1 169 VAL n 
1 170 GLY n 
1 171 PHE n 
1 172 ASN n 
1 173 TYR n 
1 174 SER n 
1 175 GLY n 
1 176 GLY n 
1 177 ASN n 
1 178 ALA n 
1 179 ALA n 
1 180 PRO n 
1 181 LEU n 
1 182 LYS n 
1 183 LEU n 
1 184 CYS n 
1 185 PRO n 
1 186 LEU n 
1 187 LYS n 
1 188 MET n 
# 
_entity_src_gen.entity_id                          1 
_entity_src_gen.pdbx_src_id                        1 
_entity_src_gen.pdbx_alt_source_flag               sample 
_entity_src_gen.pdbx_seq_type                      'Biological sequence' 
_entity_src_gen.pdbx_beg_seq_num                   1 
_entity_src_gen.pdbx_end_seq_num                   188 
_entity_src_gen.gene_src_common_name               'house mouse' 
_entity_src_gen.gene_src_genus                     ? 
_entity_src_gen.pdbx_gene_src_gene                 'Trim21, Ro52, Ssa1' 
_entity_src_gen.gene_src_species                   ? 
_entity_src_gen.gene_src_strain                    ? 
_entity_src_gen.gene_src_tissue                    ? 
_entity_src_gen.gene_src_tissue_fraction           ? 
_entity_src_gen.gene_src_details                   ? 
_entity_src_gen.pdbx_gene_src_fragment             ? 
_entity_src_gen.pdbx_gene_src_scientific_name      'Mus musculus' 
_entity_src_gen.pdbx_gene_src_ncbi_taxonomy_id     10090 
_entity_src_gen.pdbx_gene_src_variant              ? 
_entity_src_gen.pdbx_gene_src_cell_line            ? 
_entity_src_gen.pdbx_gene_src_atcc                 ? 
_entity_src_gen.pdbx_gene_src_organ                ? 
_entity_src_gen.pdbx_gene_src_organelle            ? 
_entity_src_gen.pdbx_gene_src_cell                 ? 
_entity_src_gen.pdbx_gene_src_cellular_location    ? 
_entity_src_gen.host_org_common_name               ? 
_entity_src_gen.pdbx_host_org_scientific_name      'Escherichia coli' 
_entity_src_gen.pdbx_host_org_ncbi_taxonomy_id     562 
_entity_src_gen.host_org_genus                     ? 
_entity_src_gen.pdbx_host_org_gene                 ? 
_entity_src_gen.pdbx_host_org_organ                ? 
_entity_src_gen.host_org_species                   ? 
_entity_src_gen.pdbx_host_org_tissue               ? 
_entity_src_gen.pdbx_host_org_tissue_fraction      ? 
_entity_src_gen.pdbx_host_org_strain               ? 
_entity_src_gen.pdbx_host_org_variant              ? 
_entity_src_gen.pdbx_host_org_cell_line            ? 
_entity_src_gen.pdbx_host_org_atcc                 ? 
_entity_src_gen.pdbx_host_org_culture_collection   ? 
_entity_src_gen.pdbx_host_org_cell                 ? 
_entity_src_gen.pdbx_host_org_organelle            ? 
_entity_src_gen.pdbx_host_org_cellular_location    ? 
_entity_src_gen.pdbx_host_org_vector_type          ? 
_entity_src_gen.pdbx_host_org_vector               ? 
_entity_src_gen.host_org_details                   ? 
_entity_src_gen.expression_system_id               ? 
_entity_src_gen.plasmid_name                       ? 
_entity_src_gen.plasmid_details                    ? 
_entity_src_gen.pdbx_description                   ? 
# 
loop_
_chem_comp.id 
_chem_comp.type 
_chem_comp.mon_nstd_flag 
_chem_comp.name 
_chem_comp.pdbx_synonyms 
_chem_comp.formula 
_chem_comp.formula_weight 
A1BE9 non-polymer         . '1-[(1S,4S)-1,2,3,4-tetrahydro-1,4-(epiminomethano)naphthalen-10-yl]ethan-1-one' ?                 
'C13 H15 N O'    201.264 
ALA   'L-peptide linking' y ALANINE                                                                          ?                 
'C3 H7 N O2'     89.093  
ARG   'L-peptide linking' y ARGININE                                                                         ?                 
'C6 H15 N4 O2 1' 175.209 
ASN   'L-peptide linking' y ASPARAGINE                                                                       ?                 
'C4 H8 N2 O3'    132.118 
ASP   'L-peptide linking' y 'ASPARTIC ACID'                                                                  ?                 
'C4 H7 N O4'     133.103 
CYS   'L-peptide linking' y CYSTEINE                                                                         ?                 
'C3 H7 N O2 S'   121.158 
EDO   non-polymer         . 1,2-ETHANEDIOL                                                                   'ETHYLENE GLYCOL' 
'C2 H6 O2'       62.068  
GLN   'L-peptide linking' y GLUTAMINE                                                                        ?                 
'C5 H10 N2 O3'   146.144 
GLU   'L-peptide linking' y 'GLUTAMIC ACID'                                                                  ?                 
'C5 H9 N O4'     147.129 
GLY   'peptide linking'   y GLYCINE                                                                          ?                 
'C2 H5 N O2'     75.067  
HIS   'L-peptide linking' y HISTIDINE                                                                        ?                 
'C6 H10 N3 O2 1' 156.162 
HOH   non-polymer         . WATER                                                                            ?                 
'H2 O'           18.015  
ILE   'L-peptide linking' y ISOLEUCINE                                                                       ?                 
'C6 H13 N O2'    131.173 
LEU   'L-peptide linking' y LEUCINE                                                                          ?                 
'C6 H13 N O2'    131.173 
LYS   'L-peptide linking' y LYSINE                                                                           ?                 
'C6 H15 N2 O2 1' 147.195 
MET   'L-peptide linking' y METHIONINE                                                                       ?                 
'C5 H11 N O2 S'  149.211 
PHE   'L-peptide linking' y PHENYLALANINE                                                                    ?                 
'C9 H11 N O2'    165.189 
PRO   'L-peptide linking' y PROLINE                                                                          ?                 
'C5 H9 N O2'     115.130 
SER   'L-peptide linking' y SERINE                                                                           ?                 
'C3 H7 N O3'     105.093 
SO4   non-polymer         . 'SULFATE ION'                                                                    ?                 
'O4 S -2'        96.063  
THR   'L-peptide linking' y THREONINE                                                                        ?                 
'C4 H9 N O3'     119.119 
TRP   'L-peptide linking' y TRYPTOPHAN                                                                       ?                 
'C11 H12 N2 O2'  204.225 
TYR   'L-peptide linking' y TYROSINE                                                                         ?                 
'C9 H11 N O3'    181.189 
VAL   'L-peptide linking' y VALINE                                                                           ?                 
'C5 H11 N O2'    117.146 
# 
loop_
_pdbx_poly_seq_scheme.asym_id 
_pdbx_poly_seq_scheme.entity_id 
_pdbx_poly_seq_scheme.seq_id 
_pdbx_poly_seq_scheme.mon_id 
_pdbx_poly_seq_scheme.ndb_seq_num 
_pdbx_poly_seq_scheme.pdb_seq_num 
_pdbx_poly_seq_scheme.auth_seq_num 
_pdbx_poly_seq_scheme.pdb_mon_id 
_pdbx_poly_seq_scheme.auth_mon_id 
_pdbx_poly_seq_scheme.pdb_strand_id 
_pdbx_poly_seq_scheme.pdb_ins_code 
_pdbx_poly_seq_scheme.hetero 
A 1 1   MET 1   7   ?   ?   ?   B . n 
A 1 2   HIS 2   8   8   HIS HIS B . n 
A 1 3   HIS 3   9   9   HIS HIS B . n 
A 1 4   HIS 4   10  10  HIS HIS B . n 
A 1 5   HIS 5   11  11  HIS HIS B . n 
A 1 6   HIS 6   12  12  HIS HIS B . n 
A 1 7   HIS 7   13  13  HIS HIS B . n 
A 1 8   MET 8   14  14  MET MET B . n 
A 1 9   VAL 9   15  15  VAL VAL B . n 
A 1 10  HIS 10  16  16  HIS HIS B . n 
A 1 11  ILE 11  17  17  ILE ILE B . n 
A 1 12  THR 12  18  18  THR THR B . n 
A 1 13  LEU 13  19  19  LEU LEU B . n 
A 1 14  ASP 14  20  20  ASP ASP B . n 
A 1 15  ARG 15  21  21  ARG ARG B . n 
A 1 16  ASN 16  22  22  ASN ASN B . n 
A 1 17  THR 17  23  23  THR THR B . n 
A 1 18  ALA 18  24  24  ALA ALA B . n 
A 1 19  ASN 19  25  25  ASN ASN B . n 
A 1 20  SER 20  26  26  SER SER B . n 
A 1 21  TRP 21  27  27  TRP TRP B . n 
A 1 22  LEU 22  28  28  LEU LEU B . n 
A 1 23  ILE 23  29  29  ILE ILE B . n 
A 1 24  ILE 24  30  30  ILE ILE B . n 
A 1 25  SER 25  31  31  SER SER B . n 
A 1 26  LYS 26  32  32  LYS LYS B . n 
A 1 27  ASP 27  33  33  ASP ASP B . n 
A 1 28  ARG 28  34  34  ARG ARG B . n 
A 1 29  ARG 29  35  35  ARG ARG B . n 
A 1 30  GLN 30  36  36  GLN GLN B . n 
A 1 31  VAL 31  37  37  VAL VAL B . n 
A 1 32  ARG 32  38  38  ARG ARG B . n 
A 1 33  MET 33  39  39  MET MET B . n 
A 1 34  GLY 34  40  40  GLY GLY B . n 
A 1 35  ASP 35  41  41  ASP ASP B . n 
A 1 36  THR 36  42  42  THR THR B . n 
A 1 37  HIS 37  43  43  HIS HIS B . n 
A 1 38  GLN 38  44  44  GLN GLN B . n 
A 1 39  ASN 39  45  45  ASN ASN B . n 
A 1 40  VAL 40  46  46  VAL VAL B . n 
A 1 41  SER 41  47  47  SER SER B . n 
A 1 42  ASP 42  48  48  ASP ASP B . n 
A 1 43  ASN 43  49  49  ASN ASN B . n 
A 1 44  LYS 44  50  50  LYS LYS B . n 
A 1 45  GLU 45  51  51  GLU GLU B . n 
A 1 46  ARG 46  52  52  ARG ARG B . n 
A 1 47  PHE 47  53  53  PHE PHE B . n 
A 1 48  SER 48  54  54  SER SER B . n 
A 1 49  ASN 49  55  55  ASN ASN B . n 
A 1 50  TYR 50  56  56  TYR TYR B . n 
A 1 51  PRO 51  57  57  PRO PRO B . n 
A 1 52  MET 52  58  58  MET MET B . n 
A 1 53  VAL 53  59  59  VAL VAL B . n 
A 1 54  LEU 54  60  60  LEU LEU B . n 
A 1 55  GLY 55  61  61  GLY GLY B . n 
A 1 56  ALA 56  62  62  ALA ALA B . n 
A 1 57  GLN 57  63  63  GLN GLN B . n 
A 1 58  ARG 58  64  64  ARG ARG B . n 
A 1 59  PHE 59  65  65  PHE PHE B . n 
A 1 60  SER 60  66  66  SER SER B . n 
A 1 61  SER 61  67  67  SER SER B . n 
A 1 62  GLY 62  68  68  GLY GLY B . n 
A 1 63  LYS 63  69  69  LYS LYS B . n 
A 1 64  MET 64  70  70  MET MET B . n 
A 1 65  TYR 65  71  71  TYR TYR B . n 
A 1 66  TRP 66  72  72  TRP TRP B . n 
A 1 67  GLU 67  73  73  GLU GLU B . n 
A 1 68  VAL 68  74  74  VAL VAL B . n 
A 1 69  ASP 69  75  75  ASP ASP B . n 
A 1 70  VAL 70  76  76  VAL VAL B . n 
A 1 71  THR 71  77  77  THR THR B . n 
A 1 72  GLN 72  78  78  GLN GLN B . n 
A 1 73  LYS 73  79  79  LYS LYS B . n 
A 1 74  GLU 74  80  80  GLU GLU B . n 
A 1 75  ALA 75  81  81  ALA ALA B . n 
A 1 76  TRP 76  82  82  TRP TRP B . n 
A 1 77  ASP 77  83  83  ASP ASP B . n 
A 1 78  LEU 78  84  84  LEU LEU B . n 
A 1 79  GLY 79  85  85  GLY GLY B . n 
A 1 80  VAL 80  86  86  VAL VAL B . n 
A 1 81  CYS 81  87  87  CYS CYS B . n 
A 1 82  ARG 82  88  88  ARG ARG B . n 
A 1 83  ASP 83  89  89  ASP ASP B . n 
A 1 84  SER 84  90  90  SER SER B . n 
A 1 85  VAL 85  91  91  VAL VAL B . n 
A 1 86  GLN 86  92  92  GLN GLN B . n 
A 1 87  ARG 87  93  93  ARG ARG B . n 
A 1 88  LYS 88  94  94  LYS LYS B . n 
A 1 89  GLY 89  95  95  GLY GLY B . n 
A 1 90  GLN 90  96  96  GLN GLN B . n 
A 1 91  PHE 91  97  97  PHE PHE B . n 
A 1 92  SER 92  98  98  SER SER B . n 
A 1 93  LEU 93  99  99  LEU LEU B . n 
A 1 94  SER 94  100 100 SER SER B . n 
A 1 95  PRO 95  101 101 PRO PRO B . n 
A 1 96  GLU 96  102 102 GLU GLU B . n 
A 1 97  ASN 97  103 103 ASN ASN B . n 
A 1 98  GLY 98  104 104 GLY GLY B . n 
A 1 99  PHE 99  105 105 PHE PHE B . n 
A 1 100 TRP 100 106 106 TRP TRP B . n 
A 1 101 THR 101 107 107 THR THR B . n 
A 1 102 ILE 102 108 108 ILE ILE B . n 
A 1 103 TRP 103 109 109 TRP TRP B . n 
A 1 104 LEU 104 110 110 LEU LEU B . n 
A 1 105 TRP 105 111 111 TRP TRP B . n 
A 1 106 GLN 106 112 112 GLN GLN B . n 
A 1 107 ASP 107 113 113 ASP ASP B . n 
A 1 108 SER 108 114 114 SER SER B . n 
A 1 109 TYR 109 115 115 TYR TYR B . n 
A 1 110 GLU 110 116 116 GLU GLU B . n 
A 1 111 ALA 111 117 117 ALA ALA B . n 
A 1 112 GLY 112 118 118 GLY GLY B . n 
A 1 113 THR 113 119 119 THR THR B . n 
A 1 114 SER 114 120 120 SER SER B . n 
A 1 115 PRO 115 121 121 PRO PRO B . n 
A 1 116 GLN 116 122 122 GLN GLN B . n 
A 1 117 THR 117 123 123 THR THR B . n 
A 1 118 THR 118 124 124 THR THR B . n 
A 1 119 LEU 119 125 125 LEU LEU B . n 
A 1 120 HIS 120 126 126 HIS HIS B . n 
A 1 121 ILE 121 127 127 ILE ILE B . n 
A 1 122 GLN 122 128 128 GLN GLN B . n 
A 1 123 VAL 123 129 129 VAL VAL B . n 
A 1 124 PRO 124 130 130 PRO PRO B . n 
A 1 125 PRO 125 131 131 PRO PRO B . n 
A 1 126 CYS 126 132 132 CYS CYS B . n 
A 1 127 GLN 127 133 133 GLN GLN B . n 
A 1 128 ILE 128 134 134 ILE ILE B . n 
A 1 129 GLY 129 135 135 GLY GLY B . n 
A 1 130 ILE 130 136 136 ILE ILE B . n 
A 1 131 PHE 131 137 137 PHE PHE B . n 
A 1 132 VAL 132 138 138 VAL VAL B . n 
A 1 133 ASP 133 139 139 ASP ASP B . n 
A 1 134 TYR 134 140 140 TYR TYR B . n 
A 1 135 GLU 135 141 141 GLU GLU B . n 
A 1 136 ALA 136 142 142 ALA ALA B . n 
A 1 137 GLY 137 143 143 GLY GLY B . n 
A 1 138 VAL 138 144 144 VAL VAL B . n 
A 1 139 VAL 139 145 145 VAL VAL B . n 
A 1 140 SER 140 146 146 SER SER B . n 
A 1 141 PHE 141 147 147 PHE PHE B . n 
A 1 142 TYR 142 148 148 TYR TYR B . n 
A 1 143 ASN 143 149 149 ASN ASN B . n 
A 1 144 ILE 144 150 150 ILE ILE B . n 
A 1 145 THR 145 151 151 THR THR B . n 
A 1 146 ASP 146 152 152 ASP ASP B . n 
A 1 147 HIS 147 153 153 HIS HIS B . n 
A 1 148 GLY 148 154 154 GLY GLY B . n 
A 1 149 SER 149 155 155 SER SER B . n 
A 1 150 LEU 150 156 156 LEU LEU B . n 
A 1 151 ILE 151 157 157 ILE ILE B . n 
A 1 152 TYR 152 158 158 TYR TYR B . n 
A 1 153 THR 153 159 159 THR THR B . n 
A 1 154 PHE 154 160 160 PHE PHE B . n 
A 1 155 SER 155 161 161 SER SER B . n 
A 1 156 GLU 156 162 162 GLU GLU B . n 
A 1 157 CYS 157 163 163 CYS CYS B . n 
A 1 158 VAL 158 164 164 VAL VAL B . n 
A 1 159 PHE 159 165 165 PHE PHE B . n 
A 1 160 ALA 160 166 166 ALA ALA B . n 
A 1 161 GLY 161 167 167 GLY GLY B . n 
A 1 162 PRO 162 168 168 PRO PRO B . n 
A 1 163 LEU 163 169 169 LEU LEU B . n 
A 1 164 ARG 164 170 170 ARG ARG B . n 
A 1 165 PRO 165 171 171 PRO PRO B . n 
A 1 166 PHE 166 172 172 PHE PHE B . n 
A 1 167 PHE 167 173 173 PHE PHE B . n 
A 1 168 ASN 168 174 174 ASN ASN B . n 
A 1 169 VAL 169 175 175 VAL VAL B . n 
A 1 170 GLY 170 176 176 GLY GLY B . n 
A 1 171 PHE 171 177 177 PHE PHE B . n 
A 1 172 ASN 172 178 178 ASN ASN B . n 
A 1 173 TYR 173 179 179 TYR TYR B . n 
A 1 174 SER 174 180 180 SER SER B . n 
A 1 175 GLY 175 181 181 GLY GLY B . n 
A 1 176 GLY 176 182 182 GLY GLY B . n 
A 1 177 ASN 177 183 183 ASN ASN B . n 
A 1 178 ALA 178 184 184 ALA ALA B . n 
A 1 179 ALA 179 185 185 ALA ALA B . n 
A 1 180 PRO 180 186 186 PRO PRO B . n 
A 1 181 LEU 181 187 187 LEU LEU B . n 
A 1 182 LYS 182 188 188 LYS LYS B . n 
A 1 183 LEU 183 189 189 LEU LEU B . n 
A 1 184 CYS 184 190 190 CYS CYS B . n 
A 1 185 PRO 185 191 191 PRO PRO B . n 
A 1 186 LEU 186 192 192 LEU LEU B . n 
A 1 187 LYS 187 193 ?   ?   ?   B . n 
A 1 188 MET 188 194 ?   ?   ?   B . n 
# 
_pdbx_entity_instance_feature.ordinal        1 
_pdbx_entity_instance_feature.comp_id        A1BE9 
_pdbx_entity_instance_feature.asym_id        ? 
_pdbx_entity_instance_feature.seq_num        ? 
_pdbx_entity_instance_feature.auth_comp_id   A1BE9 
_pdbx_entity_instance_feature.auth_asym_id   ? 
_pdbx_entity_instance_feature.auth_seq_num   ? 
_pdbx_entity_instance_feature.feature_type   'SUBJECT OF INVESTIGATION' 
_pdbx_entity_instance_feature.details        ? 
# 
loop_
_pdbx_nonpoly_scheme.asym_id 
_pdbx_nonpoly_scheme.entity_id 
_pdbx_nonpoly_scheme.mon_id 
_pdbx_nonpoly_scheme.ndb_seq_num 
_pdbx_nonpoly_scheme.pdb_seq_num 
_pdbx_nonpoly_scheme.auth_seq_num 
_pdbx_nonpoly_scheme.pdb_mon_id 
_pdbx_nonpoly_scheme.auth_mon_id 
_pdbx_nonpoly_scheme.pdb_strand_id 
_pdbx_nonpoly_scheme.pdb_ins_code 
B 2 A1BE9 1  201 201 A1BE9 LIG B . 
C 3 EDO   1  202 305 EDO   EDO B . 
D 4 SO4   1  203 1   SO4   SO4 B . 
E 5 HOH   1  301 4   HOH   HOH B . 
E 5 HOH   2  302 22  HOH   HOH B . 
E 5 HOH   3  303 63  HOH   HOH B . 
E 5 HOH   4  304 100 HOH   HOH B . 
E 5 HOH   5  305 99  HOH   HOH B . 
E 5 HOH   6  306 2   HOH   HOH B . 
E 5 HOH   7  307 27  HOH   HOH B . 
E 5 HOH   8  308 95  HOH   HOH B . 
E 5 HOH   9  309 22  HOH   HOH B . 
E 5 HOH   10 310 9   HOH   HOH B . 
E 5 HOH   11 311 2   HOH   HOH B . 
E 5 HOH   12 312 27  HOH   HOH B . 
E 5 HOH   13 313 50  HOH   HOH B . 
E 5 HOH   14 314 1   HOH   HOH B . 
E 5 HOH   15 315 14  HOH   HOH B . 
E 5 HOH   16 316 304 HOH   HOH B . 
E 5 HOH   17 317 24  HOH   HOH B . 
E 5 HOH   18 318 45  HOH   HOH B . 
E 5 HOH   19 319 126 HOH   HOH B . 
E 5 HOH   20 320 137 HOH   HOH B . 
E 5 HOH   21 321 25  HOH   HOH B . 
E 5 HOH   22 322 263 HOH   HOH B . 
E 5 HOH   23 323 85  HOH   HOH B . 
E 5 HOH   24 324 8   HOH   HOH B . 
E 5 HOH   25 325 53  HOH   HOH B . 
E 5 HOH   26 326 120 HOH   HOH B . 
E 5 HOH   27 327 129 HOH   HOH B . 
E 5 HOH   28 328 5   HOH   HOH B . 
E 5 HOH   29 329 38  HOH   HOH B . 
E 5 HOH   30 330 41  HOH   HOH B . 
E 5 HOH   31 331 257 HOH   HOH B . 
# 
loop_
_pdbx_unobs_or_zero_occ_atoms.id 
_pdbx_unobs_or_zero_occ_atoms.PDB_model_num 
_pdbx_unobs_or_zero_occ_atoms.polymer_flag 
_pdbx_unobs_or_zero_occ_atoms.occupancy_flag 
_pdbx_unobs_or_zero_occ_atoms.auth_asym_id 
_pdbx_unobs_or_zero_occ_atoms.auth_comp_id 
_pdbx_unobs_or_zero_occ_atoms.auth_seq_id 
_pdbx_unobs_or_zero_occ_atoms.PDB_ins_code 
_pdbx_unobs_or_zero_occ_atoms.auth_atom_id 
_pdbx_unobs_or_zero_occ_atoms.label_alt_id 
_pdbx_unobs_or_zero_occ_atoms.label_asym_id 
_pdbx_unobs_or_zero_occ_atoms.label_comp_id 
_pdbx_unobs_or_zero_occ_atoms.label_seq_id 
_pdbx_unobs_or_zero_occ_atoms.label_atom_id 
1 1 Y 1 B LEU 192 ? CG  ? A LEU 186 CG  
2 1 Y 1 B LEU 192 ? CD1 ? A LEU 186 CD1 
3 1 Y 1 B LEU 192 ? CD2 ? A LEU 186 CD2 
# 
loop_
_software.pdbx_ordinal 
_software.name 
_software.version 
_software.date 
_software.type 
_software.contact_author 
_software.contact_author_email 
_software.classification 
_software.location 
_software.language 
_software.citation_id 
1 REFMAC      5.8.0267 ?               program 'Garib N. Murshudov' garib@ysbl.york.ac.uk    refinement        
http://www.ccp4.ac.uk/dist/html/refmac5.html        Fortran_77 ? 
2 Aimless     0.7.7    23/04/21        program 'Phil Evans'         ?                        'data scaling'    
http://www.mrc-lmb.cam.ac.uk/harry/pre/aimless.html ?          ? 
3 PDB_EXTRACT 3.23     'SEP. 23, 2016' package PDB                  deposit@deposit.rcsb.org 'data extraction' 
http://sw-tools.pdb.org/apps/PDB_EXTRACT/           C++        ? 
4 XDS         .        ?               program ?                    ?                        'data reduction'  ? ?          ? 
5 REFMAC      .        ?               program ?                    ?                        phasing           ? ?          ? 
# 
_cell.entry_id           7HLI 
_cell.length_a           95.775 
_cell.length_b           95.775 
_cell.length_c           45.755 
_cell.angle_alpha        90.000 
_cell.angle_beta         90.000 
_cell.angle_gamma        90.000 
_cell.Z_PDB              8 
_cell.pdbx_unique_axis   ? 
# 
_symmetry.entry_id                         7HLI 
_symmetry.space_group_name_H-M             'I 4' 
_symmetry.pdbx_full_space_group_name_H-M   ? 
_symmetry.cell_setting                     ? 
_symmetry.Int_Tables_number                79 
# 
_exptl.crystals_number   1 
_exptl.entry_id          7HLI 
_exptl.method            'X-RAY DIFFRACTION' 
# 
_exptl_crystal.id                    1 
_exptl_crystal.pdbx_mosaicity        0.000 
_exptl_crystal.pdbx_mosaicity_esd    ? 
_exptl_crystal.density_Matthews      2.43 
_exptl_crystal.density_diffrn        ? 
_exptl_crystal.density_meas          ? 
_exptl_crystal.density_meas_temp     ? 
_exptl_crystal.density_percent_sol   49.37 
_exptl_crystal.size_max              ? 
_exptl_crystal.size_mid              ? 
_exptl_crystal.size_min              ? 
_exptl_crystal.size_rad              ? 
_exptl_crystal.description           ? 
# 
_exptl_crystal_grow.crystal_id      1 
_exptl_crystal_grow.method          'VAPOR DIFFUSION, SITTING DROP' 
_exptl_crystal_grow.pH              8 
_exptl_crystal_grow.temp            293 
_exptl_crystal_grow.pdbx_details    '4 % PEG 400, 2 M AmmSO4, 0.1 M HEPES pH 8' 
_exptl_crystal_grow.temp_details    ? 
_exptl_crystal_grow.pdbx_pH_range   ? 
# 
_diffrn.id                     1 
_diffrn.ambient_temp           100 
_diffrn.crystal_id             1 
_diffrn.ambient_temp_details   ? 
# 
_diffrn_detector.detector               PIXEL 
_diffrn_detector.type                   'DECTRIS EIGER2 XE 9M' 
_diffrn_detector.pdbx_collection_date   2024-05-22 
_diffrn_detector.diffrn_id              1 
_diffrn_detector.details                ? 
# 
_diffrn_radiation.diffrn_id                        1 
_diffrn_radiation.wavelength_id                    1 
_diffrn_radiation.pdbx_diffrn_protocol             'SINGLE WAVELENGTH' 
_diffrn_radiation.pdbx_monochromatic_or_laue_m_l   ? 
_diffrn_radiation.monochromator                    ? 
_diffrn_radiation.pdbx_scattering_type             x-ray 
# 
_diffrn_radiation_wavelength.id           1 
_diffrn_radiation_wavelength.wavelength   0.92124 
_diffrn_radiation_wavelength.wt           1.0 
# 
_diffrn_source.diffrn_id                   1 
_diffrn_source.source                      SYNCHROTRON 
_diffrn_source.type                        'DIAMOND BEAMLINE I04-1' 
_diffrn_source.pdbx_wavelength_list        0.92124 
_diffrn_source.pdbx_synchrotron_site       Diamond 
_diffrn_source.pdbx_synchrotron_beamline   I04-1 
_diffrn_source.pdbx_wavelength             ? 
# 
_reflns.entry_id                     7HLI 
_reflns.pdbx_diffrn_id               1 
_reflns.pdbx_ordinal                 1 
_reflns.observed_criterion_sigma_I   ? 
_reflns.observed_criterion_sigma_F   ? 
_reflns.d_resolution_low             31.270 
_reflns.d_resolution_high            1.350 
_reflns.number_obs                   45681 
_reflns.number_all                   ? 
_reflns.percent_possible_obs         100.000 
_reflns.pdbx_Rmerge_I_obs            0.094 
_reflns.pdbx_Rsym_value              ? 
_reflns.pdbx_netI_over_sigmaI        11.600 
_reflns.B_iso_Wilson_estimate        ? 
_reflns.pdbx_redundancy              11.900 
_reflns.pdbx_Rrim_I_all              0.098 
_reflns.pdbx_Rpim_I_all              0.027 
_reflns.pdbx_CC_half                 0.999 
_reflns.pdbx_netI_over_av_sigmaI     ? 
_reflns.pdbx_number_measured_all     541923 
_reflns.pdbx_scaling_rejects         0 
_reflns.pdbx_chi_squared             ? 
_reflns.Rmerge_F_all                 ? 
_reflns.Rmerge_F_obs                 ? 
_reflns.observed_criterion_F_max     ? 
_reflns.observed_criterion_F_min     ? 
_reflns.observed_criterion_I_max     ? 
_reflns.observed_criterion_I_min     ? 
_reflns.pdbx_d_res_high_opt          ? 
_reflns.pdbx_d_res_low_opt           ? 
_reflns.details                      ? 
# 
loop_
_reflns_shell.pdbx_diffrn_id 
_reflns_shell.pdbx_ordinal 
_reflns_shell.d_res_high 
_reflns_shell.d_res_low 
_reflns_shell.number_measured_obs 
_reflns_shell.number_measured_all 
_reflns_shell.number_unique_obs 
_reflns_shell.pdbx_rejects 
_reflns_shell.Rmerge_I_obs 
_reflns_shell.meanI_over_sigI_obs 
_reflns_shell.pdbx_Rsym_value 
_reflns_shell.pdbx_chi_squared 
_reflns_shell.pdbx_redundancy 
_reflns_shell.percent_possible_obs 
_reflns_shell.pdbx_netI_over_sigmaI_obs 
_reflns_shell.number_possible 
_reflns_shell.number_unique_all 
_reflns_shell.Rmerge_F_all 
_reflns_shell.Rmerge_F_obs 
_reflns_shell.Rmerge_I_all 
_reflns_shell.meanI_over_sigI_all 
_reflns_shell.percent_possible_all 
_reflns_shell.pdbx_Rrim_I_all 
_reflns_shell.pdbx_Rpim_I_all 
_reflns_shell.pdbx_CC_half 
1 1 1.350 1.370  ? 13238 2309 ? 2.711 ? ? ? 5.700  ? 0.300  ? ? ? ? ? ? 99.300 2.986 1.236 0.342 
1 2 7.270 31.270 ? 3832  316  ? 0.043 ? ? ? 12.100 ? 68.900 ? ? ? ? ? ? 99.000 0.046 0.014 0.999 
# 
_refine.entry_id                                 7HLI 
_refine.pdbx_refine_id                           'X-RAY DIFFRACTION' 
_refine.ls_d_res_high                            1.3500 
_refine.ls_d_res_low                             31.2900 
_refine.pdbx_ls_sigma_F                          0.000 
_refine.pdbx_data_cutoff_high_absF               ? 
_refine.pdbx_data_cutoff_low_absF                ? 
_refine.ls_percent_reflns_obs                    98.6900 
_refine.ls_number_reflns_obs                     42924 
_refine.ls_number_reflns_all                     ? 
_refine.pdbx_ls_cross_valid_method               THROUGHOUT 
_refine.ls_matrix_type                           ? 
_refine.pdbx_R_Free_selection_details            RANDOM 
_refine.details                                  
'HYDROGENS HAVE BEEN ADDED IN THE RIDING POSITIONS U VALUES      : REFINED INDIVIDUALLY' 
_refine.ls_R_factor_all                          ? 
_refine.ls_R_factor_obs                          0.1871 
_refine.ls_R_factor_R_work                       0.1858 
_refine.ls_wR_factor_R_work                      ? 
_refine.ls_R_factor_R_free                       0.2113 
_refine.ls_wR_factor_R_free                      ? 
_refine.ls_percent_reflns_R_free                 4.9000 
_refine.ls_number_reflns_R_free                  2190 
_refine.ls_number_reflns_R_work                  ? 
_refine.ls_R_factor_R_free_error                 ? 
_refine.B_iso_mean                               23.2190 
_refine.solvent_model_param_bsol                 ? 
_refine.solvent_model_param_ksol                 ? 
_refine.pdbx_isotropic_thermal_model             ? 
_refine.aniso_B[1][1]                            0.0000 
_refine.aniso_B[2][2]                            0.0000 
_refine.aniso_B[3][3]                            -0.0100 
_refine.aniso_B[1][2]                            -0.0000 
_refine.aniso_B[1][3]                            -0.0000 
_refine.aniso_B[2][3]                            -0.0000 
_refine.correlation_coeff_Fo_to_Fc               0.9690 
_refine.correlation_coeff_Fo_to_Fc_free          0.9630 
_refine.overall_SU_R_Cruickshank_DPI             ? 
_refine.pdbx_overall_SU_R_free_Cruickshank_DPI   ? 
_refine.pdbx_overall_SU_R_Blow_DPI               ? 
_refine.pdbx_overall_SU_R_free_Blow_DPI          ? 
_refine.overall_SU_R_free                        ? 
_refine.pdbx_overall_ESU_R                       0.0620 
_refine.pdbx_overall_ESU_R_Free                  0.0640 
_refine.overall_SU_ML                            0.0610 
_refine.overall_SU_B                             1.6700 
_refine.solvent_model_details                    MASK 
_refine.pdbx_solvent_vdw_probe_radii             1.2000 
_refine.pdbx_solvent_ion_probe_radii             0.8000 
_refine.pdbx_solvent_shrinkage_radii             0.8000 
_refine.ls_number_parameters                     ? 
_refine.ls_number_restraints                     ? 
_refine.pdbx_starting_model                      ? 
_refine.pdbx_method_to_determine_struct          'FOURIER SYNTHESIS' 
_refine.pdbx_stereochemistry_target_values       'MAXIMUM LIKELIHOOD' 
_refine.pdbx_stereochem_target_val_spec_case     ? 
_refine.overall_FOM_work_R_set                   ? 
_refine.B_iso_max                                129.040 
_refine.B_iso_min                                11.440 
_refine.pdbx_overall_phase_error                 ? 
_refine.occupancy_max                            ? 
_refine.occupancy_min                            ? 
_refine.pdbx_diffrn_id                           1 
_refine.pdbx_TLS_residual_ADP_flag               ? 
_refine.pdbx_ls_sigma_I                          ? 
_refine.pdbx_data_cutoff_high_rms_absF           ? 
_refine.ls_R_factor_R_free_error_details         ? 
# 
_refine_hist.cycle_id                         final 
_refine_hist.pdbx_refine_id                   'X-RAY DIFFRACTION' 
_refine_hist.d_res_high                       1.3500 
_refine_hist.d_res_low                        31.2900 
_refine_hist.pdbx_number_atoms_ligand         24 
_refine_hist.number_atoms_solvent             31 
_refine_hist.number_atoms_total               1548 
_refine_hist.pdbx_number_residues_total       185 
_refine_hist.pdbx_B_iso_mean_ligand           38.40 
_refine_hist.pdbx_B_iso_mean_solvent          29.31 
_refine_hist.pdbx_number_atoms_protein        1493 
_refine_hist.pdbx_number_atoms_nucleic_acid   0 
# 
loop_
_refine_ls_restr.pdbx_refine_id 
_refine_ls_restr.type 
_refine_ls_restr.number 
_refine_ls_restr.dev_ideal 
_refine_ls_restr.dev_ideal_target 
_refine_ls_restr.weight 
_refine_ls_restr.pdbx_restraint_function 
'X-RAY DIFFRACTION' r_bond_refined_d       2149 0.011  0.014  ? ? 
'X-RAY DIFFRACTION' r_bond_other_d         1627 0.001  0.015  ? ? 
'X-RAY DIFFRACTION' r_angle_refined_deg    2560 1.762  1.637  ? ? 
'X-RAY DIFFRACTION' r_angle_other_deg      3763 1.422  1.608  ? ? 
'X-RAY DIFFRACTION' r_dihedral_angle_1_deg 241  7.366  5.000  ? ? 
'X-RAY DIFFRACTION' r_dihedral_angle_2_deg 110  27.592 21.455 ? ? 
'X-RAY DIFFRACTION' r_dihedral_angle_3_deg 288  13.117 15.000 ? ? 
'X-RAY DIFFRACTION' r_dihedral_angle_4_deg 15   21.921 15.000 ? ? 
'X-RAY DIFFRACTION' r_chiral_restr         224  0.092  0.200  ? ? 
'X-RAY DIFFRACTION' r_gen_planes_refined   2330 0.011  0.020  ? ? 
'X-RAY DIFFRACTION' r_gen_planes_other     500  0.003  0.020  ? ? 
'X-RAY DIFFRACTION' r_mcbond_it            1080 1.949  2.276  ? ? 
'X-RAY DIFFRACTION' r_mcbond_other         961  2.065  2.083  ? ? 
'X-RAY DIFFRACTION' r_mcangle_it           1153 3.311  3.129  ? ? 
# 
_refine_ls_shell.d_res_high                       1.3500 
_refine_ls_shell.d_res_low                        1.3850 
_refine_ls_shell.pdbx_total_number_of_bins_used   20 
_refine_ls_shell.percent_reflns_obs               84.8600 
_refine_ls_shell.number_reflns_R_work             2714 
_refine_ls_shell.R_factor_all                     ? 
_refine_ls_shell.R_factor_R_work                  0.3860 
_refine_ls_shell.R_factor_R_free                  0.3900 
_refine_ls_shell.percent_reflns_R_free            ? 
_refine_ls_shell.number_reflns_R_free             134 
_refine_ls_shell.R_factor_R_free_error            ? 
_refine_ls_shell.number_reflns_all                2848 
_refine_ls_shell.number_reflns_obs                ? 
_refine_ls_shell.pdbx_refine_id                   'X-RAY DIFFRACTION' 
# 
_struct.entry_id                  7HLI 
_struct.title                     'PanDDA analysis group deposition -- Crystal Structure of TRIM21 in complex with Z2017861827' 
_struct.pdbx_model_details        ? 
_struct.pdbx_CASP_flag            ? 
_struct.pdbx_model_type_details   ? 
# 
_struct_keywords.entry_id        7HLI 
_struct_keywords.text            'SGC - Diamond I04-1 fragment screening, PanDDA, XChemExplorer, TRIM21, LIGASE' 
_struct_keywords.pdbx_keywords   LIGASE 
# 
loop_
_struct_asym.id 
_struct_asym.pdbx_blank_PDB_chainid_flag 
_struct_asym.pdbx_modified 
_struct_asym.entity_id 
_struct_asym.details 
A N N 1 ? 
B N N 2 ? 
C N N 3 ? 
D N N 4 ? 
E N N 5 ? 
# 
_struct_ref.id                         1 
_struct_ref.db_name                    UNP 
_struct_ref.db_code                    RO52_MOUSE 
_struct_ref.pdbx_db_accession          Q62191 
_struct_ref.pdbx_db_isoform            ? 
_struct_ref.entity_id                  1 
_struct_ref.pdbx_seq_one_letter_code   
;VHITLDRNTANSWLIISKDRRQVRMGDTHQNVSDNKERFSNYPMVLGAQRFSSGKMYWEVDVTQKEAWDLGVCRDSVQRK
GQFSLSPENGFWTIWLWQDSYEAGTSPQTTLHIQVPPCQIGIFVDYEAGVVSFYNITDHGSLIYTFSECVFAGPLRPFFN
VGFNYSGGNAAPLKLCPLKM
;
_struct_ref.pdbx_align_begin           291 
# 
_struct_ref_seq.align_id                      1 
_struct_ref_seq.ref_id                        1 
_struct_ref_seq.pdbx_PDB_id_code              7HLI 
_struct_ref_seq.pdbx_strand_id                B 
_struct_ref_seq.seq_align_beg                 9 
_struct_ref_seq.pdbx_seq_align_beg_ins_code   ? 
_struct_ref_seq.seq_align_end                 188 
_struct_ref_seq.pdbx_seq_align_end_ins_code   ? 
_struct_ref_seq.pdbx_db_accession             Q62191 
_struct_ref_seq.db_align_beg                  291 
_struct_ref_seq.pdbx_db_align_beg_ins_code    ? 
_struct_ref_seq.db_align_end                  470 
_struct_ref_seq.pdbx_db_align_end_ins_code    ? 
_struct_ref_seq.pdbx_auth_seq_align_beg       15 
_struct_ref_seq.pdbx_auth_seq_align_end       194 
# 
loop_
_struct_ref_seq_dif.align_id 
_struct_ref_seq_dif.pdbx_pdb_id_code 
_struct_ref_seq_dif.mon_id 
_struct_ref_seq_dif.pdbx_pdb_strand_id 
_struct_ref_seq_dif.seq_num 
_struct_ref_seq_dif.pdbx_pdb_ins_code 
_struct_ref_seq_dif.pdbx_seq_db_name 
_struct_ref_seq_dif.pdbx_seq_db_accession_code 
_struct_ref_seq_dif.db_mon_id 
_struct_ref_seq_dif.pdbx_seq_db_seq_num 
_struct_ref_seq_dif.details 
_struct_ref_seq_dif.pdbx_auth_seq_num 
_struct_ref_seq_dif.pdbx_ordinal 
1 7HLI MET B 1 ? UNP Q62191 ? ? 'initiating methionine' 7  1 
1 7HLI HIS B 2 ? UNP Q62191 ? ? 'expression tag'        8  2 
1 7HLI HIS B 3 ? UNP Q62191 ? ? 'expression tag'        9  3 
1 7HLI HIS B 4 ? UNP Q62191 ? ? 'expression tag'        10 4 
1 7HLI HIS B 5 ? UNP Q62191 ? ? 'expression tag'        11 5 
1 7HLI HIS B 6 ? UNP Q62191 ? ? 'expression tag'        12 6 
1 7HLI HIS B 7 ? UNP Q62191 ? ? 'expression tag'        13 7 
1 7HLI MET B 8 ? UNP Q62191 ? ? 'expression tag'        14 8 
# 
_pdbx_struct_assembly.id                   1 
_pdbx_struct_assembly.details              author_defined_assembly 
_pdbx_struct_assembly.method_details       ? 
_pdbx_struct_assembly.oligomeric_details   monomeric 
_pdbx_struct_assembly.oligomeric_count     1 
# 
_pdbx_struct_assembly_gen.assembly_id       1 
_pdbx_struct_assembly_gen.oper_expression   1 
_pdbx_struct_assembly_gen.asym_id_list      A,B,C,D,E 
# 
_pdbx_struct_oper_list.id                   1 
_pdbx_struct_oper_list.type                 'identity operation' 
_pdbx_struct_oper_list.name                 1_555 
_pdbx_struct_oper_list.symmetry_operation   x,y,z 
_pdbx_struct_oper_list.matrix[1][1]         1.0000000000 
_pdbx_struct_oper_list.matrix[1][2]         0.0000000000 
_pdbx_struct_oper_list.matrix[1][3]         0.0000000000 
_pdbx_struct_oper_list.vector[1]            0.0000000000 
_pdbx_struct_oper_list.matrix[2][1]         0.0000000000 
_pdbx_struct_oper_list.matrix[2][2]         1.0000000000 
_pdbx_struct_oper_list.matrix[2][3]         0.0000000000 
_pdbx_struct_oper_list.vector[2]            0.0000000000 
_pdbx_struct_oper_list.matrix[3][1]         0.0000000000 
_pdbx_struct_oper_list.matrix[3][2]         0.0000000000 
_pdbx_struct_oper_list.matrix[3][3]         1.0000000000 
_pdbx_struct_oper_list.vector[3]            0.0000000000 
# 
loop_
_struct_conf.conf_type_id 
_struct_conf.id 
_struct_conf.pdbx_PDB_helix_id 
_struct_conf.beg_label_comp_id 
_struct_conf.beg_label_asym_id 
_struct_conf.beg_label_seq_id 
_struct_conf.pdbx_beg_PDB_ins_code 
_struct_conf.end_label_comp_id 
_struct_conf.end_label_asym_id 
_struct_conf.end_label_seq_id 
_struct_conf.pdbx_end_PDB_ins_code 
_struct_conf.beg_auth_comp_id 
_struct_conf.beg_auth_asym_id 
_struct_conf.beg_auth_seq_id 
_struct_conf.end_auth_comp_id 
_struct_conf.end_auth_asym_id 
_struct_conf.end_auth_seq_id 
_struct_conf.pdbx_PDB_helix_class 
_struct_conf.details 
_struct_conf.pdbx_PDB_helix_length 
HELX_P HELX_P1 AA1 HIS A 4  ? MET A 8  ? HIS B 10  MET B 14  5 ? 5 
HELX_P HELX_P2 AA2 ASP A 14 ? ALA A 18 ? ASP B 20  ALA B 24  5 ? 5 
HELX_P HELX_P3 AA3 SER A 94 ? ASN A 97 ? SER B 100 ASN B 103 5 ? 4 
# 
_struct_conf_type.id          HELX_P 
_struct_conf_type.criteria    ? 
_struct_conf_type.reference   ? 
# 
_struct_mon_prot_cis.pdbx_id                1 
_struct_mon_prot_cis.label_comp_id          SER 
_struct_mon_prot_cis.label_seq_id           114 
_struct_mon_prot_cis.label_asym_id          A 
_struct_mon_prot_cis.label_alt_id           . 
_struct_mon_prot_cis.pdbx_PDB_ins_code      ? 
_struct_mon_prot_cis.auth_comp_id           SER 
_struct_mon_prot_cis.auth_seq_id            120 
_struct_mon_prot_cis.auth_asym_id           B 
_struct_mon_prot_cis.pdbx_label_comp_id_2   PRO 
_struct_mon_prot_cis.pdbx_label_seq_id_2    115 
_struct_mon_prot_cis.pdbx_label_asym_id_2   A 
_struct_mon_prot_cis.pdbx_PDB_ins_code_2    ? 
_struct_mon_prot_cis.pdbx_auth_comp_id_2    PRO 
_struct_mon_prot_cis.pdbx_auth_seq_id_2     121 
_struct_mon_prot_cis.pdbx_auth_asym_id_2    B 
_struct_mon_prot_cis.pdbx_PDB_model_num     1 
_struct_mon_prot_cis.pdbx_omega_angle       -2.83 
# 
loop_
_struct_sheet.id 
_struct_sheet.type 
_struct_sheet.number_strands 
_struct_sheet.details 
AA1 ? 7 ? 
AA2 ? 6 ? 
# 
loop_
_struct_sheet_order.sheet_id 
_struct_sheet_order.range_id_1 
_struct_sheet_order.range_id_2 
_struct_sheet_order.offset 
_struct_sheet_order.sense 
AA1 1 2 ? anti-parallel 
AA1 2 3 ? anti-parallel 
AA1 3 4 ? anti-parallel 
AA1 4 5 ? anti-parallel 
AA1 5 6 ? anti-parallel 
AA1 6 7 ? anti-parallel 
AA2 1 2 ? anti-parallel 
AA2 2 3 ? anti-parallel 
AA2 3 4 ? anti-parallel 
AA2 4 5 ? anti-parallel 
AA2 5 6 ? anti-parallel 
# 
loop_
_struct_sheet_range.sheet_id 
_struct_sheet_range.id 
_struct_sheet_range.beg_label_comp_id 
_struct_sheet_range.beg_label_asym_id 
_struct_sheet_range.beg_label_seq_id 
_struct_sheet_range.pdbx_beg_PDB_ins_code 
_struct_sheet_range.end_label_comp_id 
_struct_sheet_range.end_label_asym_id 
_struct_sheet_range.end_label_seq_id 
_struct_sheet_range.pdbx_end_PDB_ins_code 
_struct_sheet_range.beg_auth_comp_id 
_struct_sheet_range.beg_auth_asym_id 
_struct_sheet_range.beg_auth_seq_id 
_struct_sheet_range.end_auth_comp_id 
_struct_sheet_range.end_auth_asym_id 
_struct_sheet_range.end_auth_seq_id 
AA1 1 LEU A 22  ? ILE A 24  ? LEU B 28  ILE B 30  
AA1 2 GLN A 30  ? MET A 33  ? GLN B 36  MET B 39  
AA1 3 LEU A 181 ? LEU A 183 ? LEU B 187 LEU B 189 
AA1 4 LYS A 63  ? ASP A 69  ? LYS B 69  ASP B 75  
AA1 5 GLN A 127 ? ASP A 133 ? GLN B 133 ASP B 139 
AA1 6 VAL A 138 ? ASN A 143 ? VAL B 144 ASN B 149 
AA1 7 SER A 149 ? PHE A 154 ? SER B 155 PHE B 160 
AA2 1 MET A 52  ? LEU A 54  ? MET B 58  LEU B 60  
AA2 2 LEU A 163 ? ASN A 168 ? LEU B 169 ASN B 174 
AA2 3 TRP A 76  ? ARG A 82  ? TRP B 82  ARG B 88  
AA2 4 PHE A 99  ? TRP A 105 ? PHE B 105 TRP B 111 
AA2 5 SER A 108 ? ALA A 111 ? SER B 114 ALA B 117 
AA2 6 THR A 117 ? THR A 118 ? THR B 123 THR B 124 
# 
loop_
_pdbx_struct_sheet_hbond.sheet_id 
_pdbx_struct_sheet_hbond.range_id_1 
_pdbx_struct_sheet_hbond.range_id_2 
_pdbx_struct_sheet_hbond.range_1_label_atom_id 
_pdbx_struct_sheet_hbond.range_1_label_comp_id 
_pdbx_struct_sheet_hbond.range_1_label_asym_id 
_pdbx_struct_sheet_hbond.range_1_label_seq_id 
_pdbx_struct_sheet_hbond.range_1_PDB_ins_code 
_pdbx_struct_sheet_hbond.range_1_auth_atom_id 
_pdbx_struct_sheet_hbond.range_1_auth_comp_id 
_pdbx_struct_sheet_hbond.range_1_auth_asym_id 
_pdbx_struct_sheet_hbond.range_1_auth_seq_id 
_pdbx_struct_sheet_hbond.range_2_label_atom_id 
_pdbx_struct_sheet_hbond.range_2_label_comp_id 
_pdbx_struct_sheet_hbond.range_2_label_asym_id 
_pdbx_struct_sheet_hbond.range_2_label_seq_id 
_pdbx_struct_sheet_hbond.range_2_PDB_ins_code 
_pdbx_struct_sheet_hbond.range_2_auth_atom_id 
_pdbx_struct_sheet_hbond.range_2_auth_comp_id 
_pdbx_struct_sheet_hbond.range_2_auth_asym_id 
_pdbx_struct_sheet_hbond.range_2_auth_seq_id 
AA1 1 2 N ILE A 23  ? N ILE B 29  O ARG A 32  ? O ARG B 38  
AA1 2 3 N VAL A 31  ? N VAL B 37  O LEU A 181 ? O LEU B 187 
AA1 3 4 O LYS A 182 ? O LYS B 188 N ASP A 69  ? N ASP B 75  
AA1 4 5 N TRP A 66  ? N TRP B 72  O ILE A 130 ? O ILE B 136 
AA1 5 6 N PHE A 131 ? N PHE B 137 O SER A 140 ? O SER B 146 
AA1 6 7 N PHE A 141 ? N PHE B 147 O ILE A 151 ? O ILE B 157 
AA2 1 2 N VAL A 53  ? N VAL B 59  O PHE A 167 ? O PHE B 173 
AA2 2 3 O ARG A 164 ? O ARG B 170 N CYS A 81  ? N CYS B 87  
AA2 3 4 N VAL A 80  ? N VAL B 86  O TRP A 100 ? O TRP B 106 
AA2 4 5 N TRP A 105 ? N TRP B 111 O SER A 108 ? O SER B 114 
AA2 5 6 N ALA A 111 ? N ALA B 117 O THR A 117 ? O THR B 123 
# 
_pdbx_entry_details.entry_id                   7HLI 
_pdbx_entry_details.compound_details           ? 
_pdbx_entry_details.source_details             ? 
_pdbx_entry_details.nonpolymer_details         ? 
_pdbx_entry_details.sequence_details           ? 
_pdbx_entry_details.has_ligand_of_interest     Y 
_pdbx_entry_details.has_protein_modification   N 
# 
_pdbx_validate_torsion.id              1 
_pdbx_validate_torsion.PDB_model_num   1 
_pdbx_validate_torsion.auth_comp_id    ASP 
_pdbx_validate_torsion.auth_asym_id    B 
_pdbx_validate_torsion.auth_seq_id     152 
_pdbx_validate_torsion.PDB_ins_code    ? 
_pdbx_validate_torsion.label_alt_id    ? 
_pdbx_validate_torsion.phi             -107.69 
_pdbx_validate_torsion.psi             49.08 
# 
_phasing.method   MR 
# 
loop_
_pdbx_unobs_or_zero_occ_residues.id 
_pdbx_unobs_or_zero_occ_residues.PDB_model_num 
_pdbx_unobs_or_zero_occ_residues.polymer_flag 
_pdbx_unobs_or_zero_occ_residues.occupancy_flag 
_pdbx_unobs_or_zero_occ_residues.auth_asym_id 
_pdbx_unobs_or_zero_occ_residues.auth_comp_id 
_pdbx_unobs_or_zero_occ_residues.auth_seq_id 
_pdbx_unobs_or_zero_occ_residues.PDB_ins_code 
_pdbx_unobs_or_zero_occ_residues.label_asym_id 
_pdbx_unobs_or_zero_occ_residues.label_comp_id 
_pdbx_unobs_or_zero_occ_residues.label_seq_id 
1 1 Y 1 B MET 7   ? A MET 1   
2 1 Y 1 B LYS 193 ? A LYS 187 
3 1 Y 1 B MET 194 ? A MET 188 
# 
loop_
_chem_comp_atom.comp_id 
_chem_comp_atom.atom_id 
_chem_comp_atom.type_symbol 
_chem_comp_atom.pdbx_aromatic_flag 
_chem_comp_atom.pdbx_stereo_config 
_chem_comp_atom.pdbx_ordinal 
A1BE9 C10  C Y N 1   
A1BE9 C13  C Y N 2   
A1BE9 C15  C Y N 3   
A1BE9 C01  C N N 4   
A1BE9 C02  C N N 5   
A1BE9 C05  C N N 6   
A1BE9 C06  C N S 7   
A1BE9 C07  C N N 8   
A1BE9 C08  C N N 9   
A1BE9 C09  C N R 10  
A1BE9 C11  C Y N 11  
A1BE9 C12  C Y N 12  
A1BE9 C14  C Y N 13  
A1BE9 N04  N N N 14  
A1BE9 O03  O N N 15  
A1BE9 H131 H N N 16  
A1BE9 H013 H N N 17  
A1BE9 H011 H N N 18  
A1BE9 H012 H N N 19  
A1BE9 H052 H N N 20  
A1BE9 H051 H N N 21  
A1BE9 H061 H N N 22  
A1BE9 H072 H N N 23  
A1BE9 H071 H N N 24  
A1BE9 H082 H N N 25  
A1BE9 H081 H N N 26  
A1BE9 H091 H N N 27  
A1BE9 H111 H N N 28  
A1BE9 H121 H N N 29  
A1BE9 H141 H N N 30  
ALA   N    N N N 31  
ALA   CA   C N S 32  
ALA   C    C N N 33  
ALA   O    O N N 34  
ALA   CB   C N N 35  
ALA   OXT  O N N 36  
ALA   H    H N N 37  
ALA   H2   H N N 38  
ALA   HA   H N N 39  
ALA   HB1  H N N 40  
ALA   HB2  H N N 41  
ALA   HB3  H N N 42  
ALA   HXT  H N N 43  
ARG   N    N N N 44  
ARG   CA   C N S 45  
ARG   C    C N N 46  
ARG   O    O N N 47  
ARG   CB   C N N 48  
ARG   CG   C N N 49  
ARG   CD   C N N 50  
ARG   NE   N N N 51  
ARG   CZ   C N N 52  
ARG   NH1  N N N 53  
ARG   NH2  N N N 54  
ARG   OXT  O N N 55  
ARG   H    H N N 56  
ARG   H2   H N N 57  
ARG   HA   H N N 58  
ARG   HB2  H N N 59  
ARG   HB3  H N N 60  
ARG   HG2  H N N 61  
ARG   HG3  H N N 62  
ARG   HD2  H N N 63  
ARG   HD3  H N N 64  
ARG   HE   H N N 65  
ARG   HH11 H N N 66  
ARG   HH12 H N N 67  
ARG   HH21 H N N 68  
ARG   HH22 H N N 69  
ARG   HXT  H N N 70  
ASN   N    N N N 71  
ASN   CA   C N S 72  
ASN   C    C N N 73  
ASN   O    O N N 74  
ASN   CB   C N N 75  
ASN   CG   C N N 76  
ASN   OD1  O N N 77  
ASN   ND2  N N N 78  
ASN   OXT  O N N 79  
ASN   H    H N N 80  
ASN   H2   H N N 81  
ASN   HA   H N N 82  
ASN   HB2  H N N 83  
ASN   HB3  H N N 84  
ASN   HD21 H N N 85  
ASN   HD22 H N N 86  
ASN   HXT  H N N 87  
ASP   N    N N N 88  
ASP   CA   C N S 89  
ASP   C    C N N 90  
ASP   O    O N N 91  
ASP   CB   C N N 92  
ASP   CG   C N N 93  
ASP   OD1  O N N 94  
ASP   OD2  O N N 95  
ASP   OXT  O N N 96  
ASP   H    H N N 97  
ASP   H2   H N N 98  
ASP   HA   H N N 99  
ASP   HB2  H N N 100 
ASP   HB3  H N N 101 
ASP   HD2  H N N 102 
ASP   HXT  H N N 103 
CYS   N    N N N 104 
CYS   CA   C N R 105 
CYS   C    C N N 106 
CYS   O    O N N 107 
CYS   CB   C N N 108 
CYS   SG   S N N 109 
CYS   OXT  O N N 110 
CYS   H    H N N 111 
CYS   H2   H N N 112 
CYS   HA   H N N 113 
CYS   HB2  H N N 114 
CYS   HB3  H N N 115 
CYS   HG   H N N 116 
CYS   HXT  H N N 117 
EDO   C1   C N N 118 
EDO   O1   O N N 119 
EDO   C2   C N N 120 
EDO   O2   O N N 121 
EDO   H11  H N N 122 
EDO   H12  H N N 123 
EDO   HO1  H N N 124 
EDO   H21  H N N 125 
EDO   H22  H N N 126 
EDO   HO2  H N N 127 
GLN   N    N N N 128 
GLN   CA   C N S 129 
GLN   C    C N N 130 
GLN   O    O N N 131 
GLN   CB   C N N 132 
GLN   CG   C N N 133 
GLN   CD   C N N 134 
GLN   OE1  O N N 135 
GLN   NE2  N N N 136 
GLN   OXT  O N N 137 
GLN   H    H N N 138 
GLN   H2   H N N 139 
GLN   HA   H N N 140 
GLN   HB2  H N N 141 
GLN   HB3  H N N 142 
GLN   HG2  H N N 143 
GLN   HG3  H N N 144 
GLN   HE21 H N N 145 
GLN   HE22 H N N 146 
GLN   HXT  H N N 147 
GLU   N    N N N 148 
GLU   CA   C N S 149 
GLU   C    C N N 150 
GLU   O    O N N 151 
GLU   CB   C N N 152 
GLU   CG   C N N 153 
GLU   CD   C N N 154 
GLU   OE1  O N N 155 
GLU   OE2  O N N 156 
GLU   OXT  O N N 157 
GLU   H    H N N 158 
GLU   H2   H N N 159 
GLU   HA   H N N 160 
GLU   HB2  H N N 161 
GLU   HB3  H N N 162 
GLU   HG2  H N N 163 
GLU   HG3  H N N 164 
GLU   HE2  H N N 165 
GLU   HXT  H N N 166 
GLY   N    N N N 167 
GLY   CA   C N N 168 
GLY   C    C N N 169 
GLY   O    O N N 170 
GLY   OXT  O N N 171 
GLY   H    H N N 172 
GLY   H2   H N N 173 
GLY   HA2  H N N 174 
GLY   HA3  H N N 175 
GLY   HXT  H N N 176 
HIS   N    N N N 177 
HIS   CA   C N S 178 
HIS   C    C N N 179 
HIS   O    O N N 180 
HIS   CB   C N N 181 
HIS   CG   C Y N 182 
HIS   ND1  N Y N 183 
HIS   CD2  C Y N 184 
HIS   CE1  C Y N 185 
HIS   NE2  N Y N 186 
HIS   OXT  O N N 187 
HIS   H    H N N 188 
HIS   H2   H N N 189 
HIS   HA   H N N 190 
HIS   HB2  H N N 191 
HIS   HB3  H N N 192 
HIS   HD1  H N N 193 
HIS   HD2  H N N 194 
HIS   HE1  H N N 195 
HIS   HE2  H N N 196 
HIS   HXT  H N N 197 
HOH   O    O N N 198 
HOH   H1   H N N 199 
HOH   H2   H N N 200 
ILE   N    N N N 201 
ILE   CA   C N S 202 
ILE   C    C N N 203 
ILE   O    O N N 204 
ILE   CB   C N S 205 
ILE   CG1  C N N 206 
ILE   CG2  C N N 207 
ILE   CD1  C N N 208 
ILE   OXT  O N N 209 
ILE   H    H N N 210 
ILE   H2   H N N 211 
ILE   HA   H N N 212 
ILE   HB   H N N 213 
ILE   HG12 H N N 214 
ILE   HG13 H N N 215 
ILE   HG21 H N N 216 
ILE   HG22 H N N 217 
ILE   HG23 H N N 218 
ILE   HD11 H N N 219 
ILE   HD12 H N N 220 
ILE   HD13 H N N 221 
ILE   HXT  H N N 222 
LEU   N    N N N 223 
LEU   CA   C N S 224 
LEU   C    C N N 225 
LEU   O    O N N 226 
LEU   CB   C N N 227 
LEU   CG   C N N 228 
LEU   CD1  C N N 229 
LEU   CD2  C N N 230 
LEU   OXT  O N N 231 
LEU   H    H N N 232 
LEU   H2   H N N 233 
LEU   HA   H N N 234 
LEU   HB2  H N N 235 
LEU   HB3  H N N 236 
LEU   HG   H N N 237 
LEU   HD11 H N N 238 
LEU   HD12 H N N 239 
LEU   HD13 H N N 240 
LEU   HD21 H N N 241 
LEU   HD22 H N N 242 
LEU   HD23 H N N 243 
LEU   HXT  H N N 244 
LYS   N    N N N 245 
LYS   CA   C N S 246 
LYS   C    C N N 247 
LYS   O    O N N 248 
LYS   CB   C N N 249 
LYS   CG   C N N 250 
LYS   CD   C N N 251 
LYS   CE   C N N 252 
LYS   NZ   N N N 253 
LYS   OXT  O N N 254 
LYS   H    H N N 255 
LYS   H2   H N N 256 
LYS   HA   H N N 257 
LYS   HB2  H N N 258 
LYS   HB3  H N N 259 
LYS   HG2  H N N 260 
LYS   HG3  H N N 261 
LYS   HD2  H N N 262 
LYS   HD3  H N N 263 
LYS   HE2  H N N 264 
LYS   HE3  H N N 265 
LYS   HZ1  H N N 266 
LYS   HZ2  H N N 267 
LYS   HZ3  H N N 268 
LYS   HXT  H N N 269 
MET   N    N N N 270 
MET   CA   C N S 271 
MET   C    C N N 272 
MET   O    O N N 273 
MET   CB   C N N 274 
MET   CG   C N N 275 
MET   SD   S N N 276 
MET   CE   C N N 277 
MET   OXT  O N N 278 
MET   H    H N N 279 
MET   H2   H N N 280 
MET   HA   H N N 281 
MET   HB2  H N N 282 
MET   HB3  H N N 283 
MET   HG2  H N N 284 
MET   HG3  H N N 285 
MET   HE1  H N N 286 
MET   HE2  H N N 287 
MET   HE3  H N N 288 
MET   HXT  H N N 289 
PHE   N    N N N 290 
PHE   CA   C N S 291 
PHE   C    C N N 292 
PHE   O    O N N 293 
PHE   CB   C N N 294 
PHE   CG   C Y N 295 
PHE   CD1  C Y N 296 
PHE   CD2  C Y N 297 
PHE   CE1  C Y N 298 
PHE   CE2  C Y N 299 
PHE   CZ   C Y N 300 
PHE   OXT  O N N 301 
PHE   H    H N N 302 
PHE   H2   H N N 303 
PHE   HA   H N N 304 
PHE   HB2  H N N 305 
PHE   HB3  H N N 306 
PHE   HD1  H N N 307 
PHE   HD2  H N N 308 
PHE   HE1  H N N 309 
PHE   HE2  H N N 310 
PHE   HZ   H N N 311 
PHE   HXT  H N N 312 
PRO   N    N N N 313 
PRO   CA   C N S 314 
PRO   C    C N N 315 
PRO   O    O N N 316 
PRO   CB   C N N 317 
PRO   CG   C N N 318 
PRO   CD   C N N 319 
PRO   OXT  O N N 320 
PRO   H    H N N 321 
PRO   HA   H N N 322 
PRO   HB2  H N N 323 
PRO   HB3  H N N 324 
PRO   HG2  H N N 325 
PRO   HG3  H N N 326 
PRO   HD2  H N N 327 
PRO   HD3  H N N 328 
PRO   HXT  H N N 329 
SER   N    N N N 330 
SER   CA   C N S 331 
SER   C    C N N 332 
SER   O    O N N 333 
SER   CB   C N N 334 
SER   OG   O N N 335 
SER   OXT  O N N 336 
SER   H    H N N 337 
SER   H2   H N N 338 
SER   HA   H N N 339 
SER   HB2  H N N 340 
SER   HB3  H N N 341 
SER   HG   H N N 342 
SER   HXT  H N N 343 
SO4   S    S N N 344 
SO4   O1   O N N 345 
SO4   O2   O N N 346 
SO4   O3   O N N 347 
SO4   O4   O N N 348 
THR   N    N N N 349 
THR   CA   C N S 350 
THR   C    C N N 351 
THR   O    O N N 352 
THR   CB   C N R 353 
THR   OG1  O N N 354 
THR   CG2  C N N 355 
THR   OXT  O N N 356 
THR   H    H N N 357 
THR   H2   H N N 358 
THR   HA   H N N 359 
THR   HB   H N N 360 
THR   HG1  H N N 361 
THR   HG21 H N N 362 
THR   HG22 H N N 363 
THR   HG23 H N N 364 
THR   HXT  H N N 365 
TRP   N    N N N 366 
TRP   CA   C N S 367 
TRP   C    C N N 368 
TRP   O    O N N 369 
TRP   CB   C N N 370 
TRP   CG   C Y N 371 
TRP   CD1  C Y N 372 
TRP   CD2  C Y N 373 
TRP   NE1  N Y N 374 
TRP   CE2  C Y N 375 
TRP   CE3  C Y N 376 
TRP   CZ2  C Y N 377 
TRP   CZ3  C Y N 378 
TRP   CH2  C Y N 379 
TRP   OXT  O N N 380 
TRP   H    H N N 381 
TRP   H2   H N N 382 
TRP   HA   H N N 383 
TRP   HB2  H N N 384 
TRP   HB3  H N N 385 
TRP   HD1  H N N 386 
TRP   HE1  H N N 387 
TRP   HE3  H N N 388 
TRP   HZ2  H N N 389 
TRP   HZ3  H N N 390 
TRP   HH2  H N N 391 
TRP   HXT  H N N 392 
TYR   N    N N N 393 
TYR   CA   C N S 394 
TYR   C    C N N 395 
TYR   O    O N N 396 
TYR   CB   C N N 397 
TYR   CG   C Y N 398 
TYR   CD1  C Y N 399 
TYR   CD2  C Y N 400 
TYR   CE1  C Y N 401 
TYR   CE2  C Y N 402 
TYR   CZ   C Y N 403 
TYR   OH   O N N 404 
TYR   OXT  O N N 405 
TYR   H    H N N 406 
TYR   H2   H N N 407 
TYR   HA   H N N 408 
TYR   HB2  H N N 409 
TYR   HB3  H N N 410 
TYR   HD1  H N N 411 
TYR   HD2  H N N 412 
TYR   HE1  H N N 413 
TYR   HE2  H N N 414 
TYR   HH   H N N 415 
TYR   HXT  H N N 416 
VAL   N    N N N 417 
VAL   CA   C N S 418 
VAL   C    C N N 419 
VAL   O    O N N 420 
VAL   CB   C N N 421 
VAL   CG1  C N N 422 
VAL   CG2  C N N 423 
VAL   OXT  O N N 424 
VAL   H    H N N 425 
VAL   H2   H N N 426 
VAL   HA   H N N 427 
VAL   HB   H N N 428 
VAL   HG11 H N N 429 
VAL   HG12 H N N 430 
VAL   HG13 H N N 431 
VAL   HG21 H N N 432 
VAL   HG22 H N N 433 
VAL   HG23 H N N 434 
VAL   HXT  H N N 435 
# 
loop_
_chem_comp_bond.comp_id 
_chem_comp_bond.atom_id_1 
_chem_comp_bond.atom_id_2 
_chem_comp_bond.value_order 
_chem_comp_bond.pdbx_aromatic_flag 
_chem_comp_bond.pdbx_stereo_config 
_chem_comp_bond.pdbx_ordinal 
A1BE9 C02 C01  sing N N 1   
A1BE9 O03 C02  doub N N 2   
A1BE9 N04 C02  sing N N 3   
A1BE9 C05 N04  sing N N 4   
A1BE9 C06 C05  sing N N 5   
A1BE9 C07 C06  sing N N 6   
A1BE9 C08 C07  sing N N 7   
A1BE9 C09 C08  sing N N 8   
A1BE9 C10 C09  sing N N 9   
A1BE9 C11 C10  doub Y N 10  
A1BE9 C12 C11  sing Y N 11  
A1BE9 C13 C12  doub Y N 12  
A1BE9 C14 C13  sing Y N 13  
A1BE9 C15 C14  doub Y N 14  
A1BE9 N04 C09  sing N N 15  
A1BE9 C06 C15  sing N N 16  
A1BE9 C10 C15  sing Y N 17  
A1BE9 C13 H131 sing N N 18  
A1BE9 C01 H013 sing N N 19  
A1BE9 C01 H011 sing N N 20  
A1BE9 C01 H012 sing N N 21  
A1BE9 C05 H052 sing N N 22  
A1BE9 C05 H051 sing N N 23  
A1BE9 C06 H061 sing N N 24  
A1BE9 C07 H072 sing N N 25  
A1BE9 C07 H071 sing N N 26  
A1BE9 C08 H082 sing N N 27  
A1BE9 C08 H081 sing N N 28  
A1BE9 C09 H091 sing N N 29  
A1BE9 C11 H111 sing N N 30  
A1BE9 C12 H121 sing N N 31  
A1BE9 C14 H141 sing N N 32  
ALA   N   CA   sing N N 33  
ALA   N   H    sing N N 34  
ALA   N   H2   sing N N 35  
ALA   CA  C    sing N N 36  
ALA   CA  CB   sing N N 37  
ALA   CA  HA   sing N N 38  
ALA   C   O    doub N N 39  
ALA   C   OXT  sing N N 40  
ALA   CB  HB1  sing N N 41  
ALA   CB  HB2  sing N N 42  
ALA   CB  HB3  sing N N 43  
ALA   OXT HXT  sing N N 44  
ARG   N   CA   sing N N 45  
ARG   N   H    sing N N 46  
ARG   N   H2   sing N N 47  
ARG   CA  C    sing N N 48  
ARG   CA  CB   sing N N 49  
ARG   CA  HA   sing N N 50  
ARG   C   O    doub N N 51  
ARG   C   OXT  sing N N 52  
ARG   CB  CG   sing N N 53  
ARG   CB  HB2  sing N N 54  
ARG   CB  HB3  sing N N 55  
ARG   CG  CD   sing N N 56  
ARG   CG  HG2  sing N N 57  
ARG   CG  HG3  sing N N 58  
ARG   CD  NE   sing N N 59  
ARG   CD  HD2  sing N N 60  
ARG   CD  HD3  sing N N 61  
ARG   NE  CZ   sing N N 62  
ARG   NE  HE   sing N N 63  
ARG   CZ  NH1  sing N N 64  
ARG   CZ  NH2  doub N N 65  
ARG   NH1 HH11 sing N N 66  
ARG   NH1 HH12 sing N N 67  
ARG   NH2 HH21 sing N N 68  
ARG   NH2 HH22 sing N N 69  
ARG   OXT HXT  sing N N 70  
ASN   N   CA   sing N N 71  
ASN   N   H    sing N N 72  
ASN   N   H2   sing N N 73  
ASN   CA  C    sing N N 74  
ASN   CA  CB   sing N N 75  
ASN   CA  HA   sing N N 76  
ASN   C   O    doub N N 77  
ASN   C   OXT  sing N N 78  
ASN   CB  CG   sing N N 79  
ASN   CB  HB2  sing N N 80  
ASN   CB  HB3  sing N N 81  
ASN   CG  OD1  doub N N 82  
ASN   CG  ND2  sing N N 83  
ASN   ND2 HD21 sing N N 84  
ASN   ND2 HD22 sing N N 85  
ASN   OXT HXT  sing N N 86  
ASP   N   CA   sing N N 87  
ASP   N   H    sing N N 88  
ASP   N   H2   sing N N 89  
ASP   CA  C    sing N N 90  
ASP   CA  CB   sing N N 91  
ASP   CA  HA   sing N N 92  
ASP   C   O    doub N N 93  
ASP   C   OXT  sing N N 94  
ASP   CB  CG   sing N N 95  
ASP   CB  HB2  sing N N 96  
ASP   CB  HB3  sing N N 97  
ASP   CG  OD1  doub N N 98  
ASP   CG  OD2  sing N N 99  
ASP   OD2 HD2  sing N N 100 
ASP   OXT HXT  sing N N 101 
CYS   N   CA   sing N N 102 
CYS   N   H    sing N N 103 
CYS   N   H2   sing N N 104 
CYS   CA  C    sing N N 105 
CYS   CA  CB   sing N N 106 
CYS   CA  HA   sing N N 107 
CYS   C   O    doub N N 108 
CYS   C   OXT  sing N N 109 
CYS   CB  SG   sing N N 110 
CYS   CB  HB2  sing N N 111 
CYS   CB  HB3  sing N N 112 
CYS   SG  HG   sing N N 113 
CYS   OXT HXT  sing N N 114 
EDO   C1  O1   sing N N 115 
EDO   C1  C2   sing N N 116 
EDO   C1  H11  sing N N 117 
EDO   C1  H12  sing N N 118 
EDO   O1  HO1  sing N N 119 
EDO   C2  O2   sing N N 120 
EDO   C2  H21  sing N N 121 
EDO   C2  H22  sing N N 122 
EDO   O2  HO2  sing N N 123 
GLN   N   CA   sing N N 124 
GLN   N   H    sing N N 125 
GLN   N   H2   sing N N 126 
GLN   CA  C    sing N N 127 
GLN   CA  CB   sing N N 128 
GLN   CA  HA   sing N N 129 
GLN   C   O    doub N N 130 
GLN   C   OXT  sing N N 131 
GLN   CB  CG   sing N N 132 
GLN   CB  HB2  sing N N 133 
GLN   CB  HB3  sing N N 134 
GLN   CG  CD   sing N N 135 
GLN   CG  HG2  sing N N 136 
GLN   CG  HG3  sing N N 137 
GLN   CD  OE1  doub N N 138 
GLN   CD  NE2  sing N N 139 
GLN   NE2 HE21 sing N N 140 
GLN   NE2 HE22 sing N N 141 
GLN   OXT HXT  sing N N 142 
GLU   N   CA   sing N N 143 
GLU   N   H    sing N N 144 
GLU   N   H2   sing N N 145 
GLU   CA  C    sing N N 146 
GLU   CA  CB   sing N N 147 
GLU   CA  HA   sing N N 148 
GLU   C   O    doub N N 149 
GLU   C   OXT  sing N N 150 
GLU   CB  CG   sing N N 151 
GLU   CB  HB2  sing N N 152 
GLU   CB  HB3  sing N N 153 
GLU   CG  CD   sing N N 154 
GLU   CG  HG2  sing N N 155 
GLU   CG  HG3  sing N N 156 
GLU   CD  OE1  doub N N 157 
GLU   CD  OE2  sing N N 158 
GLU   OE2 HE2  sing N N 159 
GLU   OXT HXT  sing N N 160 
GLY   N   CA   sing N N 161 
GLY   N   H    sing N N 162 
GLY   N   H2   sing N N 163 
GLY   CA  C    sing N N 164 
GLY   CA  HA2  sing N N 165 
GLY   CA  HA3  sing N N 166 
GLY   C   O    doub N N 167 
GLY   C   OXT  sing N N 168 
GLY   OXT HXT  sing N N 169 
HIS   N   CA   sing N N 170 
HIS   N   H    sing N N 171 
HIS   N   H2   sing N N 172 
HIS   CA  C    sing N N 173 
HIS   CA  CB   sing N N 174 
HIS   CA  HA   sing N N 175 
HIS   C   O    doub N N 176 
HIS   C   OXT  sing N N 177 
HIS   CB  CG   sing N N 178 
HIS   CB  HB2  sing N N 179 
HIS   CB  HB3  sing N N 180 
HIS   CG  ND1  sing Y N 181 
HIS   CG  CD2  doub Y N 182 
HIS   ND1 CE1  doub Y N 183 
HIS   ND1 HD1  sing N N 184 
HIS   CD2 NE2  sing Y N 185 
HIS   CD2 HD2  sing N N 186 
HIS   CE1 NE2  sing Y N 187 
HIS   CE1 HE1  sing N N 188 
HIS   NE2 HE2  sing N N 189 
HIS   OXT HXT  sing N N 190 
HOH   O   H1   sing N N 191 
HOH   O   H2   sing N N 192 
ILE   N   CA   sing N N 193 
ILE   N   H    sing N N 194 
ILE   N   H2   sing N N 195 
ILE   CA  C    sing N N 196 
ILE   CA  CB   sing N N 197 
ILE   CA  HA   sing N N 198 
ILE   C   O    doub N N 199 
ILE   C   OXT  sing N N 200 
ILE   CB  CG1  sing N N 201 
ILE   CB  CG2  sing N N 202 
ILE   CB  HB   sing N N 203 
ILE   CG1 CD1  sing N N 204 
ILE   CG1 HG12 sing N N 205 
ILE   CG1 HG13 sing N N 206 
ILE   CG2 HG21 sing N N 207 
ILE   CG2 HG22 sing N N 208 
ILE   CG2 HG23 sing N N 209 
ILE   CD1 HD11 sing N N 210 
ILE   CD1 HD12 sing N N 211 
ILE   CD1 HD13 sing N N 212 
ILE   OXT HXT  sing N N 213 
LEU   N   CA   sing N N 214 
LEU   N   H    sing N N 215 
LEU   N   H2   sing N N 216 
LEU   CA  C    sing N N 217 
LEU   CA  CB   sing N N 218 
LEU   CA  HA   sing N N 219 
LEU   C   O    doub N N 220 
LEU   C   OXT  sing N N 221 
LEU   CB  CG   sing N N 222 
LEU   CB  HB2  sing N N 223 
LEU   CB  HB3  sing N N 224 
LEU   CG  CD1  sing N N 225 
LEU   CG  CD2  sing N N 226 
LEU   CG  HG   sing N N 227 
LEU   CD1 HD11 sing N N 228 
LEU   CD1 HD12 sing N N 229 
LEU   CD1 HD13 sing N N 230 
LEU   CD2 HD21 sing N N 231 
LEU   CD2 HD22 sing N N 232 
LEU   CD2 HD23 sing N N 233 
LEU   OXT HXT  sing N N 234 
LYS   N   CA   sing N N 235 
LYS   N   H    sing N N 236 
LYS   N   H2   sing N N 237 
LYS   CA  C    sing N N 238 
LYS   CA  CB   sing N N 239 
LYS   CA  HA   sing N N 240 
LYS   C   O    doub N N 241 
LYS   C   OXT  sing N N 242 
LYS   CB  CG   sing N N 243 
LYS   CB  HB2  sing N N 244 
LYS   CB  HB3  sing N N 245 
LYS   CG  CD   sing N N 246 
LYS   CG  HG2  sing N N 247 
LYS   CG  HG3  sing N N 248 
LYS   CD  CE   sing N N 249 
LYS   CD  HD2  sing N N 250 
LYS   CD  HD3  sing N N 251 
LYS   CE  NZ   sing N N 252 
LYS   CE  HE2  sing N N 253 
LYS   CE  HE3  sing N N 254 
LYS   NZ  HZ1  sing N N 255 
LYS   NZ  HZ2  sing N N 256 
LYS   NZ  HZ3  sing N N 257 
LYS   OXT HXT  sing N N 258 
MET   N   CA   sing N N 259 
MET   N   H    sing N N 260 
MET   N   H2   sing N N 261 
MET   CA  C    sing N N 262 
MET   CA  CB   sing N N 263 
MET   CA  HA   sing N N 264 
MET   C   O    doub N N 265 
MET   C   OXT  sing N N 266 
MET   CB  CG   sing N N 267 
MET   CB  HB2  sing N N 268 
MET   CB  HB3  sing N N 269 
MET   CG  SD   sing N N 270 
MET   CG  HG2  sing N N 271 
MET   CG  HG3  sing N N 272 
MET   SD  CE   sing N N 273 
MET   CE  HE1  sing N N 274 
MET   CE  HE2  sing N N 275 
MET   CE  HE3  sing N N 276 
MET   OXT HXT  sing N N 277 
PHE   N   CA   sing N N 278 
PHE   N   H    sing N N 279 
PHE   N   H2   sing N N 280 
PHE   CA  C    sing N N 281 
PHE   CA  CB   sing N N 282 
PHE   CA  HA   sing N N 283 
PHE   C   O    doub N N 284 
PHE   C   OXT  sing N N 285 
PHE   CB  CG   sing N N 286 
PHE   CB  HB2  sing N N 287 
PHE   CB  HB3  sing N N 288 
PHE   CG  CD1  doub Y N 289 
PHE   CG  CD2  sing Y N 290 
PHE   CD1 CE1  sing Y N 291 
PHE   CD1 HD1  sing N N 292 
PHE   CD2 CE2  doub Y N 293 
PHE   CD2 HD2  sing N N 294 
PHE   CE1 CZ   doub Y N 295 
PHE   CE1 HE1  sing N N 296 
PHE   CE2 CZ   sing Y N 297 
PHE   CE2 HE2  sing N N 298 
PHE   CZ  HZ   sing N N 299 
PHE   OXT HXT  sing N N 300 
PRO   N   CA   sing N N 301 
PRO   N   CD   sing N N 302 
PRO   N   H    sing N N 303 
PRO   CA  C    sing N N 304 
PRO   CA  CB   sing N N 305 
PRO   CA  HA   sing N N 306 
PRO   C   O    doub N N 307 
PRO   C   OXT  sing N N 308 
PRO   CB  CG   sing N N 309 
PRO   CB  HB2  sing N N 310 
PRO   CB  HB3  sing N N 311 
PRO   CG  CD   sing N N 312 
PRO   CG  HG2  sing N N 313 
PRO   CG  HG3  sing N N 314 
PRO   CD  HD2  sing N N 315 
PRO   CD  HD3  sing N N 316 
PRO   OXT HXT  sing N N 317 
SER   N   CA   sing N N 318 
SER   N   H    sing N N 319 
SER   N   H2   sing N N 320 
SER   CA  C    sing N N 321 
SER   CA  CB   sing N N 322 
SER   CA  HA   sing N N 323 
SER   C   O    doub N N 324 
SER   C   OXT  sing N N 325 
SER   CB  OG   sing N N 326 
SER   CB  HB2  sing N N 327 
SER   CB  HB3  sing N N 328 
SER   OG  HG   sing N N 329 
SER   OXT HXT  sing N N 330 
SO4   S   O1   doub N N 331 
SO4   S   O2   doub N N 332 
SO4   S   O3   sing N N 333 
SO4   S   O4   sing N N 334 
THR   N   CA   sing N N 335 
THR   N   H    sing N N 336 
THR   N   H2   sing N N 337 
THR   CA  C    sing N N 338 
THR   CA  CB   sing N N 339 
THR   CA  HA   sing N N 340 
THR   C   O    doub N N 341 
THR   C   OXT  sing N N 342 
THR   CB  OG1  sing N N 343 
THR   CB  CG2  sing N N 344 
THR   CB  HB   sing N N 345 
THR   OG1 HG1  sing N N 346 
THR   CG2 HG21 sing N N 347 
THR   CG2 HG22 sing N N 348 
THR   CG2 HG23 sing N N 349 
THR   OXT HXT  sing N N 350 
TRP   N   CA   sing N N 351 
TRP   N   H    sing N N 352 
TRP   N   H2   sing N N 353 
TRP   CA  C    sing N N 354 
TRP   CA  CB   sing N N 355 
TRP   CA  HA   sing N N 356 
TRP   C   O    doub N N 357 
TRP   C   OXT  sing N N 358 
TRP   CB  CG   sing N N 359 
TRP   CB  HB2  sing N N 360 
TRP   CB  HB3  sing N N 361 
TRP   CG  CD1  doub Y N 362 
TRP   CG  CD2  sing Y N 363 
TRP   CD1 NE1  sing Y N 364 
TRP   CD1 HD1  sing N N 365 
TRP   CD2 CE2  doub Y N 366 
TRP   CD2 CE3  sing Y N 367 
TRP   NE1 CE2  sing Y N 368 
TRP   NE1 HE1  sing N N 369 
TRP   CE2 CZ2  sing Y N 370 
TRP   CE3 CZ3  doub Y N 371 
TRP   CE3 HE3  sing N N 372 
TRP   CZ2 CH2  doub Y N 373 
TRP   CZ2 HZ2  sing N N 374 
TRP   CZ3 CH2  sing Y N 375 
TRP   CZ3 HZ3  sing N N 376 
TRP   CH2 HH2  sing N N 377 
TRP   OXT HXT  sing N N 378 
TYR   N   CA   sing N N 379 
TYR   N   H    sing N N 380 
TYR   N   H2   sing N N 381 
TYR   CA  C    sing N N 382 
TYR   CA  CB   sing N N 383 
TYR   CA  HA   sing N N 384 
TYR   C   O    doub N N 385 
TYR   C   OXT  sing N N 386 
TYR   CB  CG   sing N N 387 
TYR   CB  HB2  sing N N 388 
TYR   CB  HB3  sing N N 389 
TYR   CG  CD1  doub Y N 390 
TYR   CG  CD2  sing Y N 391 
TYR   CD1 CE1  sing Y N 392 
TYR   CD1 HD1  sing N N 393 
TYR   CD2 CE2  doub Y N 394 
TYR   CD2 HD2  sing N N 395 
TYR   CE1 CZ   doub Y N 396 
TYR   CE1 HE1  sing N N 397 
TYR   CE2 CZ   sing Y N 398 
TYR   CE2 HE2  sing N N 399 
TYR   CZ  OH   sing N N 400 
TYR   OH  HH   sing N N 401 
TYR   OXT HXT  sing N N 402 
VAL   N   CA   sing N N 403 
VAL   N   H    sing N N 404 
VAL   N   H2   sing N N 405 
VAL   CA  C    sing N N 406 
VAL   CA  CB   sing N N 407 
VAL   CA  HA   sing N N 408 
VAL   C   O    doub N N 409 
VAL   C   OXT  sing N N 410 
VAL   CB  CG1  sing N N 411 
VAL   CB  CG2  sing N N 412 
VAL   CB  HB   sing N N 413 
VAL   CG1 HG11 sing N N 414 
VAL   CG1 HG12 sing N N 415 
VAL   CG1 HG13 sing N N 416 
VAL   CG2 HG21 sing N N 417 
VAL   CG2 HG22 sing N N 418 
VAL   CG2 HG23 sing N N 419 
VAL   OXT HXT  sing N N 420 
# 
_pdbx_audit_support.ordinal                1 
_pdbx_audit_support.funding_organization   'European Union (EU)' 
_pdbx_audit_support.grant_number           875510 
_pdbx_audit_support.country                'European Union' 
# 
_pdbx_deposit_group.group_id            G_1002320 
_pdbx_deposit_group.group_description   
;PRYSPRY domain of murine TRIM21 screened against the DSI-poised Fragment Library by X-ray Crystallography at the XChem facility of Diamon Light Source
;
_pdbx_deposit_group.group_title         'PanDDA analysis group deposition' 
_pdbx_deposit_group.group_type          'changed state' 
# 
_pdbx_initial_refinement_model.id               1 
_pdbx_initial_refinement_model.entity_id_list   ? 
_pdbx_initial_refinement_model.type             'experimental model' 
_pdbx_initial_refinement_model.source_name      PDB 
_pdbx_initial_refinement_model.accession_code   2VOK 
_pdbx_initial_refinement_model.details          ? 
# 
_atom_sites.entry_id                    7HLI 
_atom_sites.fract_transf_matrix[1][1]   -0.00016444 
_atom_sites.fract_transf_matrix[1][2]   -0.01036871 
_atom_sites.fract_transf_matrix[1][3]   0.00121542 
_atom_sites.fract_transf_matrix[2][1]   0.00276716 
_atom_sites.fract_transf_matrix[2][2]   -0.00121538 
_atom_sites.fract_transf_matrix[2][3]   -0.00999401 
_atom_sites.fract_transf_matrix[3][1]   0.02107163 
_atom_sites.fract_transf_matrix[3][2]   0.00034480 
_atom_sites.fract_transf_matrix[3][3]   0.00579243 
_atom_sites.fract_transf_vector[1]      -0.298137 
_atom_sites.fract_transf_vector[2]      -0.117683 
_atom_sites.fract_transf_vector[3]      -0.503794 
# 
loop_
_atom_type.symbol 
C 
N 
O 
S 
# 
loop_
_atom_site.group_PDB 
_atom_site.id 
_atom_site.type_symbol 
_atom_site.label_atom_id 
_atom_site.label_alt_id 
_atom_site.label_comp_id 
_atom_site.label_asym_id 
_atom_site.label_entity_id 
_atom_site.label_seq_id 
_atom_site.pdbx_PDB_ins_code 
_atom_site.Cartn_x 
_atom_site.Cartn_y 
_atom_site.Cartn_z 
_atom_site.occupancy 
_atom_site.B_iso_or_equiv 
_atom_site.pdbx_formal_charge 
_atom_site.auth_seq_id 
_atom_site.auth_comp_id 
_atom_site.auth_asym_id 
_atom_site.auth_atom_id 
_atom_site.pdbx_PDB_model_num 
ATOM   1    N N   . HIS   A 1 2   ? 11.831  -14.396 7.223   1.00 124.36 ? 8   HIS   B N   1 
ATOM   2    C CA  . HIS   A 1 2   ? 10.400  -14.828 7.145   1.00 119.39 ? 8   HIS   B CA  1 
ATOM   3    C C   . HIS   A 1 2   ? 10.276  -16.083 6.270   1.00 124.70 ? 8   HIS   B C   1 
ATOM   4    O O   . HIS   A 1 2   ? 11.109  -16.255 5.350   1.00 124.03 ? 8   HIS   B O   1 
ATOM   5    C CB  . HIS   A 1 2   ? 9.519   -13.682 6.621   1.00 109.35 ? 8   HIS   B CB  1 
ATOM   6    C CG  . HIS   A 1 2   ? 9.479   -13.576 5.132   1.00 100.88 ? 8   HIS   B CG  1 
ATOM   7    N ND1 . HIS   A 1 2   ? 8.302   -13.683 4.419   1.00 96.41  ? 8   HIS   B ND1 1 
ATOM   8    C CD2 . HIS   A 1 2   ? 10.459  -13.392 4.220   1.00 98.80  ? 8   HIS   B CD2 1 
ATOM   9    C CE1 . HIS   A 1 2   ? 8.559   -13.563 3.133   1.00 95.49  ? 8   HIS   B CE1 1 
ATOM   10   N NE2 . HIS   A 1 2   ? 9.874   -13.384 2.984   1.00 93.98  ? 8   HIS   B NE2 1 
ATOM   11   N N   . HIS   A 1 3   ? 9.262   -16.911 6.549   1.00 128.92 ? 9   HIS   B N   1 
ATOM   12   C CA  . HIS   A 1 3   ? 8.851   -18.096 5.744   1.00 126.43 ? 9   HIS   B CA  1 
ATOM   13   C C   . HIS   A 1 3   ? 7.357   -17.971 5.379   1.00 116.07 ? 9   HIS   B C   1 
ATOM   14   O O   . HIS   A 1 3   ? 6.650   -19.003 5.433   1.00 106.53 ? 9   HIS   B O   1 
ATOM   15   C CB  . HIS   A 1 3   ? 9.195   -19.397 6.504   1.00 129.04 ? 9   HIS   B CB  1 
ATOM   16   C CG  . HIS   A 1 3   ? 10.621  -19.523 6.950   1.00 128.70 ? 9   HIS   B CG  1 
ATOM   17   N ND1 . HIS   A 1 3   ? 11.678  -19.641 6.058   1.00 123.99 ? 9   HIS   B ND1 1 
ATOM   18   C CD2 . HIS   A 1 3   ? 11.169  -19.590 8.185   1.00 127.36 ? 9   HIS   B CD2 1 
ATOM   19   C CE1 . HIS   A 1 3   ? 12.810  -19.752 6.727   1.00 119.37 ? 9   HIS   B CE1 1 
ATOM   20   N NE2 . HIS   A 1 3   ? 12.525  -19.726 8.033   1.00 122.64 ? 9   HIS   B NE2 1 
ATOM   21   N N   . HIS   A 1 4   ? 6.910   -16.759 4.994   1.00 104.74 ? 10  HIS   B N   1 
ATOM   22   C CA  . HIS   A 1 4   ? 5.483   -16.351 4.810   1.00 91.88  ? 10  HIS   B CA  1 
ATOM   23   C C   . HIS   A 1 4   ? 5.042   -16.462 3.345   1.00 89.72  ? 10  HIS   B C   1 
ATOM   24   O O   . HIS   A 1 4   ? 3.817   -16.343 3.104   1.00 76.56  ? 10  HIS   B O   1 
ATOM   25   C CB  . HIS   A 1 4   ? 5.250   -14.922 5.322   1.00 81.54  ? 10  HIS   B CB  1 
ATOM   26   C CG  . HIS   A 1 4   ? 5.376   -14.800 6.802   1.00 79.16  ? 10  HIS   B CG  1 
ATOM   27   N ND1 . HIS   A 1 4   ? 4.957   -15.798 7.663   1.00 78.30  ? 10  HIS   B ND1 1 
ATOM   28   C CD2 . HIS   A 1 4   ? 5.852   -13.806 7.579   1.00 74.70  ? 10  HIS   B CD2 1 
ATOM   29   C CE1 . HIS   A 1 4   ? 5.186   -15.432 8.908   1.00 78.53  ? 10  HIS   B CE1 1 
ATOM   30   N NE2 . HIS   A 1 4   ? 5.726   -14.210 8.884   1.00 80.82  ? 10  HIS   B NE2 1 
ATOM   31   N N   . HIS   A 1 5   ? 5.994   -16.699 2.430   1.00 92.62  ? 11  HIS   B N   1 
ATOM   32   C CA  . HIS   A 1 5   ? 5.805   -16.838 0.956   1.00 94.54  ? 11  HIS   B CA  1 
ATOM   33   C C   . HIS   A 1 5   ? 4.586   -17.716 0.618   1.00 94.94  ? 11  HIS   B C   1 
ATOM   34   O O   . HIS   A 1 5   ? 3.918   -17.411 -0.394  1.00 91.64  ? 11  HIS   B O   1 
ATOM   35   C CB  . HIS   A 1 5   ? 7.065   -17.420 0.283   1.00 97.37  ? 11  HIS   B CB  1 
ATOM   36   C CG  . HIS   A 1 5   ? 8.361   -16.773 0.656   1.00 102.81 ? 11  HIS   B CG  1 
ATOM   37   N ND1 . HIS   A 1 5   ? 9.439   -17.502 1.140   1.00 104.45 ? 11  HIS   B ND1 1 
ATOM   38   C CD2 . HIS   A 1 5   ? 8.772   -15.486 0.604   1.00 102.99 ? 11  HIS   B CD2 1 
ATOM   39   C CE1 . HIS   A 1 5   ? 10.450  -16.688 1.378   1.00 106.29 ? 11  HIS   B CE1 1 
ATOM   40   N NE2 . HIS   A 1 5   ? 10.066  -15.445 1.059   1.00 105.71 ? 11  HIS   B NE2 1 
ATOM   41   N N   . HIS   A 1 6   ? 4.307   -18.757 1.422   1.00 90.61  ? 12  HIS   B N   1 
ATOM   42   C CA  . HIS   A 1 6   ? 3.349   -19.864 1.125   1.00 84.08  ? 12  HIS   B CA  1 
ATOM   43   C C   . HIS   A 1 6   ? 1.897   -19.523 1.514   1.00 73.64  ? 12  HIS   B C   1 
ATOM   44   O O   . HIS   A 1 6   ? 1.045   -20.434 1.384   1.00 73.78  ? 12  HIS   B O   1 
ATOM   45   C CB  . HIS   A 1 6   ? 3.810   -21.171 1.794   1.00 90.38  ? 12  HIS   B CB  1 
ATOM   46   C CG  . HIS   A 1 6   ? 3.764   -21.152 3.285   1.00 92.35  ? 12  HIS   B CG  1 
ATOM   47   N ND1 . HIS   A 1 6   ? 2.603   -21.411 3.996   1.00 91.13  ? 12  HIS   B ND1 1 
ATOM   48   C CD2 . HIS   A 1 6   ? 4.728   -20.918 4.202   1.00 90.38  ? 12  HIS   B CD2 1 
ATOM   49   C CE1 . HIS   A 1 6   ? 2.855   -21.329 5.286   1.00 88.77  ? 12  HIS   B CE1 1 
ATOM   50   N NE2 . HIS   A 1 6   ? 4.151   -21.024 5.439   1.00 94.98  ? 12  HIS   B NE2 1 
ATOM   51   N N   . HIS   A 1 7   ? 1.618   -18.291 1.976   1.00 60.59  ? 13  HIS   B N   1 
ATOM   52   C CA  . HIS   A 1 7   ? 0.250   -17.700 2.100   1.00 47.93  ? 13  HIS   B CA  1 
ATOM   53   C C   . HIS   A 1 7   ? 0.054   -16.657 0.999   1.00 42.81  ? 13  HIS   B C   1 
ATOM   54   O O   . HIS   A 1 7   ? -0.725  -15.686 1.220   1.00 30.03  ? 13  HIS   B O   1 
ATOM   55   C CB  . HIS   A 1 7   ? 0.053   -17.059 3.480   1.00 46.97  ? 13  HIS   B CB  1 
ATOM   56   C CG  . HIS   A 1 7   ? 0.229   -18.024 4.603   1.00 51.00  ? 13  HIS   B CG  1 
ATOM   57   N ND1 . HIS   A 1 7   ? -0.678  -19.048 4.839   1.00 50.20  ? 13  HIS   B ND1 1 
ATOM   58   C CD2 . HIS   A 1 7   ? 1.197   -18.137 5.541   1.00 53.05  ? 13  HIS   B CD2 1 
ATOM   59   C CE1 . HIS   A 1 7   ? -0.287  -19.747 5.886   1.00 52.09  ? 13  HIS   B CE1 1 
ATOM   60   N NE2 . HIS   A 1 7   ? 0.868   -19.214 6.335   1.00 58.39  ? 13  HIS   B NE2 1 
ATOM   61   N N   . MET   A 1 8   ? 0.788   -16.817 -0.110  1.00 41.71  ? 14  MET   B N   1 
ATOM   62   C CA  . MET   A 1 8   ? 0.843   -15.853 -1.248  1.00 46.27  ? 14  MET   B CA  1 
ATOM   63   C C   . MET   A 1 8   ? -0.571  -15.737 -1.837  1.00 42.79  ? 14  MET   B C   1 
ATOM   64   O O   . MET   A 1 8   ? -1.248  -16.762 -1.991  1.00 44.89  ? 14  MET   B O   1 
ATOM   65   C CB  . MET   A 1 8   ? 1.868   -16.302 -2.308  1.00 53.01  ? 14  MET   B CB  1 
ATOM   66   C CG  . MET   A 1 8   ? 2.049   -15.368 -3.541  1.00 61.92  ? 14  MET   B CG  1 
ATOM   67   S SD  . MET   A 1 8   ? 2.880   -13.735 -3.282  1.00 73.42  ? 14  MET   B SD  1 
ATOM   68   C CE  . MET   A 1 8   ? 4.502   -13.958 -4.015  1.00 67.55  ? 14  MET   B CE  1 
ATOM   69   N N   . VAL   A 1 9   ? -1.031  -14.511 -2.092  1.00 35.22  ? 15  VAL   B N   1 
ATOM   70   C CA  . VAL   A 1 9   ? -2.359  -14.243 -2.708  1.00 32.86  ? 15  VAL   B CA  1 
ATOM   71   C C   . VAL   A 1 9   ? -2.125  -13.395 -3.977  1.00 36.17  ? 15  VAL   B C   1 
ATOM   72   O O   . VAL   A 1 9   ? -1.151  -12.573 -3.995  1.00 32.95  ? 15  VAL   B O   1 
ATOM   73   C CB  . VAL   A 1 9   ? -3.323  -13.603 -1.689  1.00 37.62  ? 15  VAL   B CB  1 
ATOM   74   C CG1 . VAL   A 1 9   ? -3.632  -14.571 -0.552  1.00 38.10  ? 15  VAL   B CG1 1 
ATOM   75   C CG2 . VAL   A 1 9   ? -2.802  -12.302 -1.113  1.00 35.73  ? 15  VAL   B CG2 1 
ATOM   76   N N   . HIS   A 1 10  ? -2.942  -13.610 -5.016  1.00 35.13  ? 16  HIS   B N   1 
ATOM   77   C CA  . HIS   A 1 10  ? -2.844  -12.884 -6.307  1.00 31.96  ? 16  HIS   B CA  1 
ATOM   78   C C   . HIS   A 1 10  ? -3.642  -11.577 -6.192  1.00 28.59  ? 16  HIS   B C   1 
ATOM   79   O O   . HIS   A 1 10  ? -4.887  -11.592 -6.289  1.00 32.19  ? 16  HIS   B O   1 
ATOM   80   C CB  . HIS   A 1 10  ? -3.331  -13.746 -7.474  1.00 33.67  ? 16  HIS   B CB  1 
ATOM   81   C CG  . HIS   A 1 10  ? -3.204  -13.109 -8.825  1.00 36.27  ? 16  HIS   B CG  1 
ATOM   82   N ND1 . HIS   A 1 10  ? -1.995  -13.031 -9.499  1.00 39.35  ? 16  HIS   B ND1 1 
ATOM   83   C CD2 . HIS   A 1 10  ? -4.126  -12.526 -9.643  1.00 42.46  ? 16  HIS   B CD2 1 
ATOM   84   C CE1 . HIS   A 1 10  ? -2.161  -12.415 -10.667 1.00 38.03  ? 16  HIS   B CE1 1 
ATOM   85   N NE2 . HIS   A 1 10  ? -3.476  -12.100 -10.792 1.00 42.15  ? 16  HIS   B NE2 1 
ATOM   86   N N   . ILE   A 1 11  ? -2.957  -10.467 -5.946  1.00 24.05  ? 17  ILE   B N   1 
ATOM   87   C CA  . ILE   A 1 11  ? -3.635  -9.161  -5.780  1.00 23.07  ? 17  ILE   B CA  1 
ATOM   88   C C   . ILE   A 1 11  ? -3.755  -8.488  -7.157  1.00 23.61  ? 17  ILE   B C   1 
ATOM   89   O O   . ILE   A 1 11  ? -2.863  -8.624  -7.966  1.00 22.59  ? 17  ILE   B O   1 
ATOM   90   C CB  . ILE   A 1 11  ? -2.847  -8.290  -4.783  1.00 23.71  ? 17  ILE   B CB  1 
ATOM   91   C CG1 . ILE   A 1 11  ? -2.732  -8.987  -3.423  1.00 24.94  ? 17  ILE   B CG1 1 
ATOM   92   C CG2 . ILE   A 1 11  ? -3.464  -6.903  -4.699  1.00 22.90  ? 17  ILE   B CG2 1 
ATOM   93   C CD1 . ILE   A 1 11  ? -4.057  -9.430  -2.792  1.00 23.70  ? 17  ILE   B CD1 1 
ATOM   94   N N   . THR   A 1 12  ? -4.895  -7.874  -7.385  1.00 21.47  ? 18  THR   B N   1 
ATOM   95   C CA  . THR   A 1 12  ? -5.135  -6.999  -8.557  1.00 22.20  ? 18  THR   B CA  1 
ATOM   96   C C   . THR   A 1 12  ? -5.695  -5.671  -8.064  1.00 22.06  ? 18  THR   B C   1 
ATOM   97   O O   . THR   A 1 12  ? -6.326  -5.615  -6.982  1.00 22.18  ? 18  THR   B O   1 
ATOM   98   C CB  . THR   A 1 12  ? -6.062  -7.675  -9.577  1.00 25.07  ? 18  THR   B CB  1 
ATOM   99   O OG1 . THR   A 1 12  ? -7.310  -7.937  -8.957  1.00 23.49  ? 18  THR   B OG1 1 
ATOM   100  C CG2 . THR   A 1 12  ? -5.465  -8.923  -10.199 1.00 28.21  ? 18  THR   B CG2 1 
ATOM   101  N N   . LEU   A 1 13  ? -5.502  -4.614  -8.862  1.00 18.54  ? 19  LEU   B N   1 
ATOM   102  C CA  . LEU   A 1 13  ? -5.942  -3.269  -8.480  1.00 19.18  ? 19  LEU   B CA  1 
ATOM   103  C C   . LEU   A 1 13  ? -7.376  -3.013  -8.936  1.00 18.58  ? 19  LEU   B C   1 
ATOM   104  O O   . LEU   A 1 13  ? -7.778  -3.471  -10.030 1.00 20.87  ? 19  LEU   B O   1 
ATOM   105  C CB  . LEU   A 1 13  ? -4.960  -2.268  -9.078  1.00 18.86  ? 19  LEU   B CB  1 
ATOM   106  C CG  . LEU   A 1 13  ? -3.515  -2.486  -8.635  1.00 19.00  ? 19  LEU   B CG  1 
ATOM   107  C CD1 . LEU   A 1 13  ? -2.563  -1.628  -9.436  1.00 21.70  ? 19  LEU   B CD1 1 
ATOM   108  C CD2 . LEU   A 1 13  ? -3.365  -2.177  -7.131  1.00 21.09  ? 19  LEU   B CD2 1 
ATOM   109  N N   . ASP   A 1 14  ? -8.107  -2.275  -8.150  1.00 18.88  ? 20  ASP   B N   1 
ATOM   110  C CA  . ASP   A 1 14  ? -9.529  -1.952  -8.409  1.00 18.77  ? 20  ASP   B CA  1 
ATOM   111  C C   . ASP   A 1 14  ? -9.588  -0.521  -9.008  1.00 19.25  ? 20  ASP   B C   1 
ATOM   112  O O   . ASP   A 1 14  ? -9.517  0.467   -8.262  1.00 17.66  ? 20  ASP   B O   1 
ATOM   113  C CB  . ASP   A 1 14  ? -10.378 -2.078  -7.133  1.00 20.65  ? 20  ASP   B CB  1 
ATOM   114  C CG  . ASP   A 1 14  ? -11.863 -1.844  -7.303  1.00 27.20  ? 20  ASP   B CG  1 
ATOM   115  O OD1 . ASP   A 1 14  ? -12.254 -1.274  -8.329  1.00 25.48  ? 20  ASP   B OD1 1 
ATOM   116  O OD2 . ASP   A 1 14  ? -12.614 -2.189  -6.356  1.00 26.13  ? 20  ASP   B OD2 1 
ATOM   117  N N   A ARG   A 1 15  ? -9.732  -0.443  -10.338 0.25 19.73  ? 21  ARG   B N   1 
ATOM   118  N N   B ARG   A 1 15  ? -9.753  -0.426  -10.331 0.25 20.36  ? 21  ARG   B N   1 
ATOM   119  C CA  A ARG   A 1 15  ? -9.799  0.823   -11.121 0.25 21.74  ? 21  ARG   B CA  1 
ATOM   120  C CA  B ARG   A 1 15  ? -9.738  0.860   -11.083 0.25 22.57  ? 21  ARG   B CA  1 
ATOM   121  C C   A ARG   A 1 15  ? -10.796 1.805   -10.503 0.25 20.65  ? 21  ARG   B C   1 
ATOM   122  C C   B ARG   A 1 15  ? -10.852 1.809   -10.614 0.25 20.78  ? 21  ARG   B C   1 
ATOM   123  O O   A ARG   A 1 15  ? -10.532 3.044   -10.559 0.25 21.28  ? 21  ARG   B O   1 
ATOM   124  O O   B ARG   A 1 15  ? -10.763 3.033   -10.948 0.25 18.81  ? 21  ARG   B O   1 
ATOM   125  C CB  A ARG   A 1 15  ? -10.283 0.554   -12.551 0.25 22.83  ? 21  ARG   B CB  1 
ATOM   126  C CB  B ARG   A 1 15  ? -9.955  0.616   -12.581 0.25 25.09  ? 21  ARG   B CB  1 
ATOM   127  C CG  A ARG   A 1 15  ? -9.526  -0.550  -13.270 0.25 24.30  ? 21  ARG   B CG  1 
ATOM   128  C CG  B ARG   A 1 15  ? -8.764  0.027   -13.317 0.25 28.09  ? 21  ARG   B CG  1 
ATOM   129  C CD  A ARG   A 1 15  ? -9.902  -0.703  -14.739 0.25 24.63  ? 21  ARG   B CD  1 
ATOM   130  C CD  B ARG   A 1 15  ? -8.819  -1.485  -13.472 0.25 31.46  ? 21  ARG   B CD  1 
ATOM   131  N NE  A ARG   A 1 15  ? -8.790  -1.301  -15.464 0.25 24.01  ? 21  ARG   B NE  1 
ATOM   132  N NE  B ARG   A 1 15  ? -9.885  -1.968  -14.353 0.25 34.17  ? 21  ARG   B NE  1 
ATOM   133  C CZ  A ARG   A 1 15  ? -7.741  -0.607  -15.881 0.25 23.38  ? 21  ARG   B CZ  1 
ATOM   134  C CZ  B ARG   A 1 15  ? -10.968 -2.620  -13.939 0.25 36.29  ? 21  ARG   B CZ  1 
ATOM   135  N NH1 A ARG   A 1 15  ? -7.706  0.690   -15.666 0.25 23.50  ? 21  ARG   B NH1 1 
ATOM   136  N NH1 B ARG   A 1 15  ? -11.148 -2.870  -12.648 0.25 38.56  ? 21  ARG   B NH1 1 
ATOM   137  N NH2 A ARG   A 1 15  ? -6.749  -1.196  -16.521 0.25 23.99  ? 21  ARG   B NH2 1 
ATOM   138  N NH2 B ARG   A 1 15  ? -11.863 -3.022  -14.821 0.25 38.22  ? 21  ARG   B NH2 1 
ATOM   139  N N   . ASN   A 1 16  ? -11.912 1.289   -9.973  1.00 21.06  ? 22  ASN   B N   1 
ATOM   140  C CA  . ASN   A 1 16  ? -13.032 2.144   -9.523  1.00 21.69  ? 22  ASN   B CA  1 
ATOM   141  C C   . ASN   A 1 16  ? -12.638 2.949   -8.275  1.00 18.63  ? 22  ASN   B C   1 
ATOM   142  O O   . ASN   A 1 16  ? -13.220 4.007   -8.053  1.00 19.69  ? 22  ASN   B O   1 
ATOM   143  C CB  . ASN   A 1 16  ? -14.315 1.334   -9.360  1.00 25.03  ? 22  ASN   B CB  1 
ATOM   144  C CG  . ASN   A 1 16  ? -14.939 1.014   -10.703 1.00 32.74  ? 22  ASN   B CG  1 
ATOM   145  O OD1 . ASN   A 1 16  ? -14.564 1.580   -11.732 1.00 42.44  ? 22  ASN   B OD1 1 
ATOM   146  N ND2 . ASN   A 1 16  ? -15.905 0.116   -10.702 1.00 41.01  ? 22  ASN   B ND2 1 
ATOM   147  N N   . THR   A 1 17  ? -11.622 2.485   -7.528  1.00 17.14  ? 23  THR   B N   1 
ATOM   148  C CA  . THR   A 1 17  ? -11.176 3.132   -6.282  1.00 17.12  ? 23  THR   B CA  1 
ATOM   149  C C   . THR   A 1 17  ? -10.051 4.134   -6.580  1.00 15.52  ? 23  THR   B C   1 
ATOM   150  O O   . THR   A 1 17  ? -9.676  4.916   -5.694  1.00 16.92  ? 23  THR   B O   1 
ATOM   151  C CB  . THR   A 1 17  ? -10.671 2.143   -5.221  1.00 17.09  ? 23  THR   B CB  1 
ATOM   152  O OG1 . THR   A 1 17  ? -9.458  1.543   -5.684  1.00 16.24  ? 23  THR   B OG1 1 
ATOM   153  C CG2 . THR   A 1 17  ? -11.729 1.125   -4.856  1.00 17.99  ? 23  THR   B CG2 1 
ATOM   154  N N   . ALA   A 1 18  ? -9.494  4.081   -7.774  1.00 15.58  ? 24  ALA   B N   1 
ATOM   155  C CA  . ALA   A 1 18  ? -8.280  4.869   -8.086  1.00 14.48  ? 24  ALA   B CA  1 
ATOM   156  C C   . ALA   A 1 18  ? -8.585  6.365   -8.179  1.00 15.85  ? 24  ALA   B C   1 
ATOM   157  O O   . ALA   A 1 18  ? -9.575  6.779   -8.806  1.00 16.85  ? 24  ALA   B O   1 
ATOM   158  C CB  . ALA   A 1 18  ? -7.702  4.409   -9.386  1.00 16.18  ? 24  ALA   B CB  1 
ATOM   159  N N   . ASN   A 1 19  ? -7.675  7.162   -7.647  1.00 15.95  ? 25  ASN   B N   1 
ATOM   160  C CA  . ASN   A 1 19  ? -7.573  8.578   -8.023  1.00 15.48  ? 25  ASN   B CA  1 
ATOM   161  C C   . ASN   A 1 19  ? -7.636  8.674   -9.545  1.00 14.40  ? 25  ASN   B C   1 
ATOM   162  O O   . ASN   A 1 19  ? -7.024  7.912   -10.265 1.00 15.68  ? 25  ASN   B O   1 
ATOM   163  C CB  . ASN   A 1 19  ? -6.338  9.173   -7.393  1.00 15.26  ? 25  ASN   B CB  1 
ATOM   164  C CG  . ASN   A 1 19  ? -6.175  10.605  -7.802  1.00 18.10  ? 25  ASN   B CG  1 
ATOM   165  O OD1 . ASN   A 1 19  ? -5.564  10.864  -8.814  1.00 17.64  ? 25  ASN   B OD1 1 
ATOM   166  N ND2 . ASN   A 1 19  ? -6.704  11.485  -7.005  1.00 19.56  ? 25  ASN   B ND2 1 
ATOM   167  N N   . SER   A 1 20  ? -8.269  9.736   -10.014 1.00 15.45  ? 26  SER   B N   1 
ATOM   168  C CA  . SER   A 1 20  ? -8.564  9.908   -11.443 1.00 16.51  ? 26  SER   B CA  1 
ATOM   169  C C   . SER   A 1 20  ? -7.327  10.232  -12.279 1.00 16.69  ? 26  SER   B C   1 
ATOM   170  O O   . SER   A 1 20  ? -7.488  10.147  -13.506 1.00 17.35  ? 26  SER   B O   1 
ATOM   171  C CB  . SER   A 1 20  ? -9.631  10.954  -11.621 1.00 19.62  ? 26  SER   B CB  1 
ATOM   172  O OG  . SER   A 1 20  ? -9.126  12.181  -11.173 1.00 24.51  ? 26  SER   B OG  1 
ATOM   173  N N   . TRP   A 1 21  ? -6.160  10.512  -11.706 1.00 16.01  ? 27  TRP   B N   1 
ATOM   174  C CA  . TRP   A 1 21  ? -4.918  10.720  -12.465 1.00 16.65  ? 27  TRP   B CA  1 
ATOM   175  C C   . TRP   A 1 21  ? -4.140  9.422   -12.590 1.00 15.86  ? 27  TRP   B C   1 
ATOM   176  O O   . TRP   A 1 21  ? -3.120  9.406   -13.322 1.00 15.70  ? 27  TRP   B O   1 
ATOM   177  C CB  . TRP   A 1 21  ? -4.058  11.746  -11.761 1.00 17.20  ? 27  TRP   B CB  1 
ATOM   178  C CG  . TRP   A 1 21  ? -4.569  13.144  -11.916 1.00 18.98  ? 27  TRP   B CG  1 
ATOM   179  C CD1 . TRP   A 1 21  ? -5.820  13.596  -11.582 1.00 20.93  ? 27  TRP   B CD1 1 
ATOM   180  C CD2 . TRP   A 1 21  ? -3.815  14.287  -12.350 1.00 20.42  ? 27  TRP   B CD2 1 
ATOM   181  N NE1 . TRP   A 1 21  ? -5.914  14.943  -11.867 1.00 25.82  ? 27  TRP   B NE1 1 
ATOM   182  C CE2 . TRP   A 1 21  ? -4.685  15.400  -12.252 1.00 22.25  ? 27  TRP   B CE2 1 
ATOM   183  C CE3 . TRP   A 1 21  ? -2.497  14.467  -12.774 1.00 21.64  ? 27  TRP   B CE3 1 
ATOM   184  C CZ2 . TRP   A 1 21  ? -4.270  16.687  -12.639 1.00 25.00  ? 27  TRP   B CZ2 1 
ATOM   185  C CZ3 . TRP   A 1 21  ? -2.083  15.740  -13.119 1.00 20.75  ? 27  TRP   B CZ3 1 
ATOM   186  C CH2 . TRP   A 1 21  ? -2.951  16.827  -13.008 1.00 23.47  ? 27  TRP   B CH2 1 
ATOM   187  N N   . LEU   A 1 22  ? -4.597  8.306   -11.996 1.00 15.90  ? 28  LEU   B N   1 
ATOM   188  C CA  . LEU   A 1 22  ? -3.785  7.072   -12.055 1.00 16.13  ? 28  LEU   B CA  1 
ATOM   189  C C   . LEU   A 1 22  ? -4.053  6.298   -13.351 1.00 17.02  ? 28  LEU   B C   1 
ATOM   190  O O   . LEU   A 1 22  ? -5.220  6.286   -13.856 1.00 16.83  ? 28  LEU   B O   1 
ATOM   191  C CB  . LEU   A 1 22  ? -4.083  6.163   -10.857 1.00 14.48  ? 28  LEU   B CB  1 
ATOM   192  C CG  . LEU   A 1 22  ? -3.704  6.741   -9.498  1.00 15.88  ? 28  LEU   B CG  1 
ATOM   193  C CD1 . LEU   A 1 22  ? -3.923  5.742   -8.380  1.00 15.77  ? 28  LEU   B CD1 1 
ATOM   194  C CD2 . LEU   A 1 22  ? -2.281  7.183   -9.472  1.00 16.10  ? 28  LEU   B CD2 1 
ATOM   195  N N   . ILE   A 1 23  ? -3.021  5.578   -13.790 1.00 16.06  ? 29  ILE   B N   1 
ATOM   196  C CA  . ILE   A 1 23  ? -3.097  4.683   -14.974 1.00 16.46  ? 29  ILE   B CA  1 
ATOM   197  C C   . ILE   A 1 23  ? -2.766  3.284   -14.477 1.00 16.10  ? 29  ILE   B C   1 
ATOM   198  O O   . ILE   A 1 23  ? -1.612  3.061   -14.005 1.00 16.22  ? 29  ILE   B O   1 
ATOM   199  C CB  . ILE   A 1 23  ? -2.148  5.121   -16.086 1.00 17.85  ? 29  ILE   B CB  1 
ATOM   200  C CG1 . ILE   A 1 23  ? -2.408  6.570   -16.551 1.00 19.06  ? 29  ILE   B CG1 1 
ATOM   201  C CG2 . ILE   A 1 23  ? -2.199  4.118   -17.258 1.00 19.39  ? 29  ILE   B CG2 1 
ATOM   202  C CD1 . ILE   A 1 23  ? -1.464  7.088   -17.575 1.00 22.72  ? 29  ILE   B CD1 1 
ATOM   203  N N   . ILE   A 1 24  ? -3.750  2.403   -14.562 1.00 17.72  ? 30  ILE   B N   1 
ATOM   204  C CA  . ILE   A 1 24  ? -3.624  0.981   -14.160 1.00 18.80  ? 30  ILE   B CA  1 
ATOM   205  C C   . ILE   A 1 24  ? -3.433  0.159   -15.429 1.00 19.80  ? 30  ILE   B C   1 
ATOM   206  O O   . ILE   A 1 24  ? -4.211  0.316   -16.398 1.00 21.06  ? 30  ILE   B O   1 
ATOM   207  C CB  . ILE   A 1 24  ? -4.804  0.535   -13.299 1.00 18.96  ? 30  ILE   B CB  1 
ATOM   208  C CG1 . ILE   A 1 24  ? -4.776  1.237   -11.935 1.00 21.46  ? 30  ILE   B CG1 1 
ATOM   209  C CG2 . ILE   A 1 24  ? -4.792  -0.961  -13.102 1.00 18.30  ? 30  ILE   B CG2 1 
ATOM   210  C CD1 . ILE   A 1 24  ? -6.052  1.307   -11.299 1.00 25.33  ? 30  ILE   B CD1 1 
ATOM   211  N N   . SER   A 1 25  ? -2.474  -0.751  -15.399 1.00 19.41  ? 31  SER   B N   1 
ATOM   212  C CA  . SER   A 1 25  ? -2.176  -1.595  -16.575 1.00 18.80  ? 31  SER   B CA  1 
ATOM   213  C C   . SER   A 1 25  ? -3.346  -2.547  -16.881 1.00 20.96  ? 31  SER   B C   1 
ATOM   214  O O   . SER   A 1 25  ? -4.206  -2.812  -16.043 1.00 21.00  ? 31  SER   B O   1 
ATOM   215  C CB  . SER   A 1 25  ? -0.905  -2.336  -16.295 1.00 20.88  ? 31  SER   B CB  1 
ATOM   216  O OG  . SER   A 1 25  ? -1.086  -3.209  -15.183 1.00 21.33  ? 31  SER   B OG  1 
ATOM   217  N N   . LYS   A 1 26  ? -3.348  -3.093  -18.111 1.00 23.16  ? 32  LYS   B N   1 
ATOM   218  C CA  . LYS   A 1 26  ? -4.392  -4.036  -18.572 1.00 24.68  ? 32  LYS   B CA  1 
ATOM   219  C C   . LYS   A 1 26  ? -4.548  -5.221  -17.615 1.00 22.35  ? 32  LYS   B C   1 
ATOM   220  O O   . LYS   A 1 26  ? -5.691  -5.605  -17.371 1.00 25.24  ? 32  LYS   B O   1 
ATOM   221  C CB  . LYS   A 1 26  ? -3.982  -4.539  -19.960 1.00 29.17  ? 32  LYS   B CB  1 
ATOM   222  C CG  . LYS   A 1 26  ? -4.976  -5.510  -20.557 1.00 36.66  ? 32  LYS   B CG  1 
ATOM   223  C CD  . LYS   A 1 26  ? -4.796  -5.628  -22.038 1.00 35.57  ? 32  LYS   B CD  1 
ATOM   224  C CE  . LYS   A 1 26  ? -3.423  -6.112  -22.429 1.00 41.23  ? 32  LYS   B CE  1 
ATOM   225  N NZ  . LYS   A 1 26  ? -3.290  -6.010  -23.892 1.00 45.17  ? 32  LYS   B NZ  1 
ATOM   226  N N   . ASP   A 1 27  ? -3.432  -5.751  -17.115 1.00 24.61  ? 33  ASP   B N   1 
ATOM   227  C CA  . ASP   A 1 27  ? -3.429  -6.933  -16.212 1.00 22.64  ? 33  ASP   B CA  1 
ATOM   228  C C   . ASP   A 1 27  ? -3.815  -6.531  -14.769 1.00 21.31  ? 33  ASP   B C   1 
ATOM   229  O O   . ASP   A 1 27  ? -3.904  -7.427  -13.939 1.00 21.23  ? 33  ASP   B O   1 
ATOM   230  C CB  . ASP   A 1 27  ? -2.101  -7.678  -16.310 1.00 25.99  ? 33  ASP   B CB  1 
ATOM   231  C CG  . ASP   A 1 27  ? -0.886  -6.983  -15.730 1.00 26.33  ? 33  ASP   B CG  1 
ATOM   232  O OD1 . ASP   A 1 27  ? -1.018  -5.827  -15.232 1.00 25.54  ? 33  ASP   B OD1 1 
ATOM   233  O OD2 . ASP   A 1 27  ? 0.208   -7.597  -15.800 1.00 29.49  ? 33  ASP   B OD2 1 
ATOM   234  N N   . ARG   A 1 28  ? -4.018  -5.245  -14.503 1.00 20.41  ? 34  ARG   B N   1 
ATOM   235  C CA  . ARG   A 1 28  ? -4.404  -4.702  -13.168 1.00 20.45  ? 34  ARG   B CA  1 
ATOM   236  C C   . ARG   A 1 28  ? -3.302  -5.056  -12.146 1.00 17.47  ? 34  ARG   B C   1 
ATOM   237  O O   . ARG   A 1 28  ? -3.609  -5.087  -10.930 1.00 18.42  ? 34  ARG   B O   1 
ATOM   238  C CB  . ARG   A 1 28  ? -5.817  -5.159  -12.776 1.00 25.61  ? 34  ARG   B CB  1 
ATOM   239  C CG  . ARG   A 1 28  ? -6.857  -4.749  -13.815 1.00 30.70  ? 34  ARG   B CG  1 
ATOM   240  C CD  . ARG   A 1 28  ? -8.308  -4.921  -13.459 1.00 37.50  ? 34  ARG   B CD  1 
ATOM   241  N NE  . ARG   A 1 28  ? -8.653  -6.300  -13.196 1.00 47.08  ? 34  ARG   B NE  1 
ATOM   242  C CZ  . ARG   A 1 28  ? -8.949  -6.826  -11.995 1.00 62.34  ? 34  ARG   B CZ  1 
ATOM   243  N NH1 . ARG   A 1 28  ? -8.954  -6.086  -10.890 1.00 59.22  ? 34  ARG   B NH1 1 
ATOM   244  N NH2 . ARG   A 1 28  ? -9.252  -8.116  -11.908 1.00 65.51  ? 34  ARG   B NH2 1 
ATOM   245  N N   . ARG   A 1 29  ? -2.052  -5.194  -12.570 1.00 18.13  ? 35  ARG   B N   1 
ATOM   246  C CA  . ARG   A 1 29  ? -0.925  -5.459  -11.638 1.00 18.96  ? 35  ARG   B CA  1 
ATOM   247  C C   . ARG   A 1 29  ? 0.061   -4.305  -11.514 1.00 18.13  ? 35  ARG   B C   1 
ATOM   248  O O   . ARG   A 1 29  ? 0.979   -4.409  -10.665 1.00 19.51  ? 35  ARG   B O   1 
ATOM   249  C CB  . ARG   A 1 29  ? -0.173  -6.719  -12.071 1.00 20.73  ? 35  ARG   B CB  1 
ATOM   250  C CG  . ARG   A 1 29  ? -1.088  -7.932  -12.076 1.00 23.67  ? 35  ARG   B CG  1 
ATOM   251  C CD  . ARG   A 1 29  ? -1.154  -8.643  -10.763 1.00 27.09  ? 35  ARG   B CD  1 
ATOM   252  N NE  . ARG   A 1 29  ? 0.101   -9.348  -10.520 1.00 28.18  ? 35  ARG   B NE  1 
ATOM   253  C CZ  . ARG   A 1 29  ? 0.337   -10.051 -9.419  1.00 28.84  ? 35  ARG   B CZ  1 
ATOM   254  N NH1 . ARG   A 1 29  ? -0.574  -10.081 -8.468  1.00 26.78  ? 35  ARG   B NH1 1 
ATOM   255  N NH2 . ARG   A 1 29  ? 1.507   -10.662 -9.258  1.00 27.99  ? 35  ARG   B NH2 1 
ATOM   256  N N   . GLN   A 1 30  ? -0.075  -3.220  -12.283 1.00 16.71  ? 36  GLN   B N   1 
ATOM   257  C CA  . GLN   A 1 30  ? 0.841   -2.057  -12.245 1.00 16.12  ? 36  GLN   B CA  1 
ATOM   258  C C   . GLN   A 1 30  ? 0.013   -0.767  -12.209 1.00 16.47  ? 36  GLN   B C   1 
ATOM   259  O O   . GLN   A 1 30  ? -1.089  -0.702  -12.774 1.00 16.89  ? 36  GLN   B O   1 
ATOM   260  C CB  . GLN   A 1 30  ? 1.761   -1.994  -13.463 1.00 19.66  ? 36  GLN   B CB  1 
ATOM   261  C CG  . GLN   A 1 30  ? 2.624   -3.226  -13.638 1.00 25.59  ? 36  GLN   B CG  1 
ATOM   262  C CD  . GLN   A 1 30  ? 3.721   -2.982  -14.644 1.00 28.38  ? 36  GLN   B CD  1 
ATOM   263  O OE1 . GLN   A 1 30  ? 4.148   -1.855  -14.903 1.00 32.00  ? 36  GLN   B OE1 1 
ATOM   264  N NE2 . GLN   A 1 30  ? 4.184   -4.061  -15.223 1.00 33.37  ? 36  GLN   B NE2 1 
ATOM   265  N N   . VAL   A 1 31  ? 0.517   0.232   -11.506 1.00 15.73  ? 37  VAL   B N   1 
ATOM   266  C CA  . VAL   A 1 31  ? -0.164  1.553   -11.449 1.00 14.45  ? 37  VAL   B CA  1 
ATOM   267  C C   . VAL   A 1 31  ? 0.909   2.639   -11.454 1.00 15.10  ? 37  VAL   B C   1 
ATOM   268  O O   . VAL   A 1 31  ? 1.908   2.534   -10.742 1.00 15.08  ? 37  VAL   B O   1 
ATOM   269  C CB  . VAL   A 1 31  ? -1.137  1.650   -10.258 1.00 14.37  ? 37  VAL   B CB  1 
ATOM   270  C CG1 . VAL   A 1 31  ? -0.494  1.372   -8.905  1.00 15.34  ? 37  VAL   B CG1 1 
ATOM   271  C CG2 . VAL   A 1 31  ? -1.826  2.991   -10.219 1.00 16.47  ? 37  VAL   B CG2 1 
ATOM   272  N N   . ARG   A 1 32  ? 0.656   3.731   -12.153 1.00 14.91  ? 38  ARG   B N   1 
ATOM   273  C CA  . ARG   A 1 32  ? 1.540   4.906   -12.127 1.00 15.92  ? 38  ARG   B CA  1 
ATOM   274  C C   . ARG   A 1 32  ? 0.683   6.154   -12.193 1.00 16.02  ? 38  ARG   B C   1 
ATOM   275  O O   . ARG   A 1 32  ? -0.503  6.107   -12.589 1.00 14.59  ? 38  ARG   B O   1 
ATOM   276  C CB  . ARG   A 1 32  ? 2.535   4.911   -13.295 1.00 17.11  ? 38  ARG   B CB  1 
ATOM   277  C CG  . ARG   A 1 32  ? 1.929   5.104   -14.677 1.00 19.17  ? 38  ARG   B CG  1 
ATOM   278  C CD  . ARG   A 1 32  ? 3.032   4.866   -15.720 1.00 21.87  ? 38  ARG   B CD  1 
ATOM   279  N NE  . ARG   A 1 32  ? 2.477   5.001   -17.063 1.00 26.05  ? 38  ARG   B NE  1 
ATOM   280  C CZ  . ARG   A 1 32  ? 2.246   6.133   -17.704 1.00 25.20  ? 38  ARG   B CZ  1 
ATOM   281  N NH1 . ARG   A 1 32  ? 2.491   7.308   -17.161 1.00 31.63  ? 38  ARG   B NH1 1 
ATOM   282  N NH2 . ARG   A 1 32  ? 1.707   6.085   -18.928 1.00 32.43  ? 38  ARG   B NH2 1 
ATOM   283  N N   . MET   A 1 33  ? 1.309   7.262   -11.809 0.58 16.61  ? 39  MET   B N   1 
ATOM   284  C CA  . MET   A 1 33  ? 0.742   8.624   -11.939 0.58 19.37  ? 39  MET   B CA  1 
ATOM   285  C C   . MET   A 1 33  ? 0.729   9.021   -13.420 0.58 18.55  ? 39  MET   B C   1 
ATOM   286  O O   . MET   A 1 33  ? 1.743   8.826   -14.113 0.58 18.99  ? 39  MET   B O   1 
ATOM   287  C CB  . MET   A 1 33  ? 1.586   9.614   -11.141 0.58 20.22  ? 39  MET   B CB  1 
ATOM   288  C CG  . MET   A 1 33  ? 1.162   11.048  -11.370 0.58 21.59  ? 39  MET   B CG  1 
ATOM   289  S SD  . MET   A 1 33  ? -0.322  11.428  -10.418 0.58 23.82  ? 39  MET   B SD  1 
ATOM   290  C CE  . MET   A 1 33  ? 0.474   12.172  -8.997  0.58 24.52  ? 39  MET   B CE  1 
ATOM   291  N N   . GLY   A 1 34  ? -0.393  9.528   -13.903 1.00 19.15  ? 40  GLY   B N   1 
ATOM   292  C CA  . GLY   A 1 34  ? -0.432  10.138  -15.243 1.00 20.72  ? 40  GLY   B CA  1 
ATOM   293  C C   . GLY   A 1 34  ? -0.044  11.594  -15.171 1.00 21.73  ? 40  GLY   B C   1 
ATOM   294  O O   . GLY   A 1 34  ? 0.081   12.158  -14.066 1.00 20.22  ? 40  GLY   B O   1 
ATOM   295  N N   . ASP   A 1 35  ? 0.074   12.181  -16.372 0.58 23.06  ? 41  ASP   B N   1 
ATOM   296  C CA  . ASP   A 1 35  ? 0.442   13.603  -16.613 0.58 23.12  ? 41  ASP   B CA  1 
ATOM   297  C C   . ASP   A 1 35  ? -0.812  14.481  -16.645 0.58 23.30  ? 41  ASP   B C   1 
ATOM   298  O O   . ASP   A 1 35  ? -0.705  15.663  -16.993 0.58 24.89  ? 41  ASP   B O   1 
ATOM   299  C CB  . ASP   A 1 35  ? 1.252   13.779  -17.906 0.58 23.84  ? 41  ASP   B CB  1 
ATOM   300  C CG  . ASP   A 1 35  ? 0.598   13.403  -19.228 0.58 24.94  ? 41  ASP   B CG  1 
ATOM   301  O OD1 . ASP   A 1 35  ? -0.588  13.012  -19.246 0.58 25.87  ? 41  ASP   B OD1 1 
ATOM   302  O OD2 . ASP   A 1 35  ? 1.305   13.495  -20.262 0.58 26.84  ? 41  ASP   B OD2 1 
ATOM   303  N N   . THR   A 1 36  ? -1.966  13.912  -16.344 1.00 21.95  ? 42  THR   B N   1 
ATOM   304  C CA  . THR   A 1 36  ? -3.264  14.649  -16.362 1.00 23.10  ? 42  THR   B CA  1 
ATOM   305  C C   . THR   A 1 36  ? -4.355  13.767  -15.779 1.00 20.81  ? 42  THR   B C   1 
ATOM   306  O O   . THR   A 1 36  ? -4.145  12.503  -15.603 1.00 18.22  ? 42  THR   B O   1 
ATOM   307  C CB  . THR   A 1 36  ? -3.645  15.072  -17.798 1.00 22.89  ? 42  THR   B CB  1 
ATOM   308  O OG1 . THR   A 1 36  ? -4.838  15.858  -17.738 1.00 25.80  ? 42  THR   B OG1 1 
ATOM   309  C CG2 . THR   A 1 36  ? -3.951  13.894  -18.693 1.00 23.64  ? 42  THR   B CG2 1 
ATOM   310  N N   . HIS   A 1 37  ? -5.536  14.326  -15.529 1.00 24.63  ? 43  HIS   B N   1 
ATOM   311  C CA  . HIS   A 1 37  ? -6.790  13.538  -15.352 1.00 25.30  ? 43  HIS   B CA  1 
ATOM   312  C C   . HIS   A 1 37  ? -6.980  12.510  -16.471 1.00 27.67  ? 43  HIS   B C   1 
ATOM   313  O O   . HIS   A 1 37  ? -6.854  12.876  -17.664 1.00 28.47  ? 43  HIS   B O   1 
ATOM   314  C CB  . HIS   A 1 37  ? -7.982  14.507  -15.253 1.00 26.66  ? 43  HIS   B CB  1 
ATOM   315  C CG  . HIS   A 1 37  ? -9.305  13.890  -14.922 1.00 25.92  ? 43  HIS   B CG  1 
ATOM   316  N ND1 . HIS   A 1 37  ? -10.026 13.086  -15.816 1.00 27.19  ? 43  HIS   B ND1 1 
ATOM   317  C CD2 . HIS   A 1 37  ? -10.079 14.051  -13.838 1.00 24.26  ? 43  HIS   B CD2 1 
ATOM   318  C CE1 . HIS   A 1 37  ? -11.174 12.755  -15.246 1.00 26.20  ? 43  HIS   B CE1 1 
ATOM   319  N NE2 . HIS   A 1 37  ? -11.214 13.341  -14.034 1.00 22.90  ? 43  HIS   B NE2 1 
ATOM   320  N N   . GLN   A 1 38  ? -7.322  11.248  -16.145 1.00 21.57  ? 44  GLN   B N   1 
ATOM   321  C CA  . GLN   A 1 38  ? -7.328  10.103  -17.093 1.00 24.04  ? 44  GLN   B CA  1 
ATOM   322  C C   . GLN   A 1 38  ? -8.671  9.805   -17.798 1.00 27.42  ? 44  GLN   B C   1 
ATOM   323  O O   . GLN   A 1 38  ? -8.876  8.658   -18.325 1.00 29.66  ? 44  GLN   B O   1 
ATOM   324  C CB  . GLN   A 1 38  ? -6.821  8.869   -16.371 1.00 22.09  ? 44  GLN   B CB  1 
ATOM   325  C CG  . GLN   A 1 38  ? -5.360  9.009   -16.043 1.00 22.25  ? 44  GLN   B CG  1 
ATOM   326  C CD  . GLN   A 1 38  ? -4.526  9.338   -17.248 1.00 22.12  ? 44  GLN   B CD  1 
ATOM   327  O OE1 . GLN   A 1 38  ? -3.739  10.279  -17.248 1.00 23.99  ? 44  GLN   B OE1 1 
ATOM   328  N NE2 . GLN   A 1 38  ? -4.767  8.615   -18.335 1.00 21.38  ? 44  GLN   B NE2 1 
ATOM   329  N N   . ASN   A 1 39  ? -9.547  10.787  -17.867 1.00 24.55  ? 45  ASN   B N   1 
ATOM   330  C CA  . ASN   A 1 39  ? -10.775 10.766  -18.726 1.00 21.75  ? 45  ASN   B CA  1 
ATOM   331  C C   . ASN   A 1 39  ? -11.790 9.728   -18.232 1.00 22.54  ? 45  ASN   B C   1 
ATOM   332  O O   . ASN   A 1 39  ? -12.477 9.078   -19.058 1.00 26.02  ? 45  ASN   B O   1 
ATOM   333  C CB  . ASN   A 1 39  ? -10.436 10.644  -20.225 1.00 23.25  ? 45  ASN   B CB  1 
ATOM   334  C CG  . ASN   A 1 39  ? -11.559 11.195  -21.089 1.00 23.41  ? 45  ASN   B CG  1 
ATOM   335  O OD1 . ASN   A 1 39  ? -12.227 12.119  -20.669 1.00 22.25  ? 45  ASN   B OD1 1 
ATOM   336  N ND2 . ASN   A 1 39  ? -11.804 10.630  -22.277 1.00 21.34  ? 45  ASN   B ND2 1 
ATOM   337  N N   . VAL   A 1 40  ? -11.952 9.617   -16.904 1.00 22.31  ? 46  VAL   B N   1 
ATOM   338  C CA  . VAL   A 1 40  ? -12.906 8.720   -16.203 1.00 24.06  ? 46  VAL   B CA  1 
ATOM   339  C C   . VAL   A 1 40  ? -13.921 9.584   -15.446 1.00 21.74  ? 46  VAL   B C   1 
ATOM   340  O O   . VAL   A 1 40  ? -13.577 10.717  -15.116 1.00 22.11  ? 46  VAL   B O   1 
ATOM   341  C CB  . VAL   A 1 40  ? -12.188 7.761   -15.245 1.00 25.82  ? 46  VAL   B CB  1 
ATOM   342  C CG1 . VAL   A 1 40  ? -11.314 6.799   -16.022 1.00 28.78  ? 46  VAL   B CG1 1 
ATOM   343  C CG2 . VAL   A 1 40  ? -11.372 8.487   -14.182 1.00 25.31  ? 46  VAL   B CG2 1 
ATOM   344  N N   . SER   A 1 41  ? -15.118 9.045   -15.227 1.00 25.07  ? 47  SER   B N   1 
ATOM   345  C CA  . SER   A 1 41  ? -16.147 9.669   -14.356 1.00 26.41  ? 47  SER   B CA  1 
ATOM   346  C C   . SER   A 1 41  ? -15.684 9.650   -12.892 1.00 28.32  ? 47  SER   B C   1 
ATOM   347  O O   . SER   A 1 41  ? -14.979 8.708   -12.506 1.00 23.13  ? 47  SER   B O   1 
ATOM   348  C CB  . SER   A 1 41  ? -17.486 9.004   -14.509 1.00 27.72  ? 47  SER   B CB  1 
ATOM   349  O OG  . SER   A 1 41  ? -17.413 7.613   -14.275 1.00 29.72  ? 47  SER   B OG  1 
ATOM   350  N N   . ASP   A 1 42  ? -16.129 10.620  -12.099 1.00 26.45  ? 48  ASP   B N   1 
ATOM   351  C CA  . ASP   A 1 42  ? -15.971 10.613  -10.624 1.00 25.95  ? 48  ASP   B CA  1 
ATOM   352  C C   . ASP   A 1 42  ? -16.967 9.599   -10.058 1.00 27.32  ? 48  ASP   B C   1 
ATOM   353  O O   . ASP   A 1 42  ? -17.985 9.265   -10.700 1.00 26.13  ? 48  ASP   B O   1 
ATOM   354  C CB  . ASP   A 1 42  ? -16.169 11.992  -9.989  1.00 29.67  ? 48  ASP   B CB  1 
ATOM   355  C CG  . ASP   A 1 42  ? -15.354 12.208  -8.711  1.00 31.66  ? 48  ASP   B CG  1 
ATOM   356  O OD1 . ASP   A 1 42  ? -14.680 11.239  -8.248  1.00 24.50  ? 48  ASP   B OD1 1 
ATOM   357  O OD2 . ASP   A 1 42  ? -15.272 13.381  -8.227  1.00 36.15  ? 48  ASP   B OD2 1 
ATOM   358  N N   . ASN   A 1 43  ? -16.651 9.058   -8.886  1.00 23.27  ? 49  ASN   B N   1 
ATOM   359  C CA  . ASN   A 1 43  ? -17.544 8.151   -8.123  1.00 24.01  ? 49  ASN   B CA  1 
ATOM   360  C C   . ASN   A 1 43  ? -17.164 8.254   -6.638  1.00 24.26  ? 49  ASN   B C   1 
ATOM   361  O O   . ASN   A 1 43  ? -16.113 8.888   -6.313  1.00 25.24  ? 49  ASN   B O   1 
ATOM   362  C CB  . ASN   A 1 43  ? -17.536 6.739   -8.660  1.00 22.73  ? 49  ASN   B CB  1 
ATOM   363  C CG  . ASN   A 1 43  ? -16.239 6.007   -8.391  1.00 23.80  ? 49  ASN   B CG  1 
ATOM   364  O OD1 . ASN   A 1 43  ? -15.804 5.940   -7.247  1.00 26.03  ? 49  ASN   B OD1 1 
ATOM   365  N ND2 . ASN   A 1 43  ? -15.631 5.495   -9.421  1.00 23.17  ? 49  ASN   B ND2 1 
ATOM   366  N N   . LYS   A 1 44  ? -17.998 7.694   -5.767  1.00 24.68  ? 50  LYS   B N   1 
ATOM   367  C CA  . LYS   A 1 44  ? -17.819 7.935   -4.312  1.00 26.94  ? 50  LYS   B CA  1 
ATOM   368  C C   . LYS   A 1 44  ? -16.618 7.109   -3.782  1.00 23.41  ? 50  LYS   B C   1 
ATOM   369  O O   . LYS   A 1 44  ? -16.150 7.449   -2.671  1.00 22.41  ? 50  LYS   B O   1 
ATOM   370  C CB  . LYS   A 1 44  ? -19.107 7.556   -3.563  1.00 29.26  ? 50  LYS   B CB  1 
ATOM   371  C CG  . LYS   A 1 44  ? -19.519 6.111   -3.749  1.00 34.10  ? 50  LYS   B CG  1 
ATOM   372  C CD  . LYS   A 1 44  ? -20.845 5.745   -3.092  1.00 44.92  ? 50  LYS   B CD  1 
ATOM   373  C CE  . LYS   A 1 44  ? -20.872 4.293   -2.657  1.00 48.08  ? 50  LYS   B CE  1 
ATOM   374  N NZ  . LYS   A 1 44  ? -22.110 3.987   -1.904  1.00 55.70  ? 50  LYS   B NZ  1 
ATOM   375  N N   . GLU   A 1 45  ? -16.172 6.092   -4.535  1.00 22.91  ? 51  GLU   B N   1 
ATOM   376  C CA  . GLU   A 1 45  ? -15.049 5.200   -4.117  1.00 23.64  ? 51  GLU   B CA  1 
ATOM   377  C C   . GLU   A 1 45  ? -13.704 5.909   -4.337  1.00 21.45  ? 51  GLU   B C   1 
ATOM   378  O O   . GLU   A 1 45  ? -12.721 5.541   -3.658  1.00 20.75  ? 51  GLU   B O   1 
ATOM   379  C CB  . GLU   A 1 45  ? -15.019 3.910   -4.930  1.00 25.16  ? 51  GLU   B CB  1 
ATOM   380  C CG  . GLU   A 1 45  ? -16.202 2.980   -4.710  1.00 32.35  ? 51  GLU   B CG  1 
ATOM   381  C CD  . GLU   A 1 45  ? -16.085 1.748   -5.594  1.00 40.58  ? 51  GLU   B CD  1 
ATOM   382  O OE1 . GLU   A 1 45  ? -16.705 1.743   -6.700  1.00 54.76  ? 51  GLU   B OE1 1 
ATOM   383  O OE2 . GLU   A 1 45  ? -15.327 0.824   -5.232  1.00 42.99  ? 51  GLU   B OE2 1 
ATOM   384  N N   . ARG   A 1 46  ? -13.583 6.829   -5.302  1.00 18.55  ? 52  ARG   B N   1 
ATOM   385  C CA  . ARG   A 1 46  ? -12.217 7.302   -5.693  1.00 17.36  ? 52  ARG   B CA  1 
ATOM   386  C C   . ARG   A 1 46  ? -11.548 8.136   -4.600  1.00 17.21  ? 52  ARG   B C   1 
ATOM   387  O O   . ARG   A 1 46  ? -12.159 9.064   -4.024  1.00 19.50  ? 52  ARG   B O   1 
ATOM   388  C CB  . ARG   A 1 46  ? -12.259 8.174   -6.965  1.00 17.71  ? 52  ARG   B CB  1 
ATOM   389  C CG  . ARG   A 1 46  ? -12.728 7.465   -8.205  1.00 18.83  ? 52  ARG   B CG  1 
ATOM   390  C CD  . ARG   A 1 46  ? -12.360 8.264   -9.460  1.00 17.91  ? 52  ARG   B CD  1 
ATOM   391  N NE  . ARG   A 1 46  ? -12.951 7.630   -10.626 1.00 19.20  ? 52  ARG   B NE  1 
ATOM   392  C CZ  . ARG   A 1 46  ? -12.561 6.463   -11.152 1.00 19.62  ? 52  ARG   B CZ  1 
ATOM   393  N NH1 . ARG   A 1 46  ? -11.489 5.798   -10.689 1.00 18.74  ? 52  ARG   B NH1 1 
ATOM   394  N NH2 . ARG   A 1 46  ? -13.228 5.948   -12.167 1.00 22.92  ? 52  ARG   B NH2 1 
ATOM   395  N N   . PHE   A 1 47  ? -10.256 7.902   -4.311  1.00 16.29  ? 53  PHE   B N   1 
ATOM   396  C CA  . PHE   A 1 47  ? -9.485  8.798   -3.446  1.00 14.87  ? 53  PHE   B CA  1 
ATOM   397  C C   . PHE   A 1 47  ? -9.308  10.141  -4.199  1.00 17.87  ? 53  PHE   B C   1 
ATOM   398  O O   . PHE   A 1 47  ? -8.692  10.136  -5.278  1.00 18.38  ? 53  PHE   B O   1 
ATOM   399  C CB  . PHE   A 1 47  ? -8.126  8.209   -3.076  1.00 15.55  ? 53  PHE   B CB  1 
ATOM   400  C CG  . PHE   A 1 47  ? -8.268  7.048   -2.119  1.00 14.72  ? 53  PHE   B CG  1 
ATOM   401  C CD1 . PHE   A 1 47  ? -8.417  7.307   -0.760  1.00 14.86  ? 53  PHE   B CD1 1 
ATOM   402  C CD2 . PHE   A 1 47  ? -8.216  5.740   -2.539  1.00 16.30  ? 53  PHE   B CD2 1 
ATOM   403  C CE1 . PHE   A 1 47  ? -8.530  6.266   0.152   1.00 16.56  ? 53  PHE   B CE1 1 
ATOM   404  C CE2 . PHE   A 1 47  ? -8.313  4.704   -1.615  1.00 16.13  ? 53  PHE   B CE2 1 
ATOM   405  C CZ  . PHE   A 1 47  ? -8.500  4.984   -0.273  1.00 15.59  ? 53  PHE   B CZ  1 
ATOM   406  N N   . SER   A 1 48  ? -9.828  11.230  -3.665  1.00 19.22  ? 54  SER   B N   1 
ATOM   407  C CA  . SER   A 1 48  ? -9.786  12.540  -4.355  1.00 19.63  ? 54  SER   B CA  1 
ATOM   408  C C   . SER   A 1 48  ? -8.449  13.265  -4.191  1.00 19.86  ? 54  SER   B C   1 
ATOM   409  O O   . SER   A 1 48  ? -8.042  13.950  -5.180  1.00 22.11  ? 54  SER   B O   1 
ATOM   410  C CB  . SER   A 1 48  ? -10.936 13.410  -3.927  1.00 20.26  ? 54  SER   B CB  1 
ATOM   411  O OG  . SER   A 1 48  ? -10.943 13.678  -2.546  1.00 19.15  ? 54  SER   B OG  1 
ATOM   412  N N   . ASN   A 1 49  ? -7.826  13.291  -3.022  1.00 17.49  ? 55  ASN   B N   1 
ATOM   413  C CA  . ASN   A 1 49  ? -6.749  14.250  -2.704  1.00 18.21  ? 55  ASN   B CA  1 
ATOM   414  C C   . ASN   A 1 49  ? -5.352  13.706  -2.993  1.00 17.30  ? 55  ASN   B C   1 
ATOM   415  O O   . ASN   A 1 49  ? -4.376  14.472  -2.939  1.00 17.74  ? 55  ASN   B O   1 
ATOM   416  C CB  . ASN   A 1 49  ? -6.845  14.772  -1.278  1.00 18.98  ? 55  ASN   B CB  1 
ATOM   417  C CG  . ASN   A 1 49  ? -7.990  15.758  -1.065  1.00 23.83  ? 55  ASN   B CG  1 
ATOM   418  O OD1 . ASN   A 1 49  ? -9.101  15.534  -1.520  1.00 24.76  ? 55  ASN   B OD1 1 
ATOM   419  N ND2 . ASN   A 1 49  ? -7.721  16.800  -0.280  1.00 27.02  ? 55  ASN   B ND2 1 
ATOM   420  N N   . TYR   A 1 50  ? -5.227  12.384  -3.126  1.00 15.69  ? 56  TYR   B N   1 
ATOM   421  C CA  . TYR   A 1 50  ? -3.893  11.749  -3.161  1.00 16.20  ? 56  TYR   B CA  1 
ATOM   422  C C   . TYR   A 1 50  ? -3.900  10.633  -4.201  1.00 15.24  ? 56  TYR   B C   1 
ATOM   423  O O   . TYR   A 1 50  ? -4.950  10.080  -4.518  1.00 15.48  ? 56  TYR   B O   1 
ATOM   424  C CB  . TYR   A 1 50  ? -3.575  11.112  -1.809  1.00 15.54  ? 56  TYR   B CB  1 
ATOM   425  C CG  . TYR   A 1 50  ? -3.851  11.969  -0.593  1.00 17.01  ? 56  TYR   B CG  1 
ATOM   426  C CD1 . TYR   A 1 50  ? -3.011  13.038  -0.296  1.00 18.49  ? 56  TYR   B CD1 1 
ATOM   427  C CD2 . TYR   A 1 50  ? -4.964  11.767  0.209   1.00 17.76  ? 56  TYR   B CD2 1 
ATOM   428  C CE1 . TYR   A 1 50  ? -3.216  13.824  0.846   1.00 19.61  ? 56  TYR   B CE1 1 
ATOM   429  C CE2 . TYR   A 1 50  ? -5.236  12.602  1.288   1.00 19.66  ? 56  TYR   B CE2 1 
ATOM   430  C CZ  . TYR   A 1 50  ? -4.356  13.631  1.602   1.00 19.54  ? 56  TYR   B CZ  1 
ATOM   431  O OH  . TYR   A 1 50  ? -4.571  14.398  2.730   1.00 21.33  ? 56  TYR   B OH  1 
ATOM   432  N N   . PRO   A 1 51  ? -2.718  10.261  -4.743  1.00 15.20  ? 57  PRO   B N   1 
ATOM   433  C CA  . PRO   A 1 51  ? -2.632  9.263   -5.821  1.00 15.02  ? 57  PRO   B CA  1 
ATOM   434  C C   . PRO   A 1 51  ? -2.727  7.798   -5.337  1.00 14.11  ? 57  PRO   B C   1 
ATOM   435  O O   . PRO   A 1 51  ? -1.818  7.040   -5.506  1.00 16.12  ? 57  PRO   B O   1 
ATOM   436  C CB  . PRO   A 1 51  ? -1.256  9.531   -6.458  1.00 17.68  ? 57  PRO   B CB  1 
ATOM   437  C CG  . PRO   A 1 51  ? -0.724  10.766  -5.799  1.00 18.15  ? 57  PRO   B CG  1 
ATOM   438  C CD  . PRO   A 1 51  ? -1.447  10.937  -4.505  1.00 16.59  ? 57  PRO   B CD  1 
ATOM   439  N N   . MET   A 1 52  ? -3.872  7.489   -4.723  1.00 14.05  ? 58  MET   B N   1 
ATOM   440  C CA  . MET   A 1 52  ? -4.137  6.198   -4.027  1.00 12.78  ? 58  MET   B CA  1 
ATOM   441  C C   . MET   A 1 52  ? -5.087  5.295   -4.804  1.00 14.09  ? 58  MET   B C   1 
ATOM   442  O O   . MET   A 1 52  ? -5.947  5.758   -5.562  1.00 14.31  ? 58  MET   B O   1 
ATOM   443  C CB  . MET   A 1 52  ? -4.736  6.492   -2.642  1.00 13.40  ? 58  MET   B CB  1 
ATOM   444  C CG  . MET   A 1 52  ? -3.750  7.176   -1.692  1.00 13.25  ? 58  MET   B CG  1 
ATOM   445  S SD  . MET   A 1 52  ? -4.603  7.855   -0.224  1.00 15.79  ? 58  MET   B SD  1 
ATOM   446  C CE  . MET   A 1 52  ? -3.270  8.556   0.755   1.00 15.50  ? 58  MET   B CE  1 
ATOM   447  N N   . VAL   A 1 53  ? -4.976  3.987   -4.553  1.00 13.87  ? 59  VAL   B N   1 
ATOM   448  C CA  . VAL   A 1 53  ? -5.854  2.954   -5.144  1.00 13.32  ? 59  VAL   B CA  1 
ATOM   449  C C   . VAL   A 1 53  ? -5.873  1.758   -4.187  1.00 13.81  ? 59  VAL   B C   1 
ATOM   450  O O   . VAL   A 1 53  ? -4.855  1.549   -3.468  1.00 15.10  ? 59  VAL   B O   1 
ATOM   451  C CB  . VAL   A 1 53  ? -5.402  2.598   -6.574  1.00 14.28  ? 59  VAL   B CB  1 
ATOM   452  C CG1 . VAL   A 1 53  ? -4.029  2.014   -6.654  1.00 15.41  ? 59  VAL   B CG1 1 
ATOM   453  C CG2 . VAL   A 1 53  ? -6.392  1.680   -7.302  1.00 15.37  ? 59  VAL   B CG2 1 
ATOM   454  N N   . LEU   A 1 54  ? -6.958  1.009   -4.201  1.00 14.80  ? 60  LEU   B N   1 
ATOM   455  C CA  . LEU   A 1 54  ? -7.080  -0.244  -3.416  1.00 14.26  ? 60  LEU   B CA  1 
ATOM   456  C C   . LEU   A 1 54  ? -6.932  -1.444  -4.318  1.00 15.16  ? 60  LEU   B C   1 
ATOM   457  O O   . LEU   A 1 54  ? -7.266  -1.445  -5.543  1.00 16.18  ? 60  LEU   B O   1 
ATOM   458  C CB  . LEU   A 1 54  ? -8.433  -0.287  -2.703  1.00 14.68  ? 60  LEU   B CB  1 
ATOM   459  C CG  . LEU   A 1 54  ? -8.745  0.890   -1.794  1.00 16.02  ? 60  LEU   B CG  1 
ATOM   460  C CD1 . LEU   A 1 54  ? -10.052 0.694   -1.039  1.00 18.17  ? 60  LEU   B CD1 1 
ATOM   461  C CD2 . LEU   A 1 54  ? -7.602  1.174   -0.825  1.00 16.69  ? 60  LEU   B CD2 1 
ATOM   462  N N   . GLY   A 1 55  ? -6.515  -2.543  -3.691  1.00 15.11  ? 61  GLY   B N   1 
ATOM   463  C CA  . GLY   A 1 55  ? -6.692  -3.880  -4.270  1.00 16.35  ? 61  GLY   B CA  1 
ATOM   464  C C   . GLY   A 1 55  ? -8.178  -4.248  -4.375  1.00 15.16  ? 61  GLY   B C   1 
ATOM   465  O O   . GLY   A 1 55  ? -8.963  -3.791  -3.540  1.00 17.37  ? 61  GLY   B O   1 
ATOM   466  N N   . ALA   A 1 56  ? -8.502  -5.113  -5.313  1.00 17.72  ? 62  ALA   B N   1 
ATOM   467  C CA  . ALA   A 1 56  ? -9.875  -5.614  -5.557  1.00 20.16  ? 62  ALA   B CA  1 
ATOM   468  C C   . ALA   A 1 56  ? -10.263 -6.592  -4.436  1.00 22.98  ? 62  ALA   B C   1 
ATOM   469  O O   . ALA   A 1 56  ? -11.442 -6.618  -4.053  1.00 25.53  ? 62  ALA   B O   1 
ATOM   470  C CB  . ALA   A 1 56  ? -9.902  -6.246  -6.923  1.00 20.90  ? 62  ALA   B CB  1 
ATOM   471  N N   . GLN   A 1 57  ? -9.272  -7.286  -3.867  1.00 20.97  ? 63  GLN   B N   1 
ATOM   472  C CA  . GLN   A 1 57  ? -9.493  -8.387  -2.898  1.00 21.45  ? 63  GLN   B CA  1 
ATOM   473  C C   . GLN   A 1 57  ? -9.909  -7.765  -1.571  1.00 23.37  ? 63  GLN   B C   1 
ATOM   474  O O   . GLN   A 1 57  ? -9.397  -6.688  -1.211  1.00 23.77  ? 63  GLN   B O   1 
ATOM   475  C CB  . GLN   A 1 57  ? -8.231  -9.258  -2.769  1.00 23.02  ? 63  GLN   B CB  1 
ATOM   476  C CG  . GLN   A 1 57  ? -7.937  -10.099 -4.000  1.00 26.47  ? 63  GLN   B CG  1 
ATOM   477  C CD  . GLN   A 1 57  ? -7.475  -9.267  -5.181  1.00 25.31  ? 63  GLN   B CD  1 
ATOM   478  O OE1 . GLN   A 1 57  ? -6.726  -8.321  -5.019  1.00 24.32  ? 63  GLN   B OE1 1 
ATOM   479  N NE2 . GLN   A 1 57  ? -7.931  -9.590  -6.374  1.00 27.91  ? 63  GLN   B NE2 1 
ATOM   480  N N   . ARG   A 1 58  ? -10.868 -8.392  -0.894  1.00 23.50  ? 64  ARG   B N   1 
ATOM   481  C CA  . ARG   A 1 58  ? -11.292 -8.059  0.488   1.00 24.12  ? 64  ARG   B CA  1 
ATOM   482  C C   . ARG   A 1 58  ? -10.991 -9.264  1.385   1.00 22.69  ? 64  ARG   B C   1 
ATOM   483  O O   . ARG   A 1 58  ? -11.243 -10.406 0.951   1.00 29.14  ? 64  ARG   B O   1 
ATOM   484  C CB  . ARG   A 1 58  ? -12.816 -7.922  0.624   1.00 32.13  ? 64  ARG   B CB  1 
ATOM   485  C CG  . ARG   A 1 58  ? -13.450 -6.597  0.237   1.00 39.92  ? 64  ARG   B CG  1 
ATOM   486  C CD  . ARG   A 1 58  ? -13.113 -6.154  -1.176  1.00 45.77  ? 64  ARG   B CD  1 
ATOM   487  N NE  . ARG   A 1 58  ? -14.079 -5.305  -1.902  1.00 53.94  ? 64  ARG   B NE  1 
ATOM   488  C CZ  . ARG   A 1 58  ? -15.183 -4.689  -1.432  1.00 55.98  ? 64  ARG   B CZ  1 
ATOM   489  N NH1 . ARG   A 1 58  ? -15.904 -3.959  -2.266  1.00 60.22  ? 64  ARG   B NH1 1 
ATOM   490  N NH2 . ARG   A 1 58  ? -15.578 -4.769  -0.171  1.00 58.59  ? 64  ARG   B NH2 1 
ATOM   491  N N   . PHE   A 1 59  ? -10.436 -9.030  2.552   1.00 21.81  ? 65  PHE   B N   1 
ATOM   492  C CA  . PHE   A 1 59  ? -9.978  -10.098 3.497   1.00 22.20  ? 65  PHE   B CA  1 
ATOM   493  C C   . PHE   A 1 59  ? -10.616 -9.850  4.868   1.00 20.13  ? 65  PHE   B C   1 
ATOM   494  O O   . PHE   A 1 59  ? -10.500 -8.774  5.388   1.00 18.83  ? 65  PHE   B O   1 
ATOM   495  C CB  . PHE   A 1 59  ? -8.433  -10.029 3.660   1.00 24.60  ? 65  PHE   B CB  1 
ATOM   496  C CG  . PHE   A 1 59  ? -7.646  -10.223 2.387   1.00 26.93  ? 65  PHE   B CG  1 
ATOM   497  C CD1 . PHE   A 1 59  ? -7.847  -11.357 1.597   1.00 31.30  ? 65  PHE   B CD1 1 
ATOM   498  C CD2 . PHE   A 1 59  ? -6.722  -9.298  1.971   1.00 33.02  ? 65  PHE   B CD2 1 
ATOM   499  C CE1 . PHE   A 1 59  ? -7.139  -11.568 0.421   1.00 33.84  ? 65  PHE   B CE1 1 
ATOM   500  C CE2 . PHE   A 1 59  ? -5.993  -9.520  0.803   1.00 30.41  ? 65  PHE   B CE2 1 
ATOM   501  C CZ  . PHE   A 1 59  ? -6.208  -10.644 0.031   1.00 33.38  ? 65  PHE   B CZ  1 
ATOM   502  N N   A SER   A 1 60  ? -11.251 -10.870 5.464   0.25 18.27  ? 66  SER   B N   1 
ATOM   503  N N   B SER   A 1 60  ? -11.227 -10.882 5.466   0.25 20.49  ? 66  SER   B N   1 
ATOM   504  C CA  A SER   A 1 60  ? -11.853 -10.773 6.822   0.25 17.59  ? 66  SER   B CA  1 
ATOM   505  C CA  B SER   A 1 60  ? -11.834 -10.811 6.822   0.25 21.20  ? 66  SER   B CA  1 
ATOM   506  C C   A SER   A 1 60  ? -11.363 -11.933 7.709   0.25 17.48  ? 66  SER   B C   1 
ATOM   507  C C   B SER   A 1 60  ? -11.429 -12.030 7.653   0.25 21.00  ? 66  SER   B C   1 
ATOM   508  O O   A SER   A 1 60  ? -11.782 -11.998 8.881   0.25 16.48  ? 66  SER   B O   1 
ATOM   509  O O   B SER   A 1 60  ? -12.118 -12.319 8.644   0.25 20.19  ? 66  SER   B O   1 
ATOM   510  C CB  A SER   A 1 60  ? -13.364 -10.716 6.738   0.25 17.40  ? 66  SER   B CB  1 
ATOM   511  C CB  B SER   A 1 60  ? -13.321 -10.735 6.731   0.25 22.12  ? 66  SER   B CB  1 
ATOM   512  O OG  A SER   A 1 60  ? -13.815 -9.481  6.156   0.25 16.22  ? 66  SER   B OG  1 
ATOM   513  O OG  B SER   A 1 60  ? -13.811 -11.840 5.996   0.25 23.71  ? 66  SER   B OG  1 
ATOM   514  N N   A SER   A 1 61  ? -10.467 -12.774 7.196   0.25 17.62  ? 67  SER   B N   1 
ATOM   515  N N   B SER   A 1 61  ? -10.366 -12.718 7.256   0.25 21.53  ? 67  SER   B N   1 
ATOM   516  C CA  A SER   A 1 61  ? -9.923  -13.946 7.921   0.25 19.45  ? 67  SER   B CA  1 
ATOM   517  C CA  B SER   A 1 61  ? -9.924  -13.966 7.909   0.25 23.57  ? 67  SER   B CA  1 
ATOM   518  C C   A SER   A 1 61  ? -8.608  -14.400 7.281   0.25 21.19  ? 67  SER   B C   1 
ATOM   519  C C   B SER   A 1 61  ? -8.664  -14.505 7.232   0.25 23.51  ? 67  SER   B C   1 
ATOM   520  O O   A SER   A 1 61  ? -8.340  -13.996 6.149   0.25 22.91  ? 67  SER   B O   1 
ATOM   521  O O   B SER   A 1 61  ? -8.521  -14.305 6.005   0.25 23.90  ? 67  SER   B O   1 
ATOM   522  C CB  A SER   A 1 61  ? -10.936 -15.057 7.909   0.25 19.63  ? 67  SER   B CB  1 
ATOM   523  C CB  B SER   A 1 61  ? -11.032 -14.979 7.855   0.25 25.14  ? 67  SER   B CB  1 
ATOM   524  O OG  A SER   A 1 61  ? -11.051 -15.574 6.597   0.25 18.39  ? 67  SER   B OG  1 
ATOM   525  O OG  B SER   A 1 61  ? -10.533 -16.250 8.217   0.25 28.26  ? 67  SER   B OG  1 
ATOM   526  N N   . GLY   A 1 62  ? -7.832  -15.220 7.994   1.00 23.62  ? 68  GLY   B N   1 
ATOM   527  C CA  . GLY   A 1 62  ? -6.697  -15.939 7.400   1.00 24.54  ? 68  GLY   B CA  1 
ATOM   528  C C   . GLY   A 1 62  ? -5.426  -15.114 7.350   1.00 24.50  ? 68  GLY   B C   1 
ATOM   529  O O   . GLY   A 1 62  ? -5.323  -14.037 7.998   1.00 22.79  ? 68  GLY   B O   1 
ATOM   530  N N   . LYS   A 1 63  ? -4.457  -15.692 6.665   1.00 22.86  ? 69  LYS   B N   1 
ATOM   531  C CA  . LYS   A 1 63  ? -3.108  -15.135 6.498   1.00 24.42  ? 69  LYS   B CA  1 
ATOM   532  C C   . LYS   A 1 63  ? -2.959  -14.846 5.009   1.00 25.01  ? 69  LYS   B C   1 
ATOM   533  O O   . LYS   A 1 63  ? -3.314  -15.719 4.210   1.00 26.80  ? 69  LYS   B O   1 
ATOM   534  C CB  . LYS   A 1 63  ? -2.072  -16.131 7.019   1.00 26.38  ? 69  LYS   B CB  1 
ATOM   535  C CG  . LYS   A 1 63  ? -2.171  -16.432 8.511   1.00 27.24  ? 69  LYS   B CG  1 
ATOM   536  C CD  . LYS   A 1 63  ? -1.227  -17.556 8.993   1.00 33.50  ? 69  LYS   B CD  1 
ATOM   537  C CE  . LYS   A 1 63  ? -1.415  -17.900 10.455  1.00 37.68  ? 69  LYS   B CE  1 
ATOM   538  N NZ  . LYS   A 1 63  ? -0.236  -18.619 11.005  1.00 42.40  ? 69  LYS   B NZ  1 
ATOM   539  N N   . MET   A 1 64  ? -2.435  -13.667 4.646   1.00 21.01  ? 70  MET   B N   1 
ATOM   540  C CA  . MET   A 1 64  ? -2.302  -13.168 3.252   1.00 21.36  ? 70  MET   B CA  1 
ATOM   541  C C   . MET   A 1 64  ? -0.899  -12.556 3.097   1.00 18.60  ? 70  MET   B C   1 
ATOM   542  O O   . MET   A 1 64  ? -0.406  -11.933 4.030   1.00 19.39  ? 70  MET   B O   1 
ATOM   543  C CB  . MET   A 1 64  ? -3.319  -12.069 2.966   1.00 23.09  ? 70  MET   B CB  1 
ATOM   544  C CG  . MET   A 1 64  ? -4.740  -12.524 2.781   1.00 25.04  ? 70  MET   B CG  1 
ATOM   545  S SD  . MET   A 1 64  ? -5.593  -13.203 4.284   1.00 28.30  ? 70  MET   B SD  1 
ATOM   546  C CE  . MET   A 1 64  ? -5.479  -11.838 5.440   1.00 29.45  ? 70  MET   B CE  1 
ATOM   547  N N   . TYR   A 1 65  ? -0.279  -12.778 1.966   1.00 18.51  ? 71  TYR   B N   1 
ATOM   548  C CA  . TYR   A 1 65  ? 1.070   -12.230 1.689   1.00 19.39  ? 71  TYR   B CA  1 
ATOM   549  C C   . TYR   A 1 65  ? 1.113   -11.790 0.234   1.00 19.44  ? 71  TYR   B C   1 
ATOM   550  O O   . TYR   A 1 65  ? 0.641   -12.520 -0.659  1.00 20.73  ? 71  TYR   B O   1 
ATOM   551  C CB  . TYR   A 1 65  ? 2.127   -13.296 1.964   1.00 20.44  ? 71  TYR   B CB  1 
ATOM   552  C CG  . TYR   A 1 65  ? 3.534   -12.823 1.720   1.00 19.59  ? 71  TYR   B CG  1 
ATOM   553  C CD1 . TYR   A 1 65  ? 4.211   -12.038 2.640   1.00 20.93  ? 71  TYR   B CD1 1 
ATOM   554  C CD2 . TYR   A 1 65  ? 4.161   -13.128 0.523   1.00 20.37  ? 71  TYR   B CD2 1 
ATOM   555  C CE1 . TYR   A 1 65  ? 5.496   -11.558 2.393   1.00 19.48  ? 71  TYR   B CE1 1 
ATOM   556  C CE2 . TYR   A 1 65  ? 5.455   -12.695 0.280   1.00 20.07  ? 71  TYR   B CE2 1 
ATOM   557  C CZ  . TYR   A 1 65  ? 6.095   -11.878 1.183   1.00 19.86  ? 71  TYR   B CZ  1 
ATOM   558  O OH  . TYR   A 1 65  ? 7.351   -11.468 0.882   1.00 20.84  ? 71  TYR   B OH  1 
ATOM   559  N N   . TRP   A 1 66  ? 1.646   -10.608 -0.027  1.00 16.91  ? 72  TRP   B N   1 
ATOM   560  C CA  . TRP   A 1 66  ? 1.964   -10.176 -1.405  1.00 16.89  ? 72  TRP   B CA  1 
ATOM   561  C C   . TRP   A 1 66  ? 3.236   -9.301  -1.434  1.00 17.42  ? 72  TRP   B C   1 
ATOM   562  O O   . TRP   A 1 66  ? 3.732   -8.887  -0.357  1.00 16.86  ? 72  TRP   B O   1 
ATOM   563  C CB  . TRP   A 1 66  ? 0.741   -9.470  -2.051  1.00 16.38  ? 72  TRP   B CB  1 
ATOM   564  C CG  . TRP   A 1 66  ? 0.286   -8.207  -1.391  1.00 15.43  ? 72  TRP   B CG  1 
ATOM   565  C CD1 . TRP   A 1 66  ? 0.626   -6.913  -1.729  1.00 15.33  ? 72  TRP   B CD1 1 
ATOM   566  C CD2 . TRP   A 1 66  ? -0.608  -8.071  -0.271  1.00 16.72  ? 72  TRP   B CD2 1 
ATOM   567  N NE1 . TRP   A 1 66  ? 0.001   -6.014  -0.897  1.00 16.35  ? 72  TRP   B NE1 1 
ATOM   568  C CE2 . TRP   A 1 66  ? -0.740  -6.694  0.014   1.00 16.25  ? 72  TRP   B CE2 1 
ATOM   569  C CE3 . TRP   A 1 66  ? -1.295  -9.000  0.524   1.00 18.86  ? 72  TRP   B CE3 1 
ATOM   570  C CZ2 . TRP   A 1 66  ? -1.547  -6.221  1.052   1.00 17.66  ? 72  TRP   B CZ2 1 
ATOM   571  C CZ3 . TRP   A 1 66  ? -2.122  -8.534  1.528   1.00 20.22  ? 72  TRP   B CZ3 1 
ATOM   572  C CH2 . TRP   A 1 66  ? -2.226  -7.176  1.795   1.00 19.24  ? 72  TRP   B CH2 1 
ATOM   573  N N   . GLU   A 1 67  ? 3.776   -9.061  -2.628  1.00 16.12  ? 73  GLU   B N   1 
ATOM   574  C CA  . GLU   A 1 67  ? 5.036   -8.296  -2.801  1.00 16.00  ? 73  GLU   B CA  1 
ATOM   575  C C   . GLU   A 1 67  ? 4.812   -7.182  -3.812  1.00 16.85  ? 73  GLU   B C   1 
ATOM   576  O O   . GLU   A 1 67  ? 4.067   -7.397  -4.780  1.00 16.74  ? 73  GLU   B O   1 
ATOM   577  C CB  . GLU   A 1 67  ? 6.204   -9.181  -3.218  1.00 17.43  ? 73  GLU   B CB  1 
ATOM   578  C CG  . GLU   A 1 67  ? 6.611   -10.142 -2.089  1.00 20.31  ? 73  GLU   B CG  1 
ATOM   579  C CD  . GLU   A 1 67  ? 7.785   -11.053 -2.393  1.00 24.43  ? 73  GLU   B CD  1 
ATOM   580  O OE1 . GLU   A 1 67  ? 8.287   -11.009 -3.565  1.00 24.61  ? 73  GLU   B OE1 1 
ATOM   581  O OE2 . GLU   A 1 67  ? 8.215   -11.818 -1.470  1.00 23.99  ? 73  GLU   B OE2 1 
ATOM   582  N N   . VAL   A 1 68  ? 5.433   -6.045  -3.538  1.00 16.11  ? 74  VAL   B N   1 
ATOM   583  C CA  . VAL   A 1 68  ? 5.363   -4.856  -4.413  1.00 16.41  ? 74  VAL   B CA  1 
ATOM   584  C C   . VAL   A 1 68  ? 6.771   -4.369  -4.770  1.00 16.57  ? 74  VAL   B C   1 
ATOM   585  O O   . VAL   A 1 68  ? 7.641   -4.213  -3.874  1.00 15.98  ? 74  VAL   B O   1 
ATOM   586  C CB  . VAL   A 1 68  ? 4.567   -3.728  -3.749  1.00 16.50  ? 74  VAL   B CB  1 
ATOM   587  C CG1 . VAL   A 1 68  ? 4.364   -2.574  -4.721  1.00 16.43  ? 74  VAL   B CG1 1 
ATOM   588  C CG2 . VAL   A 1 68  ? 3.237   -4.225  -3.232  1.00 17.82  ? 74  VAL   B CG2 1 
ATOM   589  N N   . ASP   A 1 69  ? 6.962   -4.089  -6.067  1.00 17.14  ? 75  ASP   B N   1 
ATOM   590  C CA  . ASP   A 1 69  ? 8.189   -3.471  -6.599  1.00 17.36  ? 75  ASP   B CA  1 
ATOM   591  C C   . ASP   A 1 69  ? 8.108   -1.953  -6.517  1.00 16.02  ? 75  ASP   B C   1 
ATOM   592  O O   . ASP   A 1 69  ? 7.082   -1.361  -6.972  1.00 17.80  ? 75  ASP   B O   1 
ATOM   593  C CB  . ASP   A 1 69  ? 8.416   -3.936  -8.040  1.00 19.17  ? 75  ASP   B CB  1 
ATOM   594  C CG  . ASP   A 1 69  ? 9.806   -3.569  -8.549  1.00 23.26  ? 75  ASP   B CG  1 
ATOM   595  O OD1 . ASP   A 1 69  ? 10.124  -2.393  -8.613  1.00 25.55  ? 75  ASP   B OD1 1 
ATOM   596  O OD2 . ASP   A 1 69  ? 10.589  -4.474  -8.784  1.00 34.88  ? 75  ASP   B OD2 1 
ATOM   597  N N   . VAL   A 1 70  ? 9.082   -1.351  -5.820  1.00 16.83  ? 76  VAL   B N   1 
ATOM   598  C CA  . VAL   A 1 70  ? 9.192   0.108   -5.600  1.00 17.49  ? 76  VAL   B CA  1 
ATOM   599  C C   . VAL   A 1 70  ? 10.443  0.677   -6.286  1.00 18.72  ? 76  VAL   B C   1 
ATOM   600  O O   . VAL   A 1 70  ? 10.790  1.798   -5.995  1.00 18.76  ? 76  VAL   B O   1 
ATOM   601  C CB  . VAL   A 1 70  ? 9.139   0.445   -4.094  1.00 16.33  ? 76  VAL   B CB  1 
ATOM   602  C CG1 . VAL   A 1 70  ? 7.803   -0.043  -3.495  1.00 17.87  ? 76  VAL   B CG1 1 
ATOM   603  C CG2 . VAL   A 1 70  ? 10.309  -0.115  -3.278  1.00 17.87  ? 76  VAL   B CG2 1 
ATOM   604  N N   . THR   A 1 71  ? 11.065  -0.063  -7.203  1.00 18.37  ? 77  THR   B N   1 
ATOM   605  C CA  . THR   A 1 71  ? 12.305  0.374   -7.889  1.00 18.27  ? 77  THR   B CA  1 
ATOM   606  C C   . THR   A 1 71  ? 12.157  1.804   -8.413  1.00 19.41  ? 77  THR   B C   1 
ATOM   607  O O   . THR   A 1 71  ? 11.139  2.112   -9.072  1.00 19.73  ? 77  THR   B O   1 
ATOM   608  C CB  . THR   A 1 71  ? 12.621  -0.568  -9.052  1.00 19.81  ? 77  THR   B CB  1 
ATOM   609  O OG1 . THR   A 1 71  ? 12.872  -1.888  -8.556  1.00 25.53  ? 77  THR   B OG1 1 
ATOM   610  C CG2 . THR   A 1 71  ? 13.871  -0.073  -9.757  1.00 25.37  ? 77  THR   B CG2 1 
ATOM   611  N N   . GLN   A 1 72  ? 13.189  2.606   -8.166  1.00 21.84  ? 78  GLN   B N   1 
ATOM   612  C CA  . GLN   A 1 72  ? 13.470  3.999   -8.630  1.00 27.45  ? 78  GLN   B CA  1 
ATOM   613  C C   . GLN   A 1 72  ? 12.402  4.997   -8.184  1.00 26.27  ? 78  GLN   B C   1 
ATOM   614  O O   . GLN   A 1 72  ? 12.450  6.128   -8.642  1.00 28.39  ? 78  GLN   B O   1 
ATOM   615  C CB  . GLN   A 1 72  ? 13.819  4.030   -10.120 1.00 36.22  ? 78  GLN   B CB  1 
ATOM   616  C CG  . GLN   A 1 72  ? 12.701  3.632   -11.063 1.00 43.36  ? 78  GLN   B CG  1 
ATOM   617  C CD  . GLN   A 1 72  ? 12.667  4.394   -12.370 1.00 50.70  ? 78  GLN   B CD  1 
ATOM   618  O OE1 . GLN   A 1 72  ? 12.341  3.838   -13.419 1.00 54.43  ? 78  GLN   B OE1 1 
ATOM   619  N NE2 . GLN   A 1 72  ? 12.892  5.698   -12.308 1.00 55.68  ? 78  GLN   B NE2 1 
ATOM   620  N N   . LYS   A 1 73  ? 11.553  4.676   -7.214  1.00 18.09  ? 79  LYS   B N   1 
ATOM   621  C CA  . LYS   A 1 73  ? 10.597  5.672   -6.696  1.00 17.82  ? 79  LYS   B CA  1 
ATOM   622  C C   . LYS   A 1 73  ? 11.194  6.471   -5.527  1.00 16.75  ? 79  LYS   B C   1 
ATOM   623  O O   . LYS   A 1 73  ? 11.999  5.900   -4.742  1.00 20.90  ? 79  LYS   B O   1 
ATOM   624  C CB  . LYS   A 1 73  ? 9.306   4.958   -6.293  1.00 19.96  ? 79  LYS   B CB  1 
ATOM   625  C CG  . LYS   A 1 73  ? 8.499   4.423   -7.479  1.00 20.74  ? 79  LYS   B CG  1 
ATOM   626  C CD  . LYS   A 1 73  ? 7.096   4.022   -7.153  1.00 22.22  ? 79  LYS   B CD  1 
ATOM   627  C CE  . LYS   A 1 73  ? 6.165   5.162   -6.818  1.00 18.29  ? 79  LYS   B CE  1 
ATOM   628  N NZ  . LYS   A 1 73  ? 6.052   6.214   -7.878  1.00 16.72  ? 79  LYS   B NZ  1 
ATOM   629  N N   . GLU   A 1 74  ? 10.892  7.749   -5.488  1.00 15.88  ? 80  GLU   B N   1 
ATOM   630  C CA  . GLU   A 1 74  ? 11.283  8.678   -4.420  1.00 15.12  ? 80  GLU   B CA  1 
ATOM   631  C C   . GLU   A 1 74  ? 10.265  8.736   -3.288  1.00 14.76  ? 80  GLU   B C   1 
ATOM   632  O O   . GLU   A 1 74  ? 10.578  9.255   -2.204  1.00 16.01  ? 80  GLU   B O   1 
ATOM   633  C CB  . GLU   A 1 74  ? 11.439  10.091  -5.003  1.00 18.03  ? 80  GLU   B CB  1 
ATOM   634  C CG  . GLU   A 1 74  ? 12.468  10.165  -6.107  1.00 20.66  ? 80  GLU   B CG  1 
ATOM   635  C CD  . GLU   A 1 74  ? 12.559  11.598  -6.646  1.00 22.24  ? 80  GLU   B CD  1 
ATOM   636  O OE1 . GLU   A 1 74  ? 13.572  11.894  -7.283  1.00 26.46  ? 80  GLU   B OE1 1 
ATOM   637  O OE2 . GLU   A 1 74  ? 11.587  12.376  -6.491  1.00 25.04  ? 80  GLU   B OE2 1 
ATOM   638  N N   . ALA   A 1 75  ? 9.000   8.372   -3.574  1.00 14.73  ? 81  ALA   B N   1 
ATOM   639  C CA  . ALA   A 1 75  ? 7.930   8.510   -2.567  1.00 13.81  ? 81  ALA   B CA  1 
ATOM   640  C C   . ALA   A 1 75  ? 6.818   7.516   -2.871  1.00 15.85  ? 81  ALA   B C   1 
ATOM   641  O O   . ALA   A 1 75  ? 6.510   7.306   -4.050  1.00 14.21  ? 81  ALA   B O   1 
ATOM   642  C CB  . ALA   A 1 75  ? 7.378   9.913   -2.532  1.00 15.35  ? 81  ALA   B CB  1 
ATOM   643  N N   . TRP   A 1 76  ? 6.294   6.874   -1.832  1.00 14.23  ? 82  TRP   B N   1 
ATOM   644  C CA  . TRP   A 1 76  ? 5.190   5.869   -1.959  1.00 14.80  ? 82  TRP   B CA  1 
ATOM   645  C C   . TRP   A 1 76  ? 4.696   5.557   -0.559  1.00 14.17  ? 82  TRP   B C   1 
ATOM   646  O O   . TRP   A 1 76  ? 5.424   5.791   0.409   1.00 13.82  ? 82  TRP   B O   1 
ATOM   647  C CB  . TRP   A 1 76  ? 5.635   4.585   -2.672  1.00 15.59  ? 82  TRP   B CB  1 
ATOM   648  C CG  . TRP   A 1 76  ? 6.912   3.960   -2.191  1.00 15.16  ? 82  TRP   B CG  1 
ATOM   649  C CD1 . TRP   A 1 76  ? 8.148   4.086   -2.761  1.00 16.27  ? 82  TRP   B CD1 1 
ATOM   650  C CD2 . TRP   A 1 76  ? 7.140   3.122   -1.035  1.00 14.98  ? 82  TRP   B CD2 1 
ATOM   651  N NE1 . TRP   A 1 76  ? 9.107   3.397   -2.071  1.00 16.72  ? 82  TRP   B NE1 1 
ATOM   652  C CE2 . TRP   A 1 76  ? 8.528   2.838   -0.958  1.00 15.61  ? 82  TRP   B CE2 1 
ATOM   653  C CE3 . TRP   A 1 76  ? 6.292   2.671   -0.007  1.00 15.81  ? 82  TRP   B CE3 1 
ATOM   654  C CZ2 . TRP   A 1 76  ? 9.076   2.006   0.008   1.00 16.38  ? 82  TRP   B CZ2 1 
ATOM   655  C CZ3 . TRP   A 1 76  ? 6.855   1.879   0.973   1.00 15.88  ? 82  TRP   B CZ3 1 
ATOM   656  C CH2 . TRP   A 1 76  ? 8.233   1.608   1.014   1.00 17.74  ? 82  TRP   B CH2 1 
ATOM   657  N N   . ASP   A 1 77  ? 3.484   5.029   -0.469  1.00 14.46  ? 83  ASP   B N   1 
ATOM   658  C CA  . ASP   A 1 77  ? 2.925   4.427   0.762   1.00 15.10  ? 83  ASP   B CA  1 
ATOM   659  C C   . ASP   A 1 77  ? 2.408   3.029   0.374   1.00 14.24  ? 83  ASP   B C   1 
ATOM   660  O O   . ASP   A 1 77  ? 1.814   2.888   -0.708  1.00 14.56  ? 83  ASP   B O   1 
ATOM   661  C CB  . ASP   A 1 77  ? 1.765   5.228   1.379   1.00 15.83  ? 83  ASP   B CB  1 
ATOM   662  C CG  . ASP   A 1 77  ? 1.841   6.739   1.446   1.00 18.69  ? 83  ASP   B CG  1 
ATOM   663  O OD1 . ASP   A 1 77  ? 2.914   7.219   1.674   1.00 22.70  ? 83  ASP   B OD1 1 
ATOM   664  O OD2 . ASP   A 1 77  ? 0.783   7.403   1.291   1.00 21.69  ? 83  ASP   B OD2 1 
ATOM   665  N N   . LEU   A 1 78  ? 2.556   2.027   1.237   1.00 13.47  ? 84  LEU   B N   1 
ATOM   666  C CA  . LEU   A 1 78  ? 2.098   0.647   1.047   1.00 13.67  ? 84  LEU   B CA  1 
ATOM   667  C C   . LEU   A 1 78  ? 1.520   0.136   2.363   1.00 12.96  ? 84  LEU   B C   1 
ATOM   668  O O   . LEU   A 1 78  ? 2.097   0.394   3.435   1.00 13.24  ? 84  LEU   B O   1 
ATOM   669  C CB  . LEU   A 1 78  ? 3.265   -0.225  0.584   1.00 14.56  ? 84  LEU   B CB  1 
ATOM   670  C CG  . LEU   A 1 78  ? 3.754   -0.060  -0.840  1.00 16.40  ? 84  LEU   B CG  1 
ATOM   671  C CD1 . LEU   A 1 78  ? 4.988   -0.939  -1.024  1.00 16.51  ? 84  LEU   B CD1 1 
ATOM   672  C CD2 . LEU   A 1 78  ? 2.669   -0.366  -1.846  1.00 17.29  ? 84  LEU   B CD2 1 
ATOM   673  N N   . GLY   A 1 79  ? 0.507   -0.708  2.231   1.00 12.01  ? 85  GLY   B N   1 
ATOM   674  C CA  . GLY   A 1 79  ? 0.070   -1.580  3.314   1.00 13.53  ? 85  GLY   B CA  1 
ATOM   675  C C   . GLY   A 1 79  ? -1.330  -2.099  3.076   1.00 11.44  ? 85  GLY   B C   1 
ATOM   676  O O   . GLY   A 1 79  ? -1.621  -2.583  1.993   1.00 12.29  ? 85  GLY   B O   1 
ATOM   677  N N   A VAL   A 1 80  ? -2.151  -2.038  4.122   0.25 12.47  ? 86  VAL   B N   1 
ATOM   678  N N   B VAL   A 1 80  ? -2.174  -1.989  4.093   0.25 12.31  ? 86  VAL   B N   1 
ATOM   679  C CA  A VAL   A 1 80  ? -3.586  -2.425  4.080   0.25 12.75  ? 86  VAL   B CA  1 
ATOM   680  C CA  B VAL   A 1 80  ? -3.570  -2.500  4.074   0.25 12.46  ? 86  VAL   B CA  1 
ATOM   681  C C   A VAL   A 1 80  ? -4.425  -1.325  4.727   0.25 12.72  ? 86  VAL   B C   1 
ATOM   682  C C   B VAL   A 1 80  ? -4.441  -1.468  4.808   0.25 12.70  ? 86  VAL   B C   1 
ATOM   683  O O   A VAL   A 1 80  ? -3.891  -0.465  5.477   0.25 12.13  ? 86  VAL   B O   1 
ATOM   684  O O   B VAL   A 1 80  ? -3.921  -0.756  5.690   0.25 13.04  ? 86  VAL   B O   1 
ATOM   685  C CB  A VAL   A 1 80  ? -3.832  -3.778  4.771   0.25 14.04  ? 86  VAL   B CB  1 
ATOM   686  C CB  B VAL   A 1 80  ? -3.606  -3.908  4.706   0.25 13.24  ? 86  VAL   B CB  1 
ATOM   687  C CG1 A VAL   A 1 80  ? -3.326  -4.919  3.924   0.25 14.35  ? 86  VAL   B CG1 1 
ATOM   688  C CG1 B VAL   A 1 80  ? -3.553  -3.812  6.220   0.25 13.34  ? 86  VAL   B CG1 1 
ATOM   689  C CG2 A VAL   A 1 80  ? -3.214  -3.821  6.155   0.25 13.86  ? 86  VAL   B CG2 1 
ATOM   690  C CG2 B VAL   A 1 80  ? -4.810  -4.730  4.264   0.25 13.39  ? 86  VAL   B CG2 1 
ATOM   691  N N   . CYS   A 1 81  ? -5.725  -1.357  4.450   1.00 12.63  ? 87  CYS   B N   1 
ATOM   692  C CA  . CYS   A 1 81  ? -6.655  -0.432  5.120   1.00 13.84  ? 87  CYS   B CA  1 
ATOM   693  C C   . CYS   A 1 81  ? -8.042  -1.074  5.223   1.00 14.50  ? 87  CYS   B C   1 
ATOM   694  O O   . CYS   A 1 81  ? -8.355  -2.080  4.524   1.00 13.91  ? 87  CYS   B O   1 
ATOM   695  C CB  . CYS   A 1 81  ? -6.765  0.919   4.405   1.00 14.64  ? 87  CYS   B CB  1 
ATOM   696  S SG  . CYS   A 1 81  ? -7.446  0.809   2.729   1.00 15.99  ? 87  CYS   B SG  1 
ATOM   697  N N   A ARG   A 1 82  ? -8.862  -0.510  6.106   0.25 13.51  ? 88  ARG   B N   1 
ATOM   698  N N   B ARG   A 1 82  ? -8.864  -0.505  6.103   0.25 14.72  ? 88  ARG   B N   1 
ATOM   699  C CA  A ARG   A 1 82  ? -10.296 -0.868  6.186   0.25 14.27  ? 88  ARG   B CA  1 
ATOM   700  C CA  B ARG   A 1 82  ? -10.294 -0.871  6.258   0.25 16.36  ? 88  ARG   B CA  1 
ATOM   701  C C   A ARG   A 1 82  ? -10.966 -0.598  4.842   0.25 14.20  ? 88  ARG   B C   1 
ATOM   702  C C   B ARG   A 1 82  ? -11.055 -0.516  4.971   0.25 15.55  ? 88  ARG   B C   1 
ATOM   703  O O   A ARG   A 1 82  ? -10.612 0.355   4.135   0.25 13.43  ? 88  ARG   B O   1 
ATOM   704  O O   B ARG   A 1 82  ? -10.852 0.616   4.444   0.25 14.04  ? 88  ARG   B O   1 
ATOM   705  C CB  A ARG   A 1 82  ? -10.997 -0.092  7.300   0.25 14.17  ? 88  ARG   B CB  1 
ATOM   706  C CB  B ARG   A 1 82  ? -10.850 -0.147  7.492   0.25 17.90  ? 88  ARG   B CB  1 
ATOM   707  C CG  A ARG   A 1 82  ? -10.439 -0.427  8.669   0.25 13.50  ? 88  ARG   B CG  1 
ATOM   708  C CG  B ARG   A 1 82  ? -12.118 -0.761  8.056   0.25 19.35  ? 88  ARG   B CG  1 
ATOM   709  C CD  A ARG   A 1 82  ? -11.155 0.338   9.765   0.25 13.72  ? 88  ARG   B CD  1 
ATOM   710  C CD  B ARG   A 1 82  ? -12.572 -0.076  9.325   0.25 19.67  ? 88  ARG   B CD  1 
ATOM   711  N NE  A ARG   A 1 82  ? -10.570 0.127   11.079  0.25 12.83  ? 88  ARG   B NE  1 
ATOM   712  N NE  B ARG   A 1 82  ? -11.604 -0.155  10.407  0.25 21.02  ? 88  ARG   B NE  1 
ATOM   713  C CZ  A ARG   A 1 82  ? -10.521 1.054   12.029  0.25 12.86  ? 88  ARG   B CZ  1 
ATOM   714  C CZ  B ARG   A 1 82  ? -11.159 0.892   11.102  0.25 20.37  ? 88  ARG   B CZ  1 
ATOM   715  N NH1 A ARG   A 1 82  ? -10.964 2.280   11.800  0.25 13.52  ? 88  ARG   B NH1 1 
ATOM   716  N NH1 B ARG   A 1 82  ? -11.592 2.106   10.823  0.25 21.47  ? 88  ARG   B NH1 1 
ATOM   717  N NH2 A ARG   A 1 82  ? -9.961  0.764   13.189  0.25 13.31  ? 88  ARG   B NH2 1 
ATOM   718  N NH2 B ARG   A 1 82  ? -10.307 0.716   12.092  0.25 20.22  ? 88  ARG   B NH2 1 
ATOM   719  N N   . ASP   A 1 83  ? -11.976 -1.393  4.522   1.00 15.92  ? 89  ASP   B N   1 
ATOM   720  C CA  . ASP   A 1 83  ? -12.833 -1.112  3.336   1.00 18.67  ? 89  ASP   B CA  1 
ATOM   721  C C   . ASP   A 1 83  ? -13.563 0.213   3.558   1.00 21.02  ? 89  ASP   B C   1 
ATOM   722  O O   . ASP   A 1 83  ? -13.879 0.878   2.549   1.00 23.22  ? 89  ASP   B O   1 
ATOM   723  C CB  . ASP   A 1 83  ? -13.776 -2.294  3.108   1.00 22.86  ? 89  ASP   B CB  1 
ATOM   724  C CG  . ASP   A 1 83  ? -14.820 -2.541  4.169   1.00 32.28  ? 89  ASP   B CG  1 
ATOM   725  O OD1 . ASP   A 1 83  ? -14.735 -1.947  5.284   1.00 40.83  ? 89  ASP   B OD1 1 
ATOM   726  O OD2 . ASP   A 1 83  ? -15.763 -3.304  3.843   1.00 44.92  ? 89  ASP   B OD2 1 
ATOM   727  N N   . SER   A 1 84  ? -13.817 0.604   4.807   1.00 18.76  ? 90  SER   B N   1 
ATOM   728  C CA  . SER   A 1 84  ? -14.620 1.801   5.160   1.00 21.41  ? 90  SER   B CA  1 
ATOM   729  C C   . SER   A 1 84  ? -13.802 3.096   5.278   1.00 18.64  ? 90  SER   B C   1 
ATOM   730  O O   . SER   A 1 84  ? -14.321 4.071   5.765   1.00 18.64  ? 90  SER   B O   1 
ATOM   731  C CB  . SER   A 1 84  ? -15.438 1.537   6.433   1.00 22.26  ? 90  SER   B CB  1 
ATOM   732  O OG  . SER   A 1 84  ? -14.626 1.175   7.504   1.00 24.22  ? 90  SER   B OG  1 
ATOM   733  N N   . VAL   A 1 85  ? -12.513 3.127   4.912   1.00 17.07  ? 91  VAL   B N   1 
ATOM   734  C CA  . VAL   A 1 85  ? -11.708 4.362   5.061   1.00 16.26  ? 91  VAL   B CA  1 
ATOM   735  C C   . VAL   A 1 85  ? -12.355 5.491   4.262   1.00 16.42  ? 91  VAL   B C   1 
ATOM   736  O O   . VAL   A 1 85  ? -12.897 5.243   3.173   1.00 17.93  ? 91  VAL   B O   1 
ATOM   737  C CB  . VAL   A 1 85  ? -10.217 4.197   4.691   1.00 16.55  ? 91  VAL   B CB  1 
ATOM   738  C CG1 . VAL   A 1 85  ? -9.485  3.326   5.705   1.00 17.13  ? 91  VAL   B CG1 1 
ATOM   739  C CG2 . VAL   A 1 85  ? -9.984  3.773   3.261   1.00 16.19  ? 91  VAL   B CG2 1 
ATOM   740  N N   . GLN   A 1 86  ? -12.179 6.682   4.791   1.00 18.26  ? 92  GLN   B N   1 
ATOM   741  C CA  . GLN   A 1 86  ? -12.500 7.968   4.102   1.00 19.96  ? 92  GLN   B CA  1 
ATOM   742  C C   . GLN   A 1 86  ? -11.802 7.987   2.732   1.00 19.03  ? 92  GLN   B C   1 
ATOM   743  O O   . GLN   A 1 86  ? -10.590 7.688   2.654   1.00 18.78  ? 92  GLN   B O   1 
ATOM   744  C CB  . GLN   A 1 86  ? -12.028 9.092   5.025   1.00 21.20  ? 92  GLN   B CB  1 
ATOM   745  C CG  . GLN   A 1 86  ? -12.140 10.502  4.468   1.00 24.84  ? 92  GLN   B CG  1 
ATOM   746  C CD  . GLN   A 1 86  ? -11.546 11.510  5.428   1.00 28.70  ? 92  GLN   B CD  1 
ATOM   747  O OE1 . GLN   A 1 86  ? -11.238 11.219  6.603   1.00 29.83  ? 92  GLN   B OE1 1 
ATOM   748  N NE2 . GLN   A 1 86  ? -11.383 12.739  4.944   1.00 29.80  ? 92  GLN   B NE2 1 
ATOM   749  N N   . ARG   A 1 87  ? -12.504 8.473   1.713   1.00 18.94  ? 93  ARG   B N   1 
ATOM   750  C CA  . ARG   A 1 87  ? -11.989 8.582   0.321   1.00 16.84  ? 93  ARG   B CA  1 
ATOM   751  C C   . ARG   A 1 87  ? -11.793 10.059  -0.032  1.00 19.82  ? 93  ARG   B C   1 
ATOM   752  O O   . ARG   A 1 87  ? -10.946 10.311  -0.879  1.00 18.38  ? 93  ARG   B O   1 
ATOM   753  C CB  . ARG   A 1 87  ? -12.907 7.921   -0.703  1.00 18.20  ? 93  ARG   B CB  1 
ATOM   754  C CG  . ARG   A 1 87  ? -13.297 6.488   -0.391  1.00 17.65  ? 93  ARG   B CG  1 
ATOM   755  C CD  . ARG   A 1 87  ? -12.118 5.574   -0.161  1.00 19.42  ? 93  ARG   B CD  1 
ATOM   756  N NE  . ARG   A 1 87  ? -12.525 4.236   0.321   1.00 19.73  ? 93  ARG   B NE  1 
ATOM   757  C CZ  . ARG   A 1 87  ? -12.929 3.232   -0.422  1.00 19.74  ? 93  ARG   B CZ  1 
ATOM   758  N NH1 . ARG   A 1 87  ? -12.958 3.334   -1.733  1.00 20.18  ? 93  ARG   B NH1 1 
ATOM   759  N NH2 . ARG   A 1 87  ? -13.328 2.116   0.156   1.00 21.35  ? 93  ARG   B NH2 1 
ATOM   760  N N   . LYS   A 1 88  ? -12.557 10.982  0.560   1.00 19.29  ? 94  LYS   B N   1 
ATOM   761  C CA  . LYS   A 1 88  ? -12.586 12.380  0.068   1.00 19.55  ? 94  LYS   B CA  1 
ATOM   762  C C   . LYS   A 1 88  ? -11.935 13.307  1.074   1.00 22.21  ? 94  LYS   B C   1 
ATOM   763  O O   . LYS   A 1 88  ? -12.092 13.100  2.293   1.00 23.20  ? 94  LYS   B O   1 
ATOM   764  C CB  . LYS   A 1 88  ? -14.015 12.814  -0.266  1.00 20.97  ? 94  LYS   B CB  1 
ATOM   765  C CG  . LYS   A 1 88  ? -14.834 11.867  -1.134  1.00 21.25  ? 94  LYS   B CG  1 
ATOM   766  C CD  . LYS   A 1 88  ? -14.244 11.558  -2.498  1.00 22.03  ? 94  LYS   B CD  1 
ATOM   767  C CE  . LYS   A 1 88  ? -15.143 10.735  -3.363  1.00 21.99  ? 94  LYS   B CE  1 
ATOM   768  N NZ  . LYS   A 1 88  ? -14.484 10.483  -4.669  1.00 22.33  ? 94  LYS   B NZ  1 
ATOM   769  N N   . GLY   A 1 89  ? -11.266 14.331  0.576   1.00 20.79  ? 95  GLY   B N   1 
ATOM   770  C CA  . GLY   A 1 89  ? -10.612 15.322  1.413   1.00 21.75  ? 95  GLY   B CA  1 
ATOM   771  C C   . GLY   A 1 89  ? -9.312  14.869  2.040   1.00 24.51  ? 95  GLY   B C   1 
ATOM   772  O O   . GLY   A 1 89  ? -8.677  13.861  1.560   1.00 22.00  ? 95  GLY   B O   1 
ATOM   773  N N   . GLN   A 1 90  ? -8.872  15.619  3.037   1.00 24.29  ? 96  GLN   B N   1 
ATOM   774  C CA  . GLN   A 1 90  ? -7.551  15.440  3.665   1.00 26.69  ? 96  GLN   B CA  1 
ATOM   775  C C   . GLN   A 1 90  ? -7.696  14.506  4.865   1.00 24.52  ? 96  GLN   B C   1 
ATOM   776  O O   . GLN   A 1 90  ? -8.765  14.524  5.549   1.00 24.41  ? 96  GLN   B O   1 
ATOM   777  C CB  . GLN   A 1 90  ? -6.948  16.783  4.064   1.00 31.46  ? 96  GLN   B CB  1 
ATOM   778  C CG  . GLN   A 1 90  ? -6.738  17.716  2.891   1.00 34.30  ? 96  GLN   B CG  1 
ATOM   779  C CD  . GLN   A 1 90  ? -5.982  18.927  3.347   1.00 43.97  ? 96  GLN   B CD  1 
ATOM   780  O OE1 . GLN   A 1 90  ? -4.880  19.207  2.873   1.00 56.17  ? 96  GLN   B OE1 1 
ATOM   781  N NE2 . GLN   A 1 90  ? -6.551  19.605  4.333   1.00 45.96  ? 96  GLN   B NE2 1 
ATOM   782  N N   . PHE   A 1 91  ? -6.709  13.643  5.043   1.00 20.46  ? 97  PHE   B N   1 
ATOM   783  C CA  . PHE   A 1 91  ? -6.637  12.720  6.198   1.00 20.96  ? 97  PHE   B CA  1 
ATOM   784  C C   . PHE   A 1 91  ? -5.210  12.243  6.364   1.00 20.70  ? 97  PHE   B C   1 
ATOM   785  O O   . PHE   A 1 91  ? -4.403  12.290  5.419   1.00 22.29  ? 97  PHE   B O   1 
ATOM   786  C CB  . PHE   A 1 91  ? -7.587  11.540  6.007   1.00 20.42  ? 97  PHE   B CB  1 
ATOM   787  C CG  . PHE   A 1 91  ? -7.335  10.762  4.743   1.00 19.05  ? 97  PHE   B CG  1 
ATOM   788  C CD1 . PHE   A 1 91  ? -6.401  9.743   4.732   1.00 19.66  ? 97  PHE   B CD1 1 
ATOM   789  C CD2 . PHE   A 1 91  ? -8.112  10.956  3.612   1.00 20.17  ? 97  PHE   B CD2 1 
ATOM   790  C CE1 . PHE   A 1 91  ? -6.166  9.015   3.584   1.00 19.24  ? 97  PHE   B CE1 1 
ATOM   791  C CE2 . PHE   A 1 91  ? -7.915  10.193  2.473   1.00 19.47  ? 97  PHE   B CE2 1 
ATOM   792  C CZ  . PHE   A 1 91  ? -6.961  9.196   2.472   1.00 20.34  ? 97  PHE   B CZ  1 
ATOM   793  N N   A SER   A 1 92  ? -4.871  11.784  7.569   0.25 21.94  ? 98  SER   B N   1 
ATOM   794  N N   B SER   A 1 92  ? -4.904  11.788  7.582   0.25 20.79  ? 98  SER   B N   1 
ATOM   795  C CA  A SER   A 1 92  ? -3.539  11.203  7.874   0.25 22.06  ? 98  SER   B CA  1 
ATOM   796  C CA  B SER   A 1 92  ? -3.607  11.171  7.959   0.25 20.27  ? 98  SER   B CA  1 
ATOM   797  C C   A SER   A 1 92  ? -3.638  9.673   7.849   0.25 21.24  ? 98  SER   B C   1 
ATOM   798  C C   B SER   A 1 92  ? -3.696  9.653   7.742   0.25 19.83  ? 98  SER   B C   1 
ATOM   799  O O   A SER   A 1 92  ? -4.699  9.134   8.184   0.25 21.79  ? 98  SER   B O   1 
ATOM   800  O O   B SER   A 1 92  ? -4.837  9.112   7.760   0.25 18.40  ? 98  SER   B O   1 
ATOM   801  C CB  A SER   A 1 92  ? -3.025  11.701  9.192   0.25 25.50  ? 98  SER   B CB  1 
ATOM   802  C CB  B SER   A 1 92  ? -3.249  11.528  9.387   0.25 21.88  ? 98  SER   B CB  1 
ATOM   803  O OG  A SER   A 1 92  ? -3.957  11.409  10.212  0.25 27.59  ? 98  SER   B OG  1 
ATOM   804  O OG  B SER   A 1 92  ? -2.969  12.921  9.489   0.25 22.71  ? 98  SER   B OG  1 
ATOM   805  N N   . LEU   A 1 93  ? -2.555  9.018   7.436   1.00 19.61  ? 99  LEU   B N   1 
ATOM   806  C CA  . LEU   A 1 93  ? -2.452  7.540   7.447   1.00 20.30  ? 99  LEU   B CA  1 
ATOM   807  C C   . LEU   A 1 93  ? -2.110  7.106   8.867   1.00 21.12  ? 99  LEU   B C   1 
ATOM   808  O O   . LEU   A 1 93  ? -0.973  7.270   9.328   1.00 21.50  ? 99  LEU   B O   1 
ATOM   809  C CB  . LEU   A 1 93  ? -1.378  7.071   6.472   1.00 20.47  ? 99  LEU   B CB  1 
ATOM   810  C CG  . LEU   A 1 93  ? -1.622  7.336   5.002   1.00 21.25  ? 99  LEU   B CG  1 
ATOM   811  C CD1 . LEU   A 1 93  ? -0.400  6.852   4.216   1.00 23.18  ? 99  LEU   B CD1 1 
ATOM   812  C CD2 . LEU   A 1 93  ? -2.908  6.704   4.480   1.00 24.50  ? 99  LEU   B CD2 1 
ATOM   813  N N   . SER   A 1 94  ? -3.071  6.518   9.585   1.00 18.39  ? 100 SER   B N   1 
ATOM   814  C CA  . SER   A 1 94  ? -2.886  6.092   10.979  1.00 18.49  ? 100 SER   B CA  1 
ATOM   815  C C   . SER   A 1 94  ? -3.819  4.918   11.211  1.00 17.13  ? 100 SER   B C   1 
ATOM   816  O O   . SER   A 1 94  ? -4.897  4.848   10.585  1.00 16.51  ? 100 SER   B O   1 
ATOM   817  C CB  . SER   A 1 94  ? -3.188  7.188   11.990  1.00 21.13  ? 100 SER   B CB  1 
ATOM   818  O OG  . SER   A 1 94  ? -4.570  7.533   11.927  1.00 24.03  ? 100 SER   B OG  1 
ATOM   819  N N   . PRO   A 1 95  ? -3.521  4.057   12.192  1.00 16.68  ? 101 PRO   B N   1 
ATOM   820  C CA  . PRO   A 1 95  ? -4.436  2.985   12.557  1.00 16.38  ? 101 PRO   B CA  1 
ATOM   821  C C   . PRO   A 1 95  ? -5.782  3.558   13.043  1.00 17.36  ? 101 PRO   B C   1 
ATOM   822  O O   . PRO   A 1 95  ? -6.799  2.922   12.775  1.00 17.43  ? 101 PRO   B O   1 
ATOM   823  C CB  . PRO   A 1 95  ? -3.664  2.203   13.639  1.00 17.68  ? 101 PRO   B CB  1 
ATOM   824  C CG  . PRO   A 1 95  ? -2.225  2.456   13.258  1.00 17.83  ? 101 PRO   B CG  1 
ATOM   825  C CD  . PRO   A 1 95  ? -2.244  3.911   12.872  1.00 17.12  ? 101 PRO   B CD  1 
ATOM   826  N N   . GLU   A 1 96  ? -5.793  4.732   13.694  1.00 19.81  ? 102 GLU   B N   1 
ATOM   827  C CA  . GLU   A 1 96  ? -7.093  5.337   14.144  1.00 22.99  ? 102 GLU   B CA  1 
ATOM   828  C C   . GLU   A 1 96  ? -8.000  5.647   12.951  1.00 23.02  ? 102 GLU   B C   1 
ATOM   829  O O   . GLU   A 1 96  ? -9.228  5.489   13.067  1.00 23.53  ? 102 GLU   B O   1 
ATOM   830  C CB  . GLU   A 1 96  ? -6.891  6.586   15.003  1.00 30.97  ? 102 GLU   B CB  1 
ATOM   831  C CG  . GLU   A 1 96  ? -5.863  6.365   16.098  1.00 39.95  ? 102 GLU   B CG  1 
ATOM   832  C CD  . GLU   A 1 96  ? -4.447  6.807   15.743  1.00 47.35  ? 102 GLU   B CD  1 
ATOM   833  O OE1 . GLU   A 1 96  ? -3.613  5.931   15.372  1.00 31.06  ? 102 GLU   B OE1 1 
ATOM   834  O OE2 . GLU   A 1 96  ? -4.175  8.045   15.851  1.00 57.34  ? 102 GLU   B OE2 1 
ATOM   835  N N   . ASN   A 1 97  ? -7.430  6.002   11.785  1.00 19.20  ? 103 ASN   B N   1 
ATOM   836  C CA  . ASN   A 1 97  ? -8.180  6.277   10.539  1.00 18.71  ? 103 ASN   B CA  1 
ATOM   837  C C   . ASN   A 1 97  ? -8.326  5.021   9.676   1.00 17.16  ? 103 ASN   B C   1 
ATOM   838  O O   . ASN   A 1 97  ? -8.986  5.101   8.627   1.00 18.82  ? 103 ASN   B O   1 
ATOM   839  C CB  . ASN   A 1 97  ? -7.492  7.396   9.730   1.00 19.13  ? 103 ASN   B CB  1 
ATOM   840  C CG  . ASN   A 1 97  ? -7.661  8.767   10.344  1.00 23.57  ? 103 ASN   B CG  1 
ATOM   841  O OD1 . ASN   A 1 97  ? -8.582  8.988   11.160  1.00 24.81  ? 103 ASN   B OD1 1 
ATOM   842  N ND2 . ASN   A 1 97  ? -6.775  9.696   9.996   1.00 23.90  ? 103 ASN   B ND2 1 
ATOM   843  N N   . GLY   A 1 98  ? -7.882  3.844   10.144  1.00 15.99  ? 104 GLY   B N   1 
ATOM   844  C CA  . GLY   A 1 98  ? -8.080  2.566   9.452   1.00 15.00  ? 104 GLY   B CA  1 
ATOM   845  C C   . GLY   A 1 98  ? -6.991  2.201   8.465   1.00 14.91  ? 104 GLY   B C   1 
ATOM   846  O O   . GLY   A 1 98  ? -7.260  1.458   7.567   1.00 14.57  ? 104 GLY   B O   1 
ATOM   847  N N   . PHE   A 1 99  ? -5.757  2.700   8.667   1.00 15.36  ? 105 PHE   B N   1 
ATOM   848  C CA  . PHE   A 1 99  ? -4.627  2.365   7.761   1.00 14.30  ? 105 PHE   B CA  1 
ATOM   849  C C   . PHE   A 1 99  ? -3.470  1.734   8.529   1.00 13.03  ? 105 PHE   B C   1 
ATOM   850  O O   . PHE   A 1 99  ? -3.124  2.270   9.609   1.00 15.22  ? 105 PHE   B O   1 
ATOM   851  C CB  . PHE   A 1 99  ? -4.068  3.626   7.080   1.00 15.15  ? 105 PHE   B CB  1 
ATOM   852  C CG  . PHE   A 1 99  ? -5.077  4.352   6.213   1.00 15.03  ? 105 PHE   B CG  1 
ATOM   853  C CD1 . PHE   A 1 99  ? -5.924  5.309   6.737   1.00 15.16  ? 105 PHE   B CD1 1 
ATOM   854  C CD2 . PHE   A 1 99  ? -5.189  4.055   4.859   1.00 15.84  ? 105 PHE   B CD2 1 
ATOM   855  C CE1 . PHE   A 1 99  ? -6.871  5.946   5.937   1.00 16.09  ? 105 PHE   B CE1 1 
ATOM   856  C CE2 . PHE   A 1 99  ? -6.114  4.704   4.062   1.00 16.35  ? 105 PHE   B CE2 1 
ATOM   857  C CZ  . PHE   A 1 99  ? -6.939  5.660   4.594   1.00 15.54  ? 105 PHE   B CZ  1 
ATOM   858  N N   . TRP   A 1 100 ? -2.842  0.705   7.972   1.00 12.27  ? 106 TRP   B N   1 
ATOM   859  C CA  . TRP   A 1 100 ? -1.637  0.046   8.528   1.00 12.07  ? 106 TRP   B CA  1 
ATOM   860  C C   . TRP   A 1 100 ? -0.578  0.031   7.427   1.00 11.98  ? 106 TRP   B C   1 
ATOM   861  O O   . TRP   A 1 100 ? -0.653  -0.809  6.485   1.00 13.04  ? 106 TRP   B O   1 
ATOM   862  C CB  . TRP   A 1 100 ? -1.947  -1.366  9.071   1.00 12.40  ? 106 TRP   B CB  1 
ATOM   863  C CG  . TRP   A 1 100 ? -2.892  -1.283  10.227  1.00 13.17  ? 106 TRP   B CG  1 
ATOM   864  C CD1 . TRP   A 1 100 ? -2.611  -1.206  11.559  1.00 14.60  ? 106 TRP   B CD1 1 
ATOM   865  C CD2 . TRP   A 1 100 ? -4.342  -1.287  10.123  1.00 14.06  ? 106 TRP   B CD2 1 
ATOM   866  N NE1 . TRP   A 1 100 ? -3.776  -1.102  12.291  1.00 15.57  ? 106 TRP   B NE1 1 
ATOM   867  C CE2 . TRP   A 1 100 ? -4.845  -1.121  11.432  1.00 15.12  ? 106 TRP   B CE2 1 
ATOM   868  C CE3 . TRP   A 1 100 ? -5.218  -1.331  9.044   1.00 14.56  ? 106 TRP   B CE3 1 
ATOM   869  C CZ2 . TRP   A 1 100 ? -6.223  -1.051  11.687  1.00 15.34  ? 106 TRP   B CZ2 1 
ATOM   870  C CZ3 . TRP   A 1 100 ? -6.569  -1.278  9.314   1.00 15.06  ? 106 TRP   B CZ3 1 
ATOM   871  C CH2 . TRP   A 1 100 ? -7.053  -1.100  10.601  1.00 14.78  ? 106 TRP   B CH2 1 
ATOM   872  N N   . THR   A 1 101 ? 0.281   1.077   7.444   1.00 13.02  ? 107 THR   B N   1 
ATOM   873  C CA  . THR   A 1 101 ? 1.129   1.404   6.269   1.00 13.69  ? 107 THR   B CA  1 
ATOM   874  C C   . THR   A 1 101 ? 2.575   1.761   6.676   1.00 12.45  ? 107 THR   B C   1 
ATOM   875  O O   . THR   A 1 101 ? 2.793   2.170   7.829   1.00 13.10  ? 107 THR   B O   1 
ATOM   876  C CB  . THR   A 1 101 ? 0.557   2.578   5.469   1.00 13.29  ? 107 THR   B CB  1 
ATOM   877  O OG1 . THR   A 1 101 ? 0.553   3.736   6.280   1.00 15.60  ? 107 THR   B OG1 1 
ATOM   878  C CG2 . THR   A 1 101 ? -0.857  2.253   5.000   1.00 13.63  ? 107 THR   B CG2 1 
ATOM   879  N N   . ILE   A 1 102 ? 3.476   1.659   5.705   1.00 12.70  ? 108 ILE   B N   1 
ATOM   880  C CA  . ILE   A 1 102 ? 4.821   2.297   5.793   1.00 12.71  ? 108 ILE   B CA  1 
ATOM   881  C C   . ILE   A 1 102 ? 4.969   3.136   4.519   1.00 14.19  ? 108 ILE   B C   1 
ATOM   882  O O   . ILE   A 1 102 ? 4.194   2.987   3.550   1.00 13.19  ? 108 ILE   B O   1 
ATOM   883  C CB  . ILE   A 1 102 ? 5.946   1.249   5.940   1.00 14.03  ? 108 ILE   B CB  1 
ATOM   884  C CG1 . ILE   A 1 102 ? 6.107   0.415   4.660   1.00 13.89  ? 108 ILE   B CG1 1 
ATOM   885  C CG2 . ILE   A 1 102 ? 5.709   0.405   7.184   1.00 14.68  ? 108 ILE   B CG2 1 
ATOM   886  C CD1 . ILE   A 1 102 ? 7.360   -0.427  4.612   1.00 15.19  ? 108 ILE   B CD1 1 
ATOM   887  N N   . TRP   A 1 103 ? 5.939   4.014   4.564   1.00 14.77  ? 109 TRP   B N   1 
ATOM   888  C CA  . TRP   A 1 103 ? 6.228   4.910   3.422   1.00 14.36  ? 109 TRP   B CA  1 
ATOM   889  C C   . TRP   A 1 103 ? 7.674   5.309   3.327   1.00 15.19  ? 109 TRP   B C   1 
ATOM   890  O O   . TRP   A 1 103 ? 8.438   5.227   4.270   1.00 14.96  ? 109 TRP   B O   1 
ATOM   891  C CB  . TRP   A 1 103 ? 5.351   6.125   3.428   1.00 16.15  ? 109 TRP   B CB  1 
ATOM   892  C CG  . TRP   A 1 103 ? 5.542   7.022   4.598   1.00 17.60  ? 109 TRP   B CG  1 
ATOM   893  C CD1 . TRP   A 1 103 ? 6.588   7.892   4.789   1.00 18.34  ? 109 TRP   B CD1 1 
ATOM   894  C CD2 . TRP   A 1 103 ? 4.576   7.315   5.609   1.00 20.10  ? 109 TRP   B CD2 1 
ATOM   895  N NE1 . TRP   A 1 103 ? 6.342   8.694   5.863   1.00 21.95  ? 109 TRP   B NE1 1 
ATOM   896  C CE2 . TRP   A 1 103 ? 5.126   8.359   6.380   1.00 18.81  ? 109 TRP   B CE2 1 
ATOM   897  C CE3 . TRP   A 1 103 ? 3.316   6.795   5.923   1.00 19.97  ? 109 TRP   B CE3 1 
ATOM   898  C CZ2 . TRP   A 1 103 ? 4.459   8.856   7.488   1.00 23.36  ? 109 TRP   B CZ2 1 
ATOM   899  C CZ3 . TRP   A 1 103 ? 2.649   7.322   6.993   1.00 22.45  ? 109 TRP   B CZ3 1 
ATOM   900  C CH2 . TRP   A 1 103 ? 3.207   8.340   7.741   1.00 23.11  ? 109 TRP   B CH2 1 
ATOM   901  N N   . LEU   A 1 104 ? 8.006   5.797   2.119   1.00 16.29  ? 110 LEU   B N   1 
ATOM   902  C CA  . LEU   A 1 104 ? 9.264   6.488   1.811   1.00 15.04  ? 110 LEU   B CA  1 
ATOM   903  C C   . LEU   A 1 104 ? 8.910   7.940   1.470   1.00 14.28  ? 110 LEU   B C   1 
ATOM   904  O O   . LEU   A 1 104 ? 7.949   8.189   0.715   1.00 15.00  ? 110 LEU   B O   1 
ATOM   905  C CB  . LEU   A 1 104 ? 9.925   5.849   0.592   1.00 15.30  ? 110 LEU   B CB  1 
ATOM   906  C CG  . LEU   A 1 104 ? 11.115  6.613   -0.002  1.00 15.30  ? 110 LEU   B CG  1 
ATOM   907  C CD1 . LEU   A 1 104 ? 12.262  6.777   1.004   1.00 16.20  ? 110 LEU   B CD1 1 
ATOM   908  C CD2 . LEU   A 1 104 ? 11.603  5.994   -1.292  1.00 16.64  ? 110 LEU   B CD2 1 
ATOM   909  N N   . TRP   A 1 105 ? 9.602   8.875   2.098   1.00 14.71  ? 111 TRP   B N   1 
ATOM   910  C CA  . TRP   A 1 105 ? 9.380   10.312  1.858   1.00 15.99  ? 111 TRP   B CA  1 
ATOM   911  C C   . TRP   A 1 105 ? 10.694  11.036  2.147   1.00 17.75  ? 111 TRP   B C   1 
ATOM   912  O O   . TRP   A 1 105 ? 11.211  10.870  3.266   1.00 18.23  ? 111 TRP   B O   1 
ATOM   913  C CB  . TRP   A 1 105 ? 8.264   10.799  2.796   1.00 20.51  ? 111 TRP   B CB  1 
ATOM   914  C CG  . TRP   A 1 105 ? 8.080   12.265  2.790   1.00 26.89  ? 111 TRP   B CG  1 
ATOM   915  C CD1 . TRP   A 1 105 ? 8.429   13.165  3.762   1.00 27.68  ? 111 TRP   B CD1 1 
ATOM   916  C CD2 . TRP   A 1 105 ? 7.492   13.002  1.723   1.00 27.58  ? 111 TRP   B CD2 1 
ATOM   917  N NE1 . TRP   A 1 105 ? 8.086   14.417  3.354   1.00 27.92  ? 111 TRP   B NE1 1 
ATOM   918  C CE2 . TRP   A 1 105 ? 7.507   14.349  2.123   1.00 26.13  ? 111 TRP   B CE2 1 
ATOM   919  C CE3 . TRP   A 1 105 ? 6.957   12.658  0.488   1.00 27.34  ? 111 TRP   B CE3 1 
ATOM   920  C CZ2 . TRP   A 1 105 ? 7.005   15.361  1.320   1.00 33.15  ? 111 TRP   B CZ2 1 
ATOM   921  C CZ3 . TRP   A 1 105 ? 6.483   13.660  -0.321  1.00 34.48  ? 111 TRP   B CZ3 1 
ATOM   922  C CH2 . TRP   A 1 105 ? 6.533   14.997  0.081   1.00 35.04  ? 111 TRP   B CH2 1 
ATOM   923  N N   . GLN   A 1 106 ? 11.227  11.792  1.177   1.00 17.54  ? 112 GLN   B N   1 
ATOM   924  C CA  . GLN   A 1 106 ? 12.449  12.620  1.413   1.00 18.30  ? 112 GLN   B CA  1 
ATOM   925  C C   . GLN   A 1 106 ? 13.556  11.796  2.047   1.00 20.08  ? 112 GLN   B C   1 
ATOM   926  O O   . GLN   A 1 106 ? 14.166  12.249  3.088   1.00 20.52  ? 112 GLN   B O   1 
ATOM   927  C CB  . GLN   A 1 106 ? 12.048  13.846  2.224   1.00 21.91  ? 112 GLN   B CB  1 
ATOM   928  C CG  . GLN   A 1 106 ? 11.027  14.709  1.514   1.00 21.74  ? 112 GLN   B CG  1 
ATOM   929  C CD  . GLN   A 1 106 ? 10.873  16.110  2.047   1.00 26.77  ? 112 GLN   B CD  1 
ATOM   930  O OE1 . GLN   A 1 106 ? 10.274  16.988  1.383   1.00 29.04  ? 112 GLN   B OE1 1 
ATOM   931  N NE2 . GLN   A 1 106 ? 11.358  16.318  3.260   1.00 22.20  ? 112 GLN   B NE2 1 
ATOM   932  N N   . ASP   A 1 107 ? 13.877  10.667  1.433   1.00 19.69  ? 113 ASP   B N   1 
ATOM   933  C CA  . ASP   A 1 107 ? 15.040  9.843   1.827   1.00 25.72  ? 113 ASP   B CA  1 
ATOM   934  C C   . ASP   A 1 107 ? 14.876  9.217   3.216   1.00 24.60  ? 113 ASP   B C   1 
ATOM   935  O O   . ASP   A 1 107 ? 15.871  8.609   3.671   1.00 31.32  ? 113 ASP   B O   1 
ATOM   936  C CB  . ASP   A 1 107 ? 16.340  10.661  1.901   1.00 29.89  ? 113 ASP   B CB  1 
ATOM   937  C CG  . ASP   A 1 107 ? 16.961  10.946  0.558   1.00 39.71  ? 113 ASP   B CG  1 
ATOM   938  O OD1 . ASP   A 1 107 ? 16.588  10.250  -0.404  1.00 45.14  ? 113 ASP   B OD1 1 
ATOM   939  O OD2 . ASP   A 1 107 ? 17.852  11.858  0.500   1.00 47.11  ? 113 ASP   B OD2 1 
ATOM   940  N N   . SER   A 1 108 ? 13.709  9.276   3.837   1.00 21.49  ? 114 SER   B N   1 
ATOM   941  C CA  . SER   A 1 108 ? 13.462  8.551   5.107   1.00 22.02  ? 114 SER   B CA  1 
ATOM   942  C C   . SER   A 1 108 ? 12.311  7.542   4.955   1.00 18.06  ? 114 SER   B C   1 
ATOM   943  O O   . SER   A 1 108 ? 11.295  7.838   4.308   1.00 18.59  ? 114 SER   B O   1 
ATOM   944  C CB  . SER   A 1 108 ? 13.259  9.500   6.227   1.00 29.86  ? 114 SER   B CB  1 
ATOM   945  O OG  . SER   A 1 108 ? 11.996  10.083  6.161   1.00 37.20  ? 114 SER   B OG  1 
ATOM   946  N N   . TYR   A 1 109 ? 12.443  6.400   5.609   1.00 16.31  ? 115 TYR   B N   1 
ATOM   947  C CA  . TYR   A 1 109 ? 11.360  5.381   5.691   1.00 16.28  ? 115 TYR   B CA  1 
ATOM   948  C C   . TYR   A 1 109 ? 10.698  5.508   7.052   1.00 15.46  ? 115 TYR   B C   1 
ATOM   949  O O   . TYR   A 1 109 ? 11.392  5.649   8.078   1.00 16.74  ? 115 TYR   B O   1 
ATOM   950  C CB  . TYR   A 1 109 ? 11.915  3.985   5.484   1.00 16.60  ? 115 TYR   B CB  1 
ATOM   951  C CG  . TYR   A 1 109 ? 12.554  3.759   4.131   1.00 17.20  ? 115 TYR   B CG  1 
ATOM   952  C CD1 . TYR   A 1 109 ? 13.909  3.933   3.940   1.00 19.33  ? 115 TYR   B CD1 1 
ATOM   953  C CD2 . TYR   A 1 109 ? 11.805  3.333   3.048   1.00 15.81  ? 115 TYR   B CD2 1 
ATOM   954  C CE1 . TYR   A 1 109 ? 14.507  3.707   2.700   1.00 20.67  ? 115 TYR   B CE1 1 
ATOM   955  C CE2 . TYR   A 1 109 ? 12.384  3.101   1.811   1.00 16.39  ? 115 TYR   B CE2 1 
ATOM   956  C CZ  . TYR   A 1 109 ? 13.743  3.273   1.641   1.00 18.46  ? 115 TYR   B CZ  1 
ATOM   957  O OH  . TYR   A 1 109 ? 14.317  3.088   0.401   1.00 19.32  ? 115 TYR   B OH  1 
ATOM   958  N N   A GLU   A 1 110 ? 9.362   5.495   7.085   0.25 15.52  ? 116 GLU   B N   1 
ATOM   959  N N   B GLU   A 1 110 ? 9.363   5.519   7.069   0.25 15.71  ? 116 GLU   B N   1 
ATOM   960  C CA  A GLU   A 1 110 ? 8.584   5.693   8.337   0.25 16.28  ? 116 GLU   B CA  1 
ATOM   961  C CA  B GLU   A 1 110 ? 8.562   5.686   8.310   0.25 16.62  ? 116 GLU   B CA  1 
ATOM   962  C C   A GLU   A 1 110 ? 7.338   4.793   8.352   0.25 15.31  ? 116 GLU   B C   1 
ATOM   963  C C   B GLU   A 1 110 ? 7.417   4.661   8.333   0.25 15.44  ? 116 GLU   B C   1 
ATOM   964  O O   A GLU   A 1 110 ? 6.728   4.561   7.292   0.25 15.02  ? 116 GLU   B O   1 
ATOM   965  O O   B GLU   A 1 110 ? 6.975   4.196   7.255   0.25 14.63  ? 116 GLU   B O   1 
ATOM   966  C CB  A GLU   A 1 110 ? 8.191   7.160   8.505   0.25 17.65  ? 116 GLU   B CB  1 
ATOM   967  C CB  B GLU   A 1 110 ? 7.975   7.094   8.416   0.25 18.20  ? 116 GLU   B CB  1 
ATOM   968  C CG  A GLU   A 1 110 ? 9.393   8.092   8.613   0.25 18.93  ? 116 GLU   B CG  1 
ATOM   969  C CG  B GLU   A 1 110 ? 9.002   8.208   8.278   0.25 20.53  ? 116 GLU   B CG  1 
ATOM   970  C CD  A GLU   A 1 110 ? 9.051   9.570   8.701   0.25 20.96  ? 116 GLU   B CD  1 
ATOM   971  C CD  B GLU   A 1 110 ? 9.734   8.577   9.557   0.25 21.98  ? 116 GLU   B CD  1 
ATOM   972  O OE1 A GLU   A 1 110 ? 8.117   10.005  8.001   0.25 22.77  ? 116 GLU   B OE1 1 
ATOM   973  O OE1 B GLU   A 1 110 ? 9.188   8.331   10.643  0.25 25.77  ? 116 GLU   B OE1 1 
ATOM   974  O OE2 A GLU   A 1 110 ? 9.707   10.280  9.488   0.25 20.93  ? 116 GLU   B OE2 1 
ATOM   975  O OE2 B GLU   A 1 110 ? 10.836  9.149   9.453   0.25 27.43  ? 116 GLU   B OE2 1 
ATOM   976  N N   . ALA   A 1 111 ? 6.959   4.303   9.536   1.00 14.97  ? 117 ALA   B N   1 
ATOM   977  C CA  . ALA   A 1 111 ? 5.687   3.579   9.692   1.00 14.36  ? 117 ALA   B CA  1 
ATOM   978  C C   . ALA   A 1 111 ? 4.597   4.591   10.029  1.00 16.68  ? 117 ALA   B C   1 
ATOM   979  O O   . ALA   A 1 111 ? 4.844   5.557   10.800  1.00 15.50  ? 117 ALA   B O   1 
ATOM   980  C CB  . ALA   A 1 111 ? 5.771   2.488   10.736  1.00 15.49  ? 117 ALA   B CB  1 
ATOM   981  N N   . GLY   A 1 112 ? 3.406   4.379   9.463   1.00 16.68  ? 118 GLY   B N   1 
ATOM   982  C CA  . GLY   A 1 112 ? 2.227   5.249   9.614   1.00 18.44  ? 118 GLY   B CA  1 
ATOM   983  C C   . GLY   A 1 112 ? 1.525   5.098   10.961  1.00 19.08  ? 118 GLY   B C   1 
ATOM   984  O O   . GLY   A 1 112 ? 0.379   4.773   11.009  1.00 20.43  ? 118 GLY   B O   1 
ATOM   985  N N   . THR   A 1 113 ? 2.225   5.215   12.056  1.00 20.30  ? 119 THR   B N   1 
ATOM   986  C CA  . THR   A 1 113 ? 1.644   5.413   13.389  1.00 20.64  ? 119 THR   B CA  1 
ATOM   987  C C   . THR   A 1 113 ? 1.351   6.904   13.578  1.00 20.87  ? 119 THR   B C   1 
ATOM   988  O O   . THR   A 1 113 ? 1.760   7.703   12.756  1.00 24.39  ? 119 THR   B O   1 
ATOM   989  C CB  . THR   A 1 113 ? 2.640   4.857   14.389  1.00 17.81  ? 119 THR   B CB  1 
ATOM   990  O OG1 . THR   A 1 113 ? 3.897   5.512   14.184  1.00 18.41  ? 119 THR   B OG1 1 
ATOM   991  C CG2 . THR   A 1 113 ? 2.825   3.362   14.352  1.00 20.16  ? 119 THR   B CG2 1 
ATOM   992  N N   . SER   A 1 114 ? 0.631   7.269   14.649  1.00 24.79  ? 120 SER   B N   1 
ATOM   993  C CA  . SER   A 1 114 ? 0.343   8.674   15.004  1.00 28.50  ? 120 SER   B CA  1 
ATOM   994  C C   . SER   A 1 114 ? 0.963   8.976   16.364  1.00 30.11  ? 120 SER   B C   1 
ATOM   995  O O   . SER   A 1 114 ? 0.512   8.456   17.377  1.00 33.01  ? 120 SER   B O   1 
ATOM   996  C CB  . SER   A 1 114 ? -1.152  8.933   15.009  1.00 36.40  ? 120 SER   B CB  1 
ATOM   997  O OG  . SER   A 1 114 ? -1.378  10.329  15.120  1.00 40.07  ? 120 SER   B OG  1 
ATOM   998  N N   . PRO   A 1 115 ? 2.090   9.708   16.449  1.00 27.52  ? 121 PRO   B N   1 
ATOM   999  C CA  . PRO   A 1 115 ? 2.834   10.211  15.293  1.00 28.77  ? 121 PRO   B CA  1 
ATOM   1000 C C   . PRO   A 1 115 ? 3.701   9.129   14.629  1.00 22.06  ? 121 PRO   B C   1 
ATOM   1001 O O   . PRO   A 1 115 ? 3.878   8.031   15.199  1.00 21.94  ? 121 PRO   B O   1 
ATOM   1002 C CB  . PRO   A 1 115 ? 3.761   11.253  15.910  1.00 29.12  ? 121 PRO   B CB  1 
ATOM   1003 C CG  . PRO   A 1 115 ? 4.054   10.679  17.302  1.00 31.95  ? 121 PRO   B CG  1 
ATOM   1004 C CD  . PRO   A 1 115 ? 2.767   9.996   17.732  1.00 30.88  ? 121 PRO   B CD  1 
ATOM   1005 N N   . GLN   A 1 116 ? 4.261   9.457   13.478  1.00 23.99  ? 122 GLN   B N   1 
ATOM   1006 C CA  . GLN   A 1 116 ? 4.952   8.461   12.623  1.00 22.54  ? 122 GLN   B CA  1 
ATOM   1007 C C   . GLN   A 1 116 ? 6.218   7.965   13.329  1.00 20.29  ? 122 GLN   B C   1 
ATOM   1008 O O   . GLN   A 1 116 ? 6.805   8.697   14.145  1.00 21.37  ? 122 GLN   B O   1 
ATOM   1009 C CB  . GLN   A 1 116 ? 5.208   8.997   11.215  1.00 27.38  ? 122 GLN   B CB  1 
ATOM   1010 C CG  . GLN   A 1 116 ? 6.387   9.942   11.072  1.00 33.82  ? 122 GLN   B CG  1 
ATOM   1011 C CD  . GLN   A 1 116 ? 5.985   11.381  10.892  1.00 46.46  ? 122 GLN   B CD  1 
ATOM   1012 O OE1 . GLN   A 1 116 ? 5.028   11.868  11.498  1.00 54.38  ? 122 GLN   B OE1 1 
ATOM   1013 N NE2 . GLN   A 1 116 ? 6.765   12.081  10.089  1.00 51.96  ? 122 GLN   B NE2 1 
ATOM   1014 N N   . THR   A 1 117 ? 6.604   6.734   13.034  1.00 16.52  ? 123 THR   B N   1 
ATOM   1015 C CA  . THR   A 1 117 ? 7.768   6.050   13.629  1.00 15.35  ? 123 THR   B CA  1 
ATOM   1016 C C   . THR   A 1 117 ? 8.905   5.939   12.616  1.00 15.50  ? 123 THR   B C   1 
ATOM   1017 O O   . THR   A 1 117 ? 8.693   5.364   11.516  1.00 16.65  ? 123 THR   B O   1 
ATOM   1018 C CB  . THR   A 1 117 ? 7.360   4.669   14.155  1.00 16.59  ? 123 THR   B CB  1 
ATOM   1019 O OG1 . THR   A 1 117 ? 6.317   4.878   15.103  1.00 18.56  ? 123 THR   B OG1 1 
ATOM   1020 C CG2 . THR   A 1 117 ? 8.522   3.903   14.736  1.00 16.50  ? 123 THR   B CG2 1 
ATOM   1021 N N   . THR   A 1 118 ? 10.122  6.324   13.008  1.00 17.00  ? 124 THR   B N   1 
ATOM   1022 C CA  . THR   A 1 118 ? 11.317  6.152   12.174  1.00 16.96  ? 124 THR   B CA  1 
ATOM   1023 C C   . THR   A 1 118 ? 11.662  4.680   11.972  1.00 16.90  ? 124 THR   B C   1 
ATOM   1024 O O   . THR   A 1 118 ? 11.745  3.921   12.972  1.00 19.77  ? 124 THR   B O   1 
ATOM   1025 C CB  . THR   A 1 118 ? 12.494  6.847   12.871  1.00 20.21  ? 124 THR   B CB  1 
ATOM   1026 O OG1 . THR   A 1 118 ? 12.130  8.225   12.950  1.00 22.15  ? 124 THR   B OG1 1 
ATOM   1027 C CG2 . THR   A 1 118 ? 13.797  6.600   12.147  1.00 24.24  ? 124 THR   B CG2 1 
ATOM   1028 N N   . LEU   A 1 119 ? 11.904  4.245   10.743  1.00 15.21  ? 125 LEU   B N   1 
ATOM   1029 C CA  . LEU   A 1 119 ? 12.331  2.872   10.408  1.00 15.61  ? 125 LEU   B CA  1 
ATOM   1030 C C   . LEU   A 1 119 ? 13.864  2.888   10.260  1.00 18.87  ? 125 LEU   B C   1 
ATOM   1031 O O   . LEU   A 1 119 ? 14.435  3.935   9.972   1.00 24.78  ? 125 LEU   B O   1 
ATOM   1032 C CB  . LEU   A 1 119 ? 11.662  2.351   9.133   1.00 15.75  ? 125 LEU   B CB  1 
ATOM   1033 C CG  . LEU   A 1 119 ? 10.119  2.331   9.221   1.00 15.80  ? 125 LEU   B CG  1 
ATOM   1034 C CD1 . LEU   A 1 119 ? 9.498   1.928   7.911   1.00 16.19  ? 125 LEU   B CD1 1 
ATOM   1035 C CD2 . LEU   A 1 119 ? 9.661   1.390   10.324  1.00 18.55  ? 125 LEU   B CD2 1 
ATOM   1036 N N   . HIS   A 1 120 ? 14.496  1.751   10.475  1.00 20.59  ? 126 HIS   B N   1 
ATOM   1037 C CA  . HIS   A 1 120 ? 15.971  1.583   10.398  1.00 22.95  ? 126 HIS   B CA  1 
ATOM   1038 C C   . HIS   A 1 120 ? 16.202  0.536   9.323   1.00 24.22  ? 126 HIS   B C   1 
ATOM   1039 O O   . HIS   A 1 120 ? 16.077  -0.666  9.613   1.00 31.77  ? 126 HIS   B O   1 
ATOM   1040 C CB  . HIS   A 1 120 ? 16.534  1.195   11.777  1.00 27.12  ? 126 HIS   B CB  1 
ATOM   1041 C CG  . HIS   A 1 120 ? 16.279  2.221   12.849  1.00 28.84  ? 126 HIS   B CG  1 
ATOM   1042 N ND1 . HIS   A 1 120 ? 15.214  2.123   13.751  1.00 38.27  ? 126 HIS   B ND1 1 
ATOM   1043 C CD2 . HIS   A 1 120 ? 16.894  3.391   13.118  1.00 33.00  ? 126 HIS   B CD2 1 
ATOM   1044 C CE1 . HIS   A 1 120 ? 15.191  3.205   14.509  1.00 33.66  ? 126 HIS   B CE1 1 
ATOM   1045 N NE2 . HIS   A 1 120 ? 16.249  3.960   14.176  1.00 33.88  ? 126 HIS   B NE2 1 
ATOM   1046 N N   . ILE   A 1 121 ? 16.434  0.954   8.113   1.00 23.43  ? 127 ILE   B N   1 
ATOM   1047 C CA  . ILE   A 1 121 ? 16.667  0.015   6.990   1.00 25.12  ? 127 ILE   B CA  1 
ATOM   1048 C C   . ILE   A 1 121 ? 18.116  0.217   6.492   1.00 27.42  ? 127 ILE   B C   1 
ATOM   1049 O O   . ILE   A 1 121 ? 18.447  1.306   6.104   1.00 30.48  ? 127 ILE   B O   1 
ATOM   1050 C CB  . ILE   A 1 121 ? 15.603  0.190   5.888   1.00 27.71  ? 127 ILE   B CB  1 
ATOM   1051 C CG1 . ILE   A 1 121 ? 14.173  0.180   6.448   1.00 25.71  ? 127 ILE   B CG1 1 
ATOM   1052 C CG2 . ILE   A 1 121 ? 15.777  -0.911  4.859   1.00 30.24  ? 127 ILE   B CG2 1 
ATOM   1053 C CD1 . ILE   A 1 121 ? 13.092  0.260   5.392   1.00 26.45  ? 127 ILE   B CD1 1 
ATOM   1054 N N   . GLN   A 1 122 ? 18.914  -0.840  6.516   1.00 31.40  ? 128 GLN   B N   1 
ATOM   1055 C CA  . GLN   A 1 122 ? 20.341  -0.803  6.078   1.00 37.90  ? 128 GLN   B CA  1 
ATOM   1056 C C   . GLN   A 1 122 ? 20.439  -0.775  4.542   1.00 32.61  ? 128 GLN   B C   1 
ATOM   1057 O O   . GLN   A 1 122 ? 21.325  -0.085  4.002   1.00 33.62  ? 128 GLN   B O   1 
ATOM   1058 C CB  . GLN   A 1 122 ? 21.028  -2.044  6.646   1.00 45.82  ? 128 GLN   B CB  1 
ATOM   1059 C CG  . GLN   A 1 122 ? 22.549  -2.012  6.574   1.00 59.74  ? 128 GLN   B CG  1 
ATOM   1060 C CD  . GLN   A 1 122 ? 23.186  -1.552  7.866   1.00 73.01  ? 128 GLN   B CD  1 
ATOM   1061 O OE1 . GLN   A 1 122 ? 22.637  -1.730  8.958   1.00 73.02  ? 128 GLN   B OE1 1 
ATOM   1062 N NE2 . GLN   A 1 122 ? 24.364  -0.950  7.751   1.00 79.12  ? 128 GLN   B NE2 1 
ATOM   1063 N N   . VAL   A 1 123 ? 19.553  -1.507  3.872   1.00 27.36  ? 129 VAL   B N   1 
ATOM   1064 C CA  . VAL   A 1 123 ? 19.594  -1.808  2.403   1.00 25.26  ? 129 VAL   B CA  1 
ATOM   1065 C C   . VAL   A 1 123 ? 18.303  -1.261  1.804   1.00 24.63  ? 129 VAL   B C   1 
ATOM   1066 O O   . VAL   A 1 123 ? 17.225  -1.819  2.072   1.00 23.51  ? 129 VAL   B O   1 
ATOM   1067 C CB  . VAL   A 1 123 ? 19.729  -3.317  2.137   1.00 28.15  ? 129 VAL   B CB  1 
ATOM   1068 C CG1 . VAL   A 1 123 ? 19.685  -3.663  0.647   1.00 27.99  ? 129 VAL   B CG1 1 
ATOM   1069 C CG2 . VAL   A 1 123 ? 20.964  -3.926  2.796   1.00 29.86  ? 129 VAL   B CG2 1 
ATOM   1070 N N   . PRO   A 1 124 ? 18.330  -0.093  1.132   1.00 24.68  ? 130 PRO   B N   1 
ATOM   1071 C CA  . PRO   A 1 124 ? 17.094  0.481   0.587   1.00 23.47  ? 130 PRO   B CA  1 
ATOM   1072 C C   . PRO   A 1 124 ? 16.368  -0.562  -0.255  1.00 23.21  ? 130 PRO   B C   1 
ATOM   1073 O O   . PRO   A 1 124 ? 16.923  -1.142  -1.156  1.00 22.79  ? 130 PRO   B O   1 
ATOM   1074 C CB  . PRO   A 1 124 ? 17.600  1.700   -0.202  1.00 28.40  ? 130 PRO   B CB  1 
ATOM   1075 C CG  . PRO   A 1 124 ? 18.908  2.069   0.475   1.00 27.59  ? 130 PRO   B CG  1 
ATOM   1076 C CD  . PRO   A 1 124 ? 19.512  0.768   0.904   1.00 29.27  ? 130 PRO   B CD  1 
ATOM   1077 N N   . PRO   A 1 125 ? 15.080  -0.859  0.015   1.00 20.43  ? 131 PRO   B N   1 
ATOM   1078 C CA  . PRO   A 1 125 ? 14.387  -1.947  -0.673  1.00 19.88  ? 131 PRO   B CA  1 
ATOM   1079 C C   . PRO   A 1 125 ? 13.969  -1.615  -2.107  1.00 19.26  ? 131 PRO   B C   1 
ATOM   1080 O O   . PRO   A 1 125 ? 13.552  -0.483  -2.335  1.00 20.20  ? 131 PRO   B O   1 
ATOM   1081 C CB  . PRO   A 1 125 ? 13.141  -2.192  0.190   1.00 20.70  ? 131 PRO   B CB  1 
ATOM   1082 C CG  . PRO   A 1 125 ? 12.998  -0.935  0.990   1.00 21.06  ? 131 PRO   B CG  1 
ATOM   1083 C CD  . PRO   A 1 125 ? 14.383  -0.359  1.193   1.00 20.36  ? 131 PRO   B CD  1 
ATOM   1084 N N   . CYS   A 1 126 ? 14.149  -2.546  -3.034  1.00 20.41  ? 132 CYS   B N   1 
ATOM   1085 C CA  . CYS   A 1 126 ? 13.501  -2.464  -4.363  1.00 21.87  ? 132 CYS   B CA  1 
ATOM   1086 C C   . CYS   A 1 126 ? 12.195  -3.244  -4.379  1.00 18.38  ? 132 CYS   B C   1 
ATOM   1087 O O   . CYS   A 1 126 ? 11.398  -3.003  -5.266  1.00 18.84  ? 132 CYS   B O   1 
ATOM   1088 C CB  . CYS   A 1 126 ? 14.367  -2.978  -5.494  1.00 25.99  ? 132 CYS   B CB  1 
ATOM   1089 S SG  . CYS   A 1 126 ? 15.921  -2.049  -5.562  1.00 35.55  ? 132 CYS   B SG  1 
ATOM   1090 N N   A GLN   A 1 127 ? 11.984  -4.164  -3.427  0.25 18.14  ? 133 GLN   B N   1 
ATOM   1091 N N   B GLN   A 1 127 ? 12.004  -4.168  -3.430  0.25 18.52  ? 133 GLN   B N   1 
ATOM   1092 C CA  A GLN   A 1 127 ? 10.737  -4.975  -3.327  0.25 19.91  ? 133 GLN   B CA  1 
ATOM   1093 C CA  B GLN   A 1 127 ? 10.776  -4.996  -3.303  0.25 20.44  ? 133 GLN   B CA  1 
ATOM   1094 C C   A GLN   A 1 127 ? 10.384  -5.197  -1.853  0.25 18.78  ? 133 GLN   B C   1 
ATOM   1095 C C   B GLN   A 1 127 ? 10.403  -5.070  -1.816  0.25 19.16  ? 133 GLN   B C   1 
ATOM   1096 O O   A GLN   A 1 127 ? 11.286  -5.577  -1.071  0.25 16.95  ? 133 GLN   B O   1 
ATOM   1097 O O   B GLN   A 1 127 ? 11.323  -5.148  -0.963  0.25 16.97  ? 133 GLN   B O   1 
ATOM   1098 C CB  A GLN   A 1 127 ? 10.867  -6.331  -4.024  0.25 21.93  ? 133 GLN   B CB  1 
ATOM   1099 C CB  B GLN   A 1 127 ? 10.985  -6.389  -3.908  0.25 22.74  ? 133 GLN   B CB  1 
ATOM   1100 C CG  A GLN   A 1 127 ? 11.044  -6.237  -5.527  0.25 23.64  ? 133 GLN   B CG  1 
ATOM   1101 C CG  B GLN   A 1 127 ? 9.883   -6.822  -4.872  0.25 25.08  ? 133 GLN   B CG  1 
ATOM   1102 C CD  A GLN   A 1 127 ? 12.495  -6.375  -5.893  0.25 26.62  ? 133 GLN   B CD  1 
ATOM   1103 C CD  B GLN   A 1 127 ? 10.268  -8.054  -5.658  0.25 26.02  ? 133 GLN   B CD  1 
ATOM   1104 O OE1 A GLN   A 1 127 ? 13.279  -6.935  -5.130  0.25 29.03  ? 133 GLN   B OE1 1 
ATOM   1105 O OE1 B GLN   A 1 127 ? 9.763   -9.157  -5.421  0.25 26.12  ? 133 GLN   B OE1 1 
ATOM   1106 N NE2 A GLN   A 1 127 ? 12.856  -5.861  -7.061  0.25 26.81  ? 133 GLN   B NE2 1 
ATOM   1107 N NE2 B GLN   A 1 127 ? 11.159  -7.863  -6.615  0.25 26.11  ? 133 GLN   B NE2 1 
ATOM   1108 N N   . ILE   A 1 128 ? 9.100   -4.987  -1.528  1.00 18.13  ? 134 ILE   B N   1 
ATOM   1109 C CA  . ILE   A 1 128 ? 8.542   -4.998  -0.145  1.00 17.63  ? 134 ILE   B CA  1 
ATOM   1110 C C   . ILE   A 1 128 ? 7.555   -6.177  -0.108  1.00 17.12  ? 134 ILE   B C   1 
ATOM   1111 O O   . ILE   A 1 128 ? 6.658   -6.274  -0.970  1.00 17.16  ? 134 ILE   B O   1 
ATOM   1112 C CB  . ILE   A 1 128 ? 7.832   -3.680  0.167   1.00 19.21  ? 134 ILE   B CB  1 
ATOM   1113 C CG1 . ILE   A 1 128 ? 8.720   -2.427  0.083   1.00 23.16  ? 134 ILE   B CG1 1 
ATOM   1114 C CG2 . ILE   A 1 128 ? 7.121   -3.788  1.516   1.00 17.47  ? 134 ILE   B CG2 1 
ATOM   1115 C CD1 . ILE   A 1 128 ? 9.698   -2.332  1.134   1.00 24.26  ? 134 ILE   B CD1 1 
ATOM   1116 N N   . GLY   A 1 129 ? 7.639   -7.008  0.915   1.00 17.80  ? 135 GLY   B N   1 
ATOM   1117 C CA  . GLY   A 1 129 ? 6.623   -8.011  1.219   1.00 16.97  ? 135 GLY   B CA  1 
ATOM   1118 C C   . GLY   A 1 129 ? 5.702   -7.537  2.324   1.00 16.13  ? 135 GLY   B C   1 
ATOM   1119 O O   . GLY   A 1 129 ? 6.150   -6.923  3.302   1.00 16.01  ? 135 GLY   B O   1 
ATOM   1120 N N   . ILE   A 1 130 ? 4.399   -7.743  2.135   1.00 16.24  ? 136 ILE   B N   1 
ATOM   1121 C CA  . ILE   A 1 130 ? 3.352   -7.344  3.108   1.00 15.61  ? 136 ILE   B CA  1 
ATOM   1122 C C   . ILE   A 1 130 ? 2.631   -8.609  3.550   1.00 16.26  ? 136 ILE   B C   1 
ATOM   1123 O O   . ILE   A 1 130 ? 2.105   -9.334  2.705   1.00 17.88  ? 136 ILE   B O   1 
ATOM   1124 C CB  . ILE   A 1 130 ? 2.362   -6.326  2.513   1.00 17.13  ? 136 ILE   B CB  1 
ATOM   1125 C CG1 . ILE   A 1 130 ? 3.100   -5.068  2.036   1.00 20.29  ? 136 ILE   B CG1 1 
ATOM   1126 C CG2 . ILE   A 1 130 ? 1.270   -5.986  3.504   1.00 18.23  ? 136 ILE   B CG2 1 
ATOM   1127 C CD1 . ILE   A 1 130 ? 2.302   -4.194  1.162   1.00 28.40  ? 136 ILE   B CD1 1 
ATOM   1128 N N   . PHE   A 1 131 ? 2.584   -8.808  4.849   1.00 15.87  ? 137 PHE   B N   1 
ATOM   1129 C CA  . PHE   A 1 131 ? 1.988   -10.025 5.463   1.00 15.59  ? 137 PHE   B CA  1 
ATOM   1130 C C   . PHE   A 1 131 ? 0.907   -9.558  6.426   1.00 15.38  ? 137 PHE   B C   1 
ATOM   1131 O O   . PHE   A 1 131 ? 1.156   -8.704  7.285   1.00 16.06  ? 137 PHE   B O   1 
ATOM   1132 C CB  . PHE   A 1 131 ? 3.026   -10.800 6.278   1.00 16.84  ? 137 PHE   B CB  1 
ATOM   1133 C CG  . PHE   A 1 131 ? 2.484   -11.961 7.092   1.00 18.16  ? 137 PHE   B CG  1 
ATOM   1134 C CD1 . PHE   A 1 131 ? 1.972   -13.078 6.461   1.00 21.81  ? 137 PHE   B CD1 1 
ATOM   1135 C CD2 . PHE   A 1 131 ? 2.418   -11.908 8.480   1.00 20.97  ? 137 PHE   B CD2 1 
ATOM   1136 C CE1 . PHE   A 1 131 ? 1.511   -14.168 7.203   1.00 23.88  ? 137 PHE   B CE1 1 
ATOM   1137 C CE2 . PHE   A 1 131 ? 1.941   -12.993 9.219   1.00 22.90  ? 137 PHE   B CE2 1 
ATOM   1138 C CZ  . PHE   A 1 131 ? 1.477   -14.111 8.570   1.00 21.69  ? 137 PHE   B CZ  1 
ATOM   1139 N N   . VAL   A 1 132 ? -0.295  -10.122 6.283   1.00 15.03  ? 138 VAL   B N   1 
ATOM   1140 C CA  . VAL   A 1 132 ? -1.424  -9.828  7.204   1.00 14.62  ? 138 VAL   B CA  1 
ATOM   1141 C C   . VAL   A 1 132 ? -1.868  -11.165 7.825   1.00 15.52  ? 138 VAL   B C   1 
ATOM   1142 O O   . VAL   A 1 132 ? -2.134  -12.100 7.085   1.00 18.66  ? 138 VAL   B O   1 
ATOM   1143 C CB  . VAL   A 1 132 ? -2.604  -9.159  6.482   1.00 15.88  ? 138 VAL   B CB  1 
ATOM   1144 C CG1 . VAL   A 1 132 ? -3.777  -8.940  7.436   1.00 17.60  ? 138 VAL   B CG1 1 
ATOM   1145 C CG2 . VAL   A 1 132 ? -2.141  -7.846  5.846   1.00 18.17  ? 138 VAL   B CG2 1 
ATOM   1146 N N   . ASP   A 1 133 ? -1.956  -11.186 9.148   1.00 16.43  ? 139 ASP   B N   1 
ATOM   1147 C CA  . ASP   A 1 133 ? -2.606  -12.305 9.897   1.00 18.25  ? 139 ASP   B CA  1 
ATOM   1148 C C   . ASP   A 1 133 ? -3.869  -11.713 10.537  1.00 16.21  ? 139 ASP   B C   1 
ATOM   1149 O O   . ASP   A 1 133 ? -3.767  -10.966 11.533  1.00 16.49  ? 139 ASP   B O   1 
ATOM   1150 C CB  . ASP   A 1 133 ? -1.637  -12.960 10.879  1.00 17.21  ? 139 ASP   B CB  1 
ATOM   1151 C CG  . ASP   A 1 133 ? -2.230  -14.179 11.581  1.00 22.51  ? 139 ASP   B CG  1 
ATOM   1152 O OD1 . ASP   A 1 133 ? -3.469  -14.247 11.724  1.00 22.19  ? 139 ASP   B OD1 1 
ATOM   1153 O OD2 . ASP   A 1 133 ? -1.406  -14.997 12.080  1.00 25.21  ? 139 ASP   B OD2 1 
ATOM   1154 N N   . TYR   A 1 134 ? -5.026  -11.947 9.923   1.00 18.73  ? 140 TYR   B N   1 
ATOM   1155 C CA  . TYR   A 1 134 ? -6.281  -11.326 10.411  1.00 17.74  ? 140 TYR   B CA  1 
ATOM   1156 C C   . TYR   A 1 134 ? -6.582  -11.706 11.871  1.00 18.50  ? 140 TYR   B C   1 
ATOM   1157 O O   . TYR   A 1 134 ? -6.834  -10.864 12.698  1.00 20.34  ? 140 TYR   B O   1 
ATOM   1158 C CB  . TYR   A 1 134 ? -7.455  -11.661 9.484   1.00 18.32  ? 140 TYR   B CB  1 
ATOM   1159 C CG  . TYR   A 1 134 ? -8.574  -10.673 9.680   1.00 17.59  ? 140 TYR   B CG  1 
ATOM   1160 C CD1 . TYR   A 1 134 ? -9.384  -10.706 10.798  1.00 18.51  ? 140 TYR   B CD1 1 
ATOM   1161 C CD2 . TYR   A 1 134 ? -8.783  -9.619  8.791   1.00 17.68  ? 140 TYR   B CD2 1 
ATOM   1162 C CE1 . TYR   A 1 134 ? -10.376 -9.776  11.020  1.00 17.34  ? 140 TYR   B CE1 1 
ATOM   1163 C CE2 . TYR   A 1 134 ? -9.764  -8.679  9.008   1.00 16.63  ? 140 TYR   B CE2 1 
ATOM   1164 C CZ  . TYR   A 1 134 ? -10.591 -8.744  10.125  1.00 17.66  ? 140 TYR   B CZ  1 
ATOM   1165 O OH  . TYR   A 1 134 ? -11.546 -7.793  10.403  1.00 17.77  ? 140 TYR   B OH  1 
ATOM   1166 N N   . GLU   A 1 135 ? -6.511  -13.000 12.185  1.00 21.59  ? 141 GLU   B N   1 
ATOM   1167 C CA  . GLU   A 1 135 ? -6.913  -13.480 13.529  1.00 22.08  ? 141 GLU   B CA  1 
ATOM   1168 C C   . GLU   A 1 135 ? -5.924  -12.979 14.580  1.00 21.18  ? 141 GLU   B C   1 
ATOM   1169 O O   . GLU   A 1 135 ? -6.362  -12.600 15.658  1.00 24.74  ? 141 GLU   B O   1 
ATOM   1170 C CB  . GLU   A 1 135 ? -7.066  -14.994 13.498  1.00 22.68  ? 141 GLU   B CB  1 
ATOM   1171 C CG  . GLU   A 1 135 ? -8.474  -15.386 13.031  1.00 27.07  ? 141 GLU   B CG  1 
ATOM   1172 C CD  . GLU   A 1 135 ? -8.625  -15.236 11.545  1.00 30.64  ? 141 GLU   B CD  1 
ATOM   1173 O OE1 . GLU   A 1 135 ? -9.736  -15.058 11.105  1.00 29.21  ? 141 GLU   B OE1 1 
ATOM   1174 O OE2 . GLU   A 1 135 ? -7.579  -15.300 10.826  1.00 34.98  ? 141 GLU   B OE2 1 
ATOM   1175 N N   . ALA   A 1 136 ? -4.630  -12.940 14.281  1.00 19.83  ? 142 ALA   B N   1 
ATOM   1176 C CA  . ALA   A 1 136 ? -3.584  -12.485 15.212  1.00 21.56  ? 142 ALA   B CA  1 
ATOM   1177 C C   . ALA   A 1 136 ? -3.568  -10.963 15.372  1.00 20.21  ? 142 ALA   B C   1 
ATOM   1178 O O   . ALA   A 1 136 ? -3.014  -10.446 16.369  1.00 23.06  ? 142 ALA   B O   1 
ATOM   1179 C CB  . ALA   A 1 136 ? -2.272  -12.974 14.700  1.00 22.15  ? 142 ALA   B CB  1 
ATOM   1180 N N   . GLY   A 1 137 ? -4.191  -10.219 14.464  1.00 18.63  ? 143 GLY   B N   1 
ATOM   1181 C CA  . GLY   A 1 137 ? -4.154  -8.760  14.499  1.00 17.21  ? 143 GLY   B CA  1 
ATOM   1182 C C   . GLY   A 1 137 ? -2.749  -8.230  14.143  1.00 16.53  ? 143 GLY   B C   1 
ATOM   1183 O O   . GLY   A 1 137 ? -2.235  -7.334  14.863  1.00 17.93  ? 143 GLY   B O   1 
ATOM   1184 N N   . VAL   A 1 138 ? -2.165  -8.777  13.108  1.00 16.01  ? 144 VAL   B N   1 
ATOM   1185 C CA  . VAL   A 1 138 ? -0.756  -8.445  12.731  1.00 15.46  ? 144 VAL   B CA  1 
ATOM   1186 C C   . VAL   A 1 138 ? -0.668  -7.961  11.282  1.00 14.99  ? 144 VAL   B C   1 
ATOM   1187 O O   . VAL   A 1 138 ? -1.215  -8.622  10.359  1.00 16.14  ? 144 VAL   B O   1 
ATOM   1188 C CB  . VAL   A 1 138 ? 0.137   -9.673  12.972  1.00 17.92  ? 144 VAL   B CB  1 
ATOM   1189 C CG1 . VAL   A 1 138 ? 1.514   -9.487  12.324  1.00 19.32  ? 144 VAL   B CG1 1 
ATOM   1190 C CG2 . VAL   A 1 138 ? 0.219   -9.937  14.463  1.00 18.94  ? 144 VAL   B CG2 1 
ATOM   1191 N N   . VAL   A 1 139 ? 0.122   -6.888  11.060  1.00 15.09  ? 145 VAL   B N   1 
ATOM   1192 C CA  . VAL   A 1 139 ? 0.550   -6.491  9.680   1.00 13.17  ? 145 VAL   B CA  1 
ATOM   1193 C C   . VAL   A 1 139 ? 2.081   -6.315  9.743   1.00 13.01  ? 145 VAL   B C   1 
ATOM   1194 O O   . VAL   A 1 139 ? 2.523   -5.465  10.544  1.00 14.96  ? 145 VAL   B O   1 
ATOM   1195 C CB  . VAL   A 1 139 ? -0.105  -5.169  9.237   1.00 14.41  ? 145 VAL   B CB  1 
ATOM   1196 C CG1 . VAL   A 1 139 ? 0.317   -4.884  7.794   1.00 14.07  ? 145 VAL   B CG1 1 
ATOM   1197 C CG2 . VAL   A 1 139 ? -1.618  -5.251  9.388   1.00 14.98  ? 145 VAL   B CG2 1 
ATOM   1198 N N   . SER   A 1 140 ? 2.816   -7.067  8.938   1.00 13.40  ? 146 SER   B N   1 
ATOM   1199 C CA  . SER   A 1 140 ? 4.281   -6.993  8.920   1.00 14.42  ? 146 SER   B CA  1 
ATOM   1200 C C   . SER   A 1 140 ? 4.805   -6.690  7.530   1.00 15.06  ? 146 SER   B C   1 
ATOM   1201 O O   . SER   A 1 140 ? 4.203   -7.092  6.528   1.00 15.09  ? 146 SER   B O   1 
ATOM   1202 C CB  . SER   A 1 140 ? 4.857   -8.291  9.438   1.00 16.31  ? 146 SER   B CB  1 
ATOM   1203 O OG  . SER   A 1 140 ? 4.559   -8.446  10.822  1.00 16.96  ? 146 SER   B OG  1 
ATOM   1204 N N   . PHE   A 1 141 ? 5.952   -6.015  7.490   1.00 14.10  ? 147 PHE   B N   1 
ATOM   1205 C CA  . PHE   A 1 141 ? 6.634   -5.586  6.259   1.00 14.08  ? 147 PHE   B CA  1 
ATOM   1206 C C   . PHE   A 1 141 ? 8.033   -6.193  6.243   1.00 13.41  ? 147 PHE   B C   1 
ATOM   1207 O O   . PHE   A 1 141 ? 8.747   -6.026  7.247   1.00 14.88  ? 147 PHE   B O   1 
ATOM   1208 C CB  . PHE   A 1 141 ? 6.640   -4.053  6.179   1.00 13.85  ? 147 PHE   B CB  1 
ATOM   1209 C CG  . PHE   A 1 141 ? 5.260   -3.438  6.129   1.00 13.00  ? 147 PHE   B CG  1 
ATOM   1210 C CD1 . PHE   A 1 141 ? 4.570   -3.195  7.319   1.00 12.85  ? 147 PHE   B CD1 1 
ATOM   1211 C CD2 . PHE   A 1 141 ? 4.687   -3.030  4.931   1.00 14.24  ? 147 PHE   B CD2 1 
ATOM   1212 C CE1 . PHE   A 1 141 ? 3.273   -2.674  7.278   1.00 13.70  ? 147 PHE   B CE1 1 
ATOM   1213 C CE2 . PHE   A 1 141 ? 3.387   -2.528  4.899   1.00 13.06  ? 147 PHE   B CE2 1 
ATOM   1214 C CZ  . PHE   A 1 141 ? 2.707   -2.288  6.069   1.00 12.90  ? 147 PHE   B CZ  1 
ATOM   1215 N N   . TYR   A 1 142 ? 8.398   -6.725  5.084   1.00 14.89  ? 148 TYR   B N   1 
ATOM   1216 C CA  . TYR   A 1 142 ? 9.677   -7.450  4.852   1.00 16.91  ? 148 TYR   B CA  1 
ATOM   1217 C C   . TYR   A 1 142 ? 10.464  -6.816  3.699   1.00 19.25  ? 148 TYR   B C   1 
ATOM   1218 O O   . TYR   A 1 142 ? 9.902   -6.446  2.666   1.00 18.28  ? 148 TYR   B O   1 
ATOM   1219 C CB  . TYR   A 1 142 ? 9.402   -8.936  4.668   1.00 19.40  ? 148 TYR   B CB  1 
ATOM   1220 C CG  . TYR   A 1 142 ? 8.797   -9.558  5.898   1.00 17.20  ? 148 TYR   B CG  1 
ATOM   1221 C CD1 . TYR   A 1 142 ? 9.590   -9.953  6.961   1.00 19.96  ? 148 TYR   B CD1 1 
ATOM   1222 C CD2 . TYR   A 1 142 ? 7.435   -9.701  6.017   1.00 19.74  ? 148 TYR   B CD2 1 
ATOM   1223 C CE1 . TYR   A 1 142 ? 9.042   -10.498 8.105   1.00 21.06  ? 148 TYR   B CE1 1 
ATOM   1224 C CE2 . TYR   A 1 142 ? 6.871   -10.238 7.159   1.00 19.98  ? 148 TYR   B CE2 1 
ATOM   1225 C CZ  . TYR   A 1 142 ? 7.672   -10.683 8.185   1.00 20.10  ? 148 TYR   B CZ  1 
ATOM   1226 O OH  . TYR   A 1 142 ? 7.114   -11.165 9.339   1.00 23.63  ? 148 TYR   B OH  1 
ATOM   1227 N N   . ASN   A 1 143 ? 11.795  -6.746  3.854   1.00 18.28  ? 149 ASN   B N   1 
ATOM   1228 C CA  . ASN   A 1 143 ? 12.700  -6.188  2.811   1.00 19.63  ? 149 ASN   B CA  1 
ATOM   1229 C C   . ASN   A 1 143 ? 13.176  -7.324  1.898   1.00 21.16  ? 149 ASN   B C   1 
ATOM   1230 O O   . ASN   A 1 143 ? 14.097  -8.075  2.317   1.00 20.95  ? 149 ASN   B O   1 
ATOM   1231 C CB  . ASN   A 1 143 ? 13.868  -5.487  3.496   1.00 19.18  ? 149 ASN   B CB  1 
ATOM   1232 C CG  . ASN   A 1 143 ? 14.822  -4.808  2.533   1.00 19.09  ? 149 ASN   B CG  1 
ATOM   1233 O OD1 . ASN   A 1 143 ? 14.814  -5.121  1.342   1.00 19.89  ? 149 ASN   B OD1 1 
ATOM   1234 N ND2 . ASN   A 1 143 ? 15.588  -3.878  3.039   1.00 20.76  ? 149 ASN   B ND2 1 
ATOM   1235 N N   . ILE   A 1 144 ? 12.573  -7.518  0.728   1.00 20.12  ? 150 ILE   B N   1 
ATOM   1236 C CA  . ILE   A 1 144 ? 12.827  -8.712  -0.126  1.00 21.32  ? 150 ILE   B CA  1 
ATOM   1237 C C   . ILE   A 1 144 ? 14.256  -8.557  -0.668  1.00 23.62  ? 150 ILE   B C   1 
ATOM   1238 O O   . ILE   A 1 144 ? 14.939  -9.571  -0.835  1.00 25.17  ? 150 ILE   B O   1 
ATOM   1239 C CB  . ILE   A 1 144 ? 11.776  -8.843  -1.239  1.00 23.04  ? 150 ILE   B CB  1 
ATOM   1240 C CG1 . ILE   A 1 144 ? 10.340  -8.899  -0.686  1.00 22.47  ? 150 ILE   B CG1 1 
ATOM   1241 C CG2 . ILE   A 1 144 ? 12.077  -10.039 -2.144  1.00 23.72  ? 150 ILE   B CG2 1 
ATOM   1242 C CD1 . ILE   A 1 144 ? 10.192  -9.819  0.506   1.00 25.11  ? 150 ILE   B CD1 1 
ATOM   1243 N N   . THR   A 1 145 ? 14.692  -7.325  -0.889  1.00 22.43  ? 151 THR   B N   1 
ATOM   1244 C CA  . THR   A 1 145 ? 16.056  -7.013  -1.430  1.00 22.17  ? 151 THR   B CA  1 
ATOM   1245 C C   . THR   A 1 145 ? 17.119  -7.488  -0.430  1.00 27.26  ? 151 THR   B C   1 
ATOM   1246 O O   . THR   A 1 145 ? 18.209  -7.947  -0.883  1.00 29.72  ? 151 THR   B O   1 
ATOM   1247 C CB  . THR   A 1 145 ? 16.182  -5.507  -1.715  1.00 22.90  ? 151 THR   B CB  1 
ATOM   1248 O OG1 . THR   A 1 145 ? 15.085  -5.151  -2.544  1.00 22.07  ? 151 THR   B OG1 1 
ATOM   1249 C CG2 . THR   A 1 145 ? 17.522  -5.175  -2.335  1.00 25.70  ? 151 THR   B CG2 1 
ATOM   1250 N N   . ASP   A 1 146 ? 16.807  -7.471  0.866   1.00 26.60  ? 152 ASP   B N   1 
ATOM   1251 C CA  . ASP   A 1 146 ? 17.740  -7.862  1.954   1.00 27.65  ? 152 ASP   B CA  1 
ATOM   1252 C C   . ASP   A 1 146 ? 17.329  -9.210  2.553   1.00 26.43  ? 152 ASP   B C   1 
ATOM   1253 O O   . ASP   A 1 146 ? 17.199  -9.288  3.777   1.00 25.92  ? 152 ASP   B O   1 
ATOM   1254 C CB  . ASP   A 1 146 ? 17.839  -6.717  2.942   1.00 27.31  ? 152 ASP   B CB  1 
ATOM   1255 C CG  . ASP   A 1 146 ? 18.840  -6.970  4.044   1.00 34.21  ? 152 ASP   B CG  1 
ATOM   1256 O OD1 . ASP   A 1 146 ? 19.950  -7.455  3.720   1.00 30.94  ? 152 ASP   B OD1 1 
ATOM   1257 O OD2 . ASP   A 1 146 ? 18.488  -6.685  5.213   1.00 31.43  ? 152 ASP   B OD2 1 
ATOM   1258 N N   . HIS   A 1 147 ? 17.082  -10.218 1.718   1.00 27.36  ? 153 HIS   B N   1 
ATOM   1259 C CA  . HIS   A 1 147 ? 16.854  -11.615 2.171   1.00 30.99  ? 153 HIS   B CA  1 
ATOM   1260 C C   . HIS   A 1 147 ? 15.601  -11.707 3.048   1.00 31.16  ? 153 HIS   B C   1 
ATOM   1261 O O   . HIS   A 1 147 ? 15.514  -12.630 3.888   1.00 30.60  ? 153 HIS   B O   1 
ATOM   1262 C CB  . HIS   A 1 147 ? 18.064  -12.134 2.966   1.00 38.81  ? 153 HIS   B CB  1 
ATOM   1263 C CG  . HIS   A 1 147 ? 19.398  -12.014 2.295   1.00 47.31  ? 153 HIS   B CG  1 
ATOM   1264 N ND1 . HIS   A 1 147 ? 19.721  -12.722 1.141   1.00 54.15  ? 153 HIS   B ND1 1 
ATOM   1265 C CD2 . HIS   A 1 147 ? 20.516  -11.334 2.648   1.00 52.61  ? 153 HIS   B CD2 1 
ATOM   1266 C CE1 . HIS   A 1 147 ? 20.962  -12.447 0.787   1.00 54.72  ? 153 HIS   B CE1 1 
ATOM   1267 N NE2 . HIS   A 1 147 ? 21.478  -11.603 1.703   1.00 56.91  ? 153 HIS   B NE2 1 
ATOM   1268 N N   . GLY   A 1 148 ? 14.636  -10.803 2.886   1.00 26.92  ? 154 GLY   B N   1 
ATOM   1269 C CA  . GLY   A 1 148 ? 13.389  -10.901 3.657   1.00 21.50  ? 154 GLY   B CA  1 
ATOM   1270 C C   . GLY   A 1 148 ? 13.509  -10.341 5.070   1.00 21.43  ? 154 GLY   B C   1 
ATOM   1271 O O   . GLY   A 1 148 ? 12.699  -10.751 5.893   1.00 21.69  ? 154 GLY   B O   1 
ATOM   1272 N N   . SER   A 1 149 ? 14.486  -9.480  5.367   1.00 19.87  ? 155 SER   B N   1 
ATOM   1273 C CA  . SER   A 1 149 ? 14.663  -8.919  6.726   1.00 17.88  ? 155 SER   B CA  1 
ATOM   1274 C C   . SER   A 1 149 ? 13.400  -8.144  7.188   1.00 18.31  ? 155 SER   B C   1 
ATOM   1275 O O   . SER   A 1 149 ? 12.769  -7.403  6.379   1.00 19.09  ? 155 SER   B O   1 
ATOM   1276 C CB  . SER   A 1 149 ? 15.923  -8.107  6.846   1.00 19.55  ? 155 SER   B CB  1 
ATOM   1277 O OG  . SER   A 1 149 ? 15.952  -7.002  5.966   1.00 21.63  ? 155 SER   B OG  1 
ATOM   1278 N N   . LEU   A 1 150 ? 13.018  -8.250  8.453   1.00 18.47  ? 156 LEU   B N   1 
ATOM   1279 C CA  . LEU   A 1 150 ? 11.836  -7.487  8.957   1.00 17.47  ? 156 LEU   B CA  1 
ATOM   1280 C C   . LEU   A 1 150 ? 12.093  -5.977  8.890   1.00 17.33  ? 156 LEU   B C   1 
ATOM   1281 O O   . LEU   A 1 150 ? 13.179  -5.493  9.336   1.00 17.98  ? 156 LEU   B O   1 
ATOM   1282 C CB  . LEU   A 1 150 ? 11.568  -7.859  10.408  1.00 16.94  ? 156 LEU   B CB  1 
ATOM   1283 C CG  . LEU   A 1 150 ? 10.355  -7.233  11.073  1.00 18.05  ? 156 LEU   B CG  1 
ATOM   1284 C CD1 . LEU   A 1 150 ? 9.062   -7.658  10.436  1.00 18.97  ? 156 LEU   B CD1 1 
ATOM   1285 C CD2 . LEU   A 1 150 ? 10.367  -7.595  12.570  1.00 19.17  ? 156 LEU   B CD2 1 
ATOM   1286 N N   . ILE   A 1 151 ? 11.104  -5.214  8.437   1.00 14.95  ? 157 ILE   B N   1 
ATOM   1287 C CA  . ILE   A 1 151 ? 11.076  -3.755  8.432   1.00 15.83  ? 157 ILE   B CA  1 
ATOM   1288 C C   . ILE   A 1 151 ? 10.278  -3.243  9.625   1.00 14.29  ? 157 ILE   B C   1 
ATOM   1289 O O   . ILE   A 1 151 ? 10.706  -2.344  10.339  1.00 15.48  ? 157 ILE   B O   1 
ATOM   1290 C CB  . ILE   A 1 151 ? 10.545  -3.209  7.092   1.00 16.21  ? 157 ILE   B CB  1 
ATOM   1291 C CG1 . ILE   A 1 151 ? 11.480  -3.540  5.931   1.00 16.58  ? 157 ILE   B CG1 1 
ATOM   1292 C CG2 . ILE   A 1 151 ? 10.358  -1.714  7.186   1.00 17.02  ? 157 ILE   B CG2 1 
ATOM   1293 C CD1 . ILE   A 1 151 ? 10.860  -3.246  4.568   1.00 18.23  ? 157 ILE   B CD1 1 
ATOM   1294 N N   . TYR   A 1 152 ? 9.041   -3.723  9.755   1.00 14.21  ? 158 TYR   B N   1 
ATOM   1295 C CA  . TYR   A 1 152 ? 8.128   -3.213  10.812  1.00 13.06  ? 158 TYR   B CA  1 
ATOM   1296 C C   . TYR   A 1 152 ? 6.955   -4.191  11.015  1.00 14.66  ? 158 TYR   B C   1 
ATOM   1297 O O   . TYR   A 1 152 ? 6.498   -4.811  10.027  1.00 13.70  ? 158 TYR   B O   1 
ATOM   1298 C CB  . TYR   A 1 152 ? 7.511   -1.856  10.388  1.00 14.55  ? 158 TYR   B CB  1 
ATOM   1299 C CG  . TYR   A 1 152 ? 6.786   -1.123  11.480  1.00 13.62  ? 158 TYR   B CG  1 
ATOM   1300 C CD1 . TYR   A 1 152 ? 7.469   -0.398  12.443  1.00 15.36  ? 158 TYR   B CD1 1 
ATOM   1301 C CD2 . TYR   A 1 152 ? 5.396   -1.237  11.622  1.00 13.70  ? 158 TYR   B CD2 1 
ATOM   1302 C CE1 . TYR   A 1 152 ? 6.811   0.219   13.493  1.00 15.45  ? 158 TYR   B CE1 1 
ATOM   1303 C CE2 . TYR   A 1 152 ? 4.723   -0.623  12.669  1.00 15.00  ? 158 TYR   B CE2 1 
ATOM   1304 C CZ  . TYR   A 1 152 ? 5.441   0.081   13.617  1.00 16.26  ? 158 TYR   B CZ  1 
ATOM   1305 O OH  . TYR   A 1 152 ? 4.858   0.662   14.692  1.00 18.96  ? 158 TYR   B OH  1 
ATOM   1306 N N   . THR   A 1 153 ? 6.494   -4.272  12.258  1.00 14.37  ? 159 THR   B N   1 
ATOM   1307 C CA  . THR   A 1 153 ? 5.296   -5.071  12.665  1.00 14.87  ? 159 THR   B CA  1 
ATOM   1308 C C   . THR   A 1 153 ? 4.334   -4.186  13.448  1.00 14.33  ? 159 THR   B C   1 
ATOM   1309 O O   . THR   A 1 153 ? 4.684   -3.643  14.499  1.00 15.47  ? 159 THR   B O   1 
ATOM   1310 C CB  . THR   A 1 153 ? 5.698   -6.316  13.478  1.00 15.60  ? 159 THR   B CB  1 
ATOM   1311 O OG1 . THR   A 1 153 ? 6.354   -7.216  12.591  1.00 17.17  ? 159 THR   B OG1 1 
ATOM   1312 C CG2 . THR   A 1 153 ? 4.482   -7.020  14.056  1.00 19.68  ? 159 THR   B CG2 1 
ATOM   1313 N N   . PHE   A 1 154 ? 3.093   -4.053  12.932  1.00 14.13  ? 160 PHE   B N   1 
ATOM   1314 C CA  . PHE   A 1 154 ? 1.903   -3.546  13.665  1.00 14.16  ? 160 PHE   B CA  1 
ATOM   1315 C C   . PHE   A 1 154 ? 1.282   -4.769  14.354  1.00 15.35  ? 160 PHE   B C   1 
ATOM   1316 O O   . PHE   A 1 154 ? 0.993   -5.719  13.706  1.00 16.25  ? 160 PHE   B O   1 
ATOM   1317 C CB  . PHE   A 1 154 ? 0.837   -2.930  12.764  1.00 15.36  ? 160 PHE   B CB  1 
ATOM   1318 C CG  . PHE   A 1 154 ? 1.199   -1.633  12.080  1.00 13.49  ? 160 PHE   B CG  1 
ATOM   1319 C CD1 . PHE   A 1 154 ? 1.858   -1.688  10.850  1.00 12.92  ? 160 PHE   B CD1 1 
ATOM   1320 C CD2 . PHE   A 1 154 ? 0.882   -0.415  12.620  1.00 13.71  ? 160 PHE   B CD2 1 
ATOM   1321 C CE1 . PHE   A 1 154 ? 2.135   -0.500  10.191  1.00 13.78  ? 160 PHE   B CE1 1 
ATOM   1322 C CE2 . PHE   A 1 154 ? 1.178   0.776   11.967  1.00 14.08  ? 160 PHE   B CE2 1 
ATOM   1323 C CZ  . PHE   A 1 154 ? 1.812   0.715   10.743  1.00 13.39  ? 160 PHE   B CZ  1 
ATOM   1324 N N   . SER   A 1 155 ? 1.148   -4.695  15.677  1.00 18.04  ? 161 SER   B N   1 
ATOM   1325 C CA  . SER   A 1 155 ? 0.439   -5.765  16.415  1.00 20.40  ? 161 SER   B CA  1 
ATOM   1326 C C   . SER   A 1 155 ? -0.734  -5.187  17.213  1.00 21.17  ? 161 SER   B C   1 
ATOM   1327 O O   . SER   A 1 155 ? -0.929  -3.939  17.305  1.00 22.13  ? 161 SER   B O   1 
ATOM   1328 C CB  . SER   A 1 155 ? 1.422   -6.538  17.252  1.00 24.16  ? 161 SER   B CB  1 
ATOM   1329 O OG  . SER   A 1 155 ? 1.913   -5.769  18.306  1.00 26.69  ? 161 SER   B OG  1 
ATOM   1330 N N   . GLU   A 1 156 ? -1.587  -6.094  17.703  1.00 23.67  ? 162 GLU   B N   1 
ATOM   1331 C CA  . GLU   A 1 156 ? -2.854  -5.731  18.392  1.00 26.63  ? 162 GLU   B CA  1 
ATOM   1332 C C   . GLU   A 1 156 ? -3.714  -4.838  17.488  1.00 24.85  ? 162 GLU   B C   1 
ATOM   1333 O O   . GLU   A 1 156 ? -4.338  -3.890  17.993  1.00 26.36  ? 162 GLU   B O   1 
ATOM   1334 C CB  . GLU   A 1 156 ? -2.554  -5.062  19.730  1.00 33.20  ? 162 GLU   B CB  1 
ATOM   1335 C CG  . GLU   A 1 156 ? -2.088  -6.063  20.761  1.00 41.74  ? 162 GLU   B CG  1 
ATOM   1336 C CD  . GLU   A 1 156 ? -1.553  -5.443  22.039  1.00 54.30  ? 162 GLU   B CD  1 
ATOM   1337 O OE1 . GLU   A 1 156 ? -1.819  -4.233  22.278  1.00 57.16  ? 162 GLU   B OE1 1 
ATOM   1338 O OE2 . GLU   A 1 156 ? -0.871  -6.174  22.794  1.00 62.42  ? 162 GLU   B OE2 1 
ATOM   1339 N N   . CYS   A 1 157 ? -3.707  -5.080  16.173  1.00 21.37  ? 163 CYS   B N   1 
ATOM   1340 C CA  . CYS   A 1 157 ? -4.434  -4.210  15.213  1.00 19.62  ? 163 CYS   B CA  1 
ATOM   1341 C C   . CYS   A 1 157 ? -5.953  -4.332  15.404  1.00 21.33  ? 163 CYS   B C   1 
ATOM   1342 O O   . CYS   A 1 157 ? -6.447  -5.509  15.520  1.00 24.34  ? 163 CYS   B O   1 
ATOM   1343 C CB  . CYS   A 1 157 ? -4.140  -4.571  13.766  1.00 19.10  ? 163 CYS   B CB  1 
ATOM   1344 S SG  . CYS   A 1 157 ? -2.393  -4.294  13.310  1.00 18.54  ? 163 CYS   B SG  1 
ATOM   1345 N N   . VAL   A 1 158 ? -6.669  -3.219  15.296  1.00 20.40  ? 164 VAL   B N   1 
ATOM   1346 C CA  . VAL   A 1 158 ? -8.162  -3.228  15.342  1.00 21.85  ? 164 VAL   B CA  1 
ATOM   1347 C C   . VAL   A 1 158 ? -8.675  -3.028  13.939  1.00 19.72  ? 164 VAL   B C   1 
ATOM   1348 O O   . VAL   A 1 158 ? -9.036  -1.892  13.508  1.00 20.91  ? 164 VAL   B O   1 
ATOM   1349 C CB  . VAL   A 1 158 ? -8.696  -2.201  16.359  1.00 27.88  ? 164 VAL   B CB  1 
ATOM   1350 C CG1 . VAL   A 1 158 ? -10.225 -2.272  16.470  1.00 27.53  ? 164 VAL   B CG1 1 
ATOM   1351 C CG2 . VAL   A 1 158 ? -8.076  -2.417  17.709  1.00 28.98  ? 164 VAL   B CG2 1 
ATOM   1352 N N   . PHE   A 1 159 ? -8.708  -4.107  13.181  1.00 18.21  ? 165 PHE   B N   1 
ATOM   1353 C CA  . PHE   A 1 159 ? -9.110  -4.062  11.771  1.00 17.19  ? 165 PHE   B CA  1 
ATOM   1354 C C   . PHE   A 1 159 ? -10.552 -3.560  11.686  1.00 23.28  ? 165 PHE   B C   1 
ATOM   1355 O O   . PHE   A 1 159 ? -10.836 -2.723  10.836  1.00 22.56  ? 165 PHE   B O   1 
ATOM   1356 C CB  . PHE   A 1 159 ? -8.876  -5.400  11.092  1.00 18.67  ? 165 PHE   B CB  1 
ATOM   1357 C CG  . PHE   A 1 159 ? -7.428  -5.834  11.051  1.00 17.05  ? 165 PHE   B CG  1 
ATOM   1358 C CD1 . PHE   A 1 159 ? -6.415  -4.939  10.708  1.00 16.66  ? 165 PHE   B CD1 1 
ATOM   1359 C CD2 . PHE   A 1 159 ? -7.071  -7.140  11.343  1.00 18.25  ? 165 PHE   B CD2 1 
ATOM   1360 C CE1 . PHE   A 1 159 ? -5.084  -5.367  10.644  1.00 16.47  ? 165 PHE   B CE1 1 
ATOM   1361 C CE2 . PHE   A 1 159 ? -5.749  -7.557  11.283  1.00 18.21  ? 165 PHE   B CE2 1 
ATOM   1362 C CZ  . PHE   A 1 159 ? -4.762  -6.664  10.943  1.00 16.93  ? 165 PHE   B CZ  1 
ATOM   1363 N N   . ALA   A 1 160 ? -11.441 -4.068  12.536  1.00 19.15  ? 166 ALA   B N   1 
ATOM   1364 C CA  . ALA   A 1 160 ? -12.830 -3.557  12.646  1.00 19.54  ? 166 ALA   B CA  1 
ATOM   1365 C C   . ALA   A 1 160 ? -13.615 -3.698  11.343  1.00 19.09  ? 166 ALA   B C   1 
ATOM   1366 O O   . ALA   A 1 160 ? -14.641 -2.932  11.142  1.00 20.93  ? 166 ALA   B O   1 
ATOM   1367 C CB  . ALA   A 1 160 ? -12.798 -2.162  13.184  1.00 19.34  ? 166 ALA   B CB  1 
ATOM   1368 N N   . GLY   A 1 161 ? -13.276 -4.651  10.480  1.00 20.71  ? 167 GLY   B N   1 
ATOM   1369 C CA  . GLY   A 1 161 ? -14.006 -4.923  9.239   1.00 21.70  ? 167 GLY   B CA  1 
ATOM   1370 C C   . GLY   A 1 161 ? -13.088 -5.498  8.200   1.00 19.29  ? 167 GLY   B C   1 
ATOM   1371 O O   . GLY   A 1 161 ? -11.936 -5.854  8.521   1.00 19.43  ? 167 GLY   B O   1 
ATOM   1372 N N   . PRO   A 1 162 ? -13.613 -5.680  6.986   1.00 17.75  ? 168 PRO   B N   1 
ATOM   1373 C CA  . PRO   A 1 162 ? -12.840 -6.266  5.915   1.00 16.75  ? 168 PRO   B CA  1 
ATOM   1374 C C   . PRO   A 1 162 ? -11.648 -5.340  5.607   1.00 16.62  ? 168 PRO   B C   1 
ATOM   1375 O O   . PRO   A 1 162 ? -11.754 -4.118  5.729   1.00 16.31  ? 168 PRO   B O   1 
ATOM   1376 C CB  . PRO   A 1 162 ? -13.800 -6.372  4.739   1.00 17.68  ? 168 PRO   B CB  1 
ATOM   1377 C CG  . PRO   A 1 162 ? -15.156 -6.153  5.351   1.00 18.15  ? 168 PRO   B CG  1 
ATOM   1378 C CD  . PRO   A 1 162 ? -14.979 -5.315  6.565   1.00 17.80  ? 168 PRO   B CD  1 
ATOM   1379 N N   . LEU   A 1 163 ? -10.563 -5.970  5.165   1.00 17.00  ? 169 LEU   B N   1 
ATOM   1380 C CA  . LEU   A 1 163 ? -9.320  -5.234  4.770   1.00 15.71  ? 169 LEU   B CA  1 
ATOM   1381 C C   . LEU   A 1 163 ? -9.125  -5.284  3.253   1.00 16.98  ? 169 LEU   B C   1 
ATOM   1382 O O   . LEU   A 1 163 ? -9.497  -6.267  2.569   1.00 17.14  ? 169 LEU   B O   1 
ATOM   1383 C CB  . LEU   A 1 163 ? -8.095  -5.862  5.436   1.00 16.16  ? 169 LEU   B CB  1 
ATOM   1384 C CG  . LEU   A 1 163 ? -7.997  -5.722  6.955   1.00 16.65  ? 169 LEU   B CG  1 
ATOM   1385 C CD1 . LEU   A 1 163 ? -6.779  -6.484  7.428   1.00 17.13  ? 169 LEU   B CD1 1 
ATOM   1386 C CD2 . LEU   A 1 163 ? -7.907  -4.246  7.354   1.00 17.66  ? 169 LEU   B CD2 1 
ATOM   1387 N N   . ARG   A 1 164 ? -8.524  -4.201  2.718   1.00 15.37  ? 170 ARG   B N   1 
ATOM   1388 C CA  . ARG   A 1 164 ? -8.109  -4.122  1.296   1.00 15.77  ? 170 ARG   B CA  1 
ATOM   1389 C C   . ARG   A 1 164 ? -6.621  -3.778  1.223   1.00 14.61  ? 170 ARG   B C   1 
ATOM   1390 O O   . ARG   A 1 164 ? -6.152  -2.938  1.985   1.00 14.79  ? 170 ARG   B O   1 
ATOM   1391 C CB  . ARG   A 1 164 ? -8.969  -3.066  0.598   1.00 17.78  ? 170 ARG   B CB  1 
ATOM   1392 C CG  . ARG   A 1 164 ? -10.395 -3.599  0.726   1.00 23.20  ? 170 ARG   B CG  1 
ATOM   1393 C CD  . ARG   A 1 164 ? -11.484 -3.066  -0.077  1.00 30.04  ? 170 ARG   B CD  1 
ATOM   1394 N NE  . ARG   A 1 164 ? -11.136 -3.144  -1.461  1.00 25.51  ? 170 ARG   B NE  1 
ATOM   1395 C CZ  . ARG   A 1 164 ? -11.878 -2.555  -2.361  1.00 26.30  ? 170 ARG   B CZ  1 
ATOM   1396 N NH1 . ARG   A 1 164 ? -12.947 -1.888  -1.958  1.00 25.69  ? 170 ARG   B NH1 1 
ATOM   1397 N NH2 . ARG   A 1 164 ? -11.524 -2.573  -3.634  1.00 22.05  ? 170 ARG   B NH2 1 
ATOM   1398 N N   . PRO   A 1 165 ? -5.885  -4.365  0.264   1.00 14.41  ? 171 PRO   B N   1 
ATOM   1399 C CA  . PRO   A 1 165 ? -4.524  -3.916  -0.034  1.00 13.09  ? 171 PRO   B CA  1 
ATOM   1400 C C   . PRO   A 1 165 ? -4.572  -2.432  -0.400  1.00 13.15  ? 171 PRO   B C   1 
ATOM   1401 O O   . PRO   A 1 165 ? -5.542  -2.013  -1.069  1.00 13.59  ? 171 PRO   B O   1 
ATOM   1402 C CB  . PRO   A 1 165 ? -4.099  -4.781  -1.238  1.00 13.96  ? 171 PRO   B CB  1 
ATOM   1403 C CG  . PRO   A 1 165 ? -4.986  -6.031  -1.106  1.00 15.65  ? 171 PRO   B CG  1 
ATOM   1404 C CD  . PRO   A 1 165 ? -6.307  -5.462  -0.639  1.00 16.14  ? 171 PRO   B CD  1 
ATOM   1405 N N   . PHE   A 1 166 ? -3.588  -1.645  0.041   1.00 12.34  ? 172 PHE   B N   1 
ATOM   1406 C CA  . PHE   A 1 166 ? -3.570  -0.165  -0.097  1.00 12.54  ? 172 PHE   B CA  1 
ATOM   1407 C C   . PHE   A 1 166 ? -2.264  0.258   -0.776  1.00 12.50  ? 172 PHE   B C   1 
ATOM   1408 O O   . PHE   A 1 166 ? -1.170  -0.230  -0.406  1.00 12.59  ? 172 PHE   B O   1 
ATOM   1409 C CB  . PHE   A 1 166 ? -3.713  0.493   1.276   1.00 13.30  ? 172 PHE   B CB  1 
ATOM   1410 C CG  . PHE   A 1 166 ? -3.537  1.995   1.243   1.00 13.82  ? 172 PHE   B CG  1 
ATOM   1411 C CD1 . PHE   A 1 166 ? -4.585  2.815   0.844   1.00 14.25  ? 172 PHE   B CD1 1 
ATOM   1412 C CD2 . PHE   A 1 166 ? -2.309  2.561   1.532   1.00 15.24  ? 172 PHE   B CD2 1 
ATOM   1413 C CE1 . PHE   A 1 166 ? -4.406  4.190   0.788   1.00 14.53  ? 172 PHE   B CE1 1 
ATOM   1414 C CE2 . PHE   A 1 166 ? -2.151  3.944   1.473   1.00 14.51  ? 172 PHE   B CE2 1 
ATOM   1415 C CZ  . PHE   A 1 166 ? -3.197  4.743   1.116   1.00 15.34  ? 172 PHE   B CZ  1 
ATOM   1416 N N   . PHE   A 1 167 ? -2.329  1.250   -1.686  1.00 12.67  ? 173 PHE   B N   1 
ATOM   1417 C CA  . PHE   A 1 167 ? -1.189  1.698   -2.500  1.00 12.56  ? 173 PHE   B CA  1 
ATOM   1418 C C   . PHE   A 1 167 ? -1.264  3.219   -2.640  1.00 13.48  ? 173 PHE   B C   1 
ATOM   1419 O O   . PHE   A 1 167 ? -2.387  3.697   -2.955  1.00 14.31  ? 173 PHE   B O   1 
ATOM   1420 C CB  . PHE   A 1 167 ? -1.196  1.065   -3.917  1.00 13.16  ? 173 PHE   B CB  1 
ATOM   1421 C CG  . PHE   A 1 167 ? -1.270  -0.447  -3.894  1.00 12.68  ? 173 PHE   B CG  1 
ATOM   1422 C CD1 . PHE   A 1 167 ? -2.523  -1.046  -3.856  1.00 12.76  ? 173 PHE   B CD1 1 
ATOM   1423 C CD2 . PHE   A 1 167 ? -0.141  -1.256  -3.920  1.00 14.81  ? 173 PHE   B CD2 1 
ATOM   1424 C CE1 . PHE   A 1 167 ? -2.652  -2.431  -3.767  1.00 13.85  ? 173 PHE   B CE1 1 
ATOM   1425 C CE2 . PHE   A 1 167 ? -0.281  -2.639  -3.873  1.00 14.30  ? 173 PHE   B CE2 1 
ATOM   1426 C CZ  . PHE   A 1 167 ? -1.539  -3.220  -3.820  1.00 14.68  ? 173 PHE   B CZ  1 
ATOM   1427 N N   . ASN   A 1 168 ? -0.130  3.898   -2.614  1.00 13.18  ? 174 ASN   B N   1 
ATOM   1428 C CA  . ASN   A 1 168 ? -0.026  5.334   -2.985  1.00 12.51  ? 174 ASN   B CA  1 
ATOM   1429 C C   . ASN   A 1 168 ? 1.237   5.457   -3.817  1.00 14.32  ? 174 ASN   B C   1 
ATOM   1430 O O   . ASN   A 1 168 ? 2.321   5.150   -3.320  1.00 13.86  ? 174 ASN   B O   1 
ATOM   1431 C CB  . ASN   A 1 168 ? 0.000   6.232   -1.751  1.00 13.02  ? 174 ASN   B CB  1 
ATOM   1432 C CG  . ASN   A 1 168 ? 0.026   7.710   -2.094  1.00 15.51  ? 174 ASN   B CG  1 
ATOM   1433 O OD1 . ASN   A 1 168 ? 0.048   8.088   -3.259  1.00 17.51  ? 174 ASN   B OD1 1 
ATOM   1434 N ND2 . ASN   A 1 168 ? -0.084  8.533   -1.073  1.00 16.90  ? 174 ASN   B ND2 1 
ATOM   1435 N N   . VAL   A 1 169 ? 1.101   5.842   -5.090  1.00 14.09  ? 175 VAL   B N   1 
ATOM   1436 C CA  . VAL   A 1 169 ? 2.285   5.961   -5.994  1.00 13.31  ? 175 VAL   B CA  1 
ATOM   1437 C C   . VAL   A 1 169 ? 3.063   7.249   -5.713  1.00 14.65  ? 175 VAL   B C   1 
ATOM   1438 O O   . VAL   A 1 169 ? 4.139   7.379   -6.242  1.00 15.41  ? 175 VAL   B O   1 
ATOM   1439 C CB  . VAL   A 1 169 ? 1.905   5.881   -7.484  1.00 15.74  ? 175 VAL   B CB  1 
ATOM   1440 C CG1 . VAL   A 1 169 ? 1.232   4.577   -7.817  1.00 15.73  ? 175 VAL   B CG1 1 
ATOM   1441 C CG2 . VAL   A 1 169 ? 0.980   7.011   -7.915  1.00 15.71  ? 175 VAL   B CG2 1 
ATOM   1442 N N   . GLY   A 1 170 ? 2.488   8.157   -4.919  1.00 16.15  ? 176 GLY   B N   1 
ATOM   1443 C CA  . GLY   A 1 170 ? 3.090   9.461   -4.633  1.00 16.45  ? 176 GLY   B CA  1 
ATOM   1444 C C   . GLY   A 1 170 ? 2.943   10.468  -5.745  1.00 17.02  ? 176 GLY   B C   1 
ATOM   1445 O O   . GLY   A 1 170 ? 2.688   10.093  -6.898  1.00 16.01  ? 176 GLY   B O   1 
ATOM   1446 N N   . PHE   A 1 171 ? 3.108   11.740  -5.393  1.00 18.08  ? 177 PHE   B N   1 
ATOM   1447 C CA  . PHE   A 1 171 ? 3.158   12.831  -6.399  1.00 18.42  ? 177 PHE   B CA  1 
ATOM   1448 C C   . PHE   A 1 171 ? 4.460   12.722  -7.193  1.00 16.32  ? 177 PHE   B C   1 
ATOM   1449 O O   . PHE   A 1 171 ? 5.404   12.005  -6.826  1.00 15.11  ? 177 PHE   B O   1 
ATOM   1450 C CB  . PHE   A 1 171 ? 2.923   14.201  -5.767  1.00 18.90  ? 177 PHE   B CB  1 
ATOM   1451 C CG  . PHE   A 1 171 ? 1.513   14.365  -5.273  1.00 20.29  ? 177 PHE   B CG  1 
ATOM   1452 C CD1 . PHE   A 1 171 ? 0.467   14.630  -6.151  1.00 20.27  ? 177 PHE   B CD1 1 
ATOM   1453 C CD2 . PHE   A 1 171 ? 1.233   14.298  -3.935  1.00 19.01  ? 177 PHE   B CD2 1 
ATOM   1454 C CE1 . PHE   A 1 171 ? -0.834  14.792  -5.670  1.00 21.75  ? 177 PHE   B CE1 1 
ATOM   1455 C CE2 . PHE   A 1 171 ? -0.059  14.496  -3.458  1.00 19.65  ? 177 PHE   B CE2 1 
ATOM   1456 C CZ  . PHE   A 1 171 ? -1.085  14.742  -4.323  1.00 20.65  ? 177 PHE   B CZ  1 
ATOM   1457 N N   . ASN   A 1 172 ? 4.509   13.488  -8.273  1.00 17.24  ? 178 ASN   B N   1 
ATOM   1458 C CA  . ASN   A 1 172 ? 5.714   13.583  -9.104  1.00 14.57  ? 178 ASN   B CA  1 
ATOM   1459 C C   . ASN   A 1 172 ? 5.983   15.068  -9.404  1.00 15.16  ? 178 ASN   B C   1 
ATOM   1460 O O   . ASN   A 1 172 ? 6.278   15.394  -10.565 1.00 19.51  ? 178 ASN   B O   1 
ATOM   1461 C CB  . ASN   A 1 172 ? 5.595   12.786  -10.388 1.00 15.86  ? 178 ASN   B CB  1 
ATOM   1462 C CG  . ASN   A 1 172 ? 6.880   12.673  -11.168 1.00 14.78  ? 178 ASN   B CG  1 
ATOM   1463 O OD1 . ASN   A 1 172 ? 7.971   12.730  -10.633 1.00 16.55  ? 178 ASN   B OD1 1 
ATOM   1464 N ND2 . ASN   A 1 172 ? 6.748   12.476  -12.478 1.00 19.16  ? 178 ASN   B ND2 1 
ATOM   1465 N N   . TYR   A 1 173 ? 6.134   15.857  -8.363  1.00 17.15  ? 179 TYR   B N   1 
ATOM   1466 C CA  . TYR   A 1 173 ? 6.518   17.288  -8.533  1.00 16.01  ? 179 TYR   B CA  1 
ATOM   1467 C C   . TYR   A 1 173 ? 7.961   17.383  -9.038  1.00 19.04  ? 179 TYR   B C   1 
ATOM   1468 O O   . TYR   A 1 173 ? 8.293   18.411  -9.717  1.00 21.11  ? 179 TYR   B O   1 
ATOM   1469 C CB  . TYR   A 1 173 ? 6.381   18.038  -7.202  1.00 16.76  ? 179 TYR   B CB  1 
ATOM   1470 C CG  . TYR   A 1 173 ? 4.959   18.251  -6.738  1.00 19.22  ? 179 TYR   B CG  1 
ATOM   1471 C CD1 . TYR   A 1 173 ? 4.146   19.178  -7.382  1.00 23.27  ? 179 TYR   B CD1 1 
ATOM   1472 C CD2 . TYR   A 1 173 ? 4.434   17.557  -5.661  1.00 23.01  ? 179 TYR   B CD2 1 
ATOM   1473 C CE1 . TYR   A 1 173 ? 2.819   19.364  -7.023  1.00 24.92  ? 179 TYR   B CE1 1 
ATOM   1474 C CE2 . TYR   A 1 173 ? 3.108   17.758  -5.276  1.00 22.55  ? 179 TYR   B CE2 1 
ATOM   1475 C CZ  . TYR   A 1 173 ? 2.302   18.659  -5.959  1.00 25.71  ? 179 TYR   B CZ  1 
ATOM   1476 O OH  . TYR   A 1 173 ? 0.992   18.942  -5.609  1.00 29.78  ? 179 TYR   B OH  1 
ATOM   1477 N N   . SER   A 1 174 ? 8.831   16.455  -8.672  1.00 18.23  ? 180 SER   B N   1 
ATOM   1478 C CA  . SER   A 1 174 ? 10.300  16.508  -8.924  1.00 18.01  ? 180 SER   B CA  1 
ATOM   1479 C C   . SER   A 1 174 ? 10.649  16.001  -10.318 1.00 18.66  ? 180 SER   B C   1 
ATOM   1480 O O   . SER   A 1 174 ? 11.834  16.203  -10.738 1.00 21.15  ? 180 SER   B O   1 
ATOM   1481 C CB  . SER   A 1 174 ? 11.072  15.675  -7.911  1.00 19.56  ? 180 SER   B CB  1 
ATOM   1482 O OG  . SER   A 1 174 ? 10.775  14.292  -8.023  1.00 20.64  ? 180 SER   B OG  1 
ATOM   1483 N N   . GLY   A 1 175 ? 9.749   15.251  -10.947 1.00 18.31  ? 181 GLY   B N   1 
ATOM   1484 C CA  . GLY   A 1 175 ? 10.137  14.536  -12.175 1.00 18.13  ? 181 GLY   B CA  1 
ATOM   1485 C C   . GLY   A 1 175 ? 10.893  13.250  -11.917 1.00 20.09  ? 181 GLY   B C   1 
ATOM   1486 O O   . GLY   A 1 175 ? 11.215  12.578  -12.924 1.00 23.64  ? 181 GLY   B O   1 
ATOM   1487 N N   . GLY   A 1 176 ? 11.265  12.932  -10.665 1.00 18.41  ? 182 GLY   B N   1 
ATOM   1488 C CA  . GLY   A 1 176 ? 11.993  11.706  -10.348 1.00 18.64  ? 182 GLY   B CA  1 
ATOM   1489 C C   . GLY   A 1 176 ? 11.122  10.595  -9.773  1.00 18.19  ? 182 GLY   B C   1 
ATOM   1490 O O   . GLY   A 1 176 ? 11.738  9.578   -9.393  1.00 21.43  ? 182 GLY   B O   1 
ATOM   1491 N N   . ASN   A 1 177 ? 9.802   10.758  -9.725  1.00 15.52  ? 183 ASN   B N   1 
ATOM   1492 C CA  . ASN   A 1 177 ? 8.912   9.726   -9.138  1.00 14.25  ? 183 ASN   B CA  1 
ATOM   1493 C C   . ASN   A 1 177 ? 7.827   9.207   -10.095 1.00 15.08  ? 183 ASN   B C   1 
ATOM   1494 O O   . ASN   A 1 177 ? 6.770   8.770   -9.631  1.00 16.86  ? 183 ASN   B O   1 
ATOM   1495 C CB  . ASN   A 1 177 ? 8.248   10.254  -7.878  1.00 14.04  ? 183 ASN   B CB  1 
ATOM   1496 C CG  . ASN   A 1 177 ? 7.723   9.137   -6.987  1.00 14.35  ? 183 ASN   B CG  1 
ATOM   1497 O OD1 . ASN   A 1 177 ? 8.373   8.101   -6.843  1.00 15.93  ? 183 ASN   B OD1 1 
ATOM   1498 N ND2 . ASN   A 1 177 ? 6.612   9.407   -6.313  1.00 14.46  ? 183 ASN   B ND2 1 
ATOM   1499 N N   . ALA   A 1 178 ? 8.099   9.135   -11.400 1.00 15.15  ? 184 ALA   B N   1 
ATOM   1500 C CA  . ALA   A 1 178 ? 7.089   8.693   -12.392 1.00 16.81  ? 184 ALA   B CA  1 
ATOM   1501 C C   . ALA   A 1 178 ? 6.944   7.177   -12.375 1.00 16.32  ? 184 ALA   B C   1 
ATOM   1502 O O   . ALA   A 1 178 ? 5.903   6.710   -12.850 1.00 17.84  ? 184 ALA   B O   1 
ATOM   1503 C CB  . ALA   A 1 178 ? 7.451   9.163   -13.791 1.00 18.68  ? 184 ALA   B CB  1 
ATOM   1504 N N   . ALA   A 1 179 ? 7.922   6.440   -11.851 1.00 16.02  ? 185 ALA   B N   1 
ATOM   1505 C CA  . ALA   A 1 179 ? 7.913   4.960   -11.986 1.00 16.08  ? 185 ALA   B CA  1 
ATOM   1506 C C   . ALA   A 1 179 ? 6.662   4.355   -11.349 1.00 16.90  ? 185 ALA   B C   1 
ATOM   1507 O O   . ALA   A 1 179 ? 6.129   4.875   -10.370 1.00 14.79  ? 185 ALA   B O   1 
ATOM   1508 C CB  . ALA   A 1 179 ? 9.151   4.338   -11.448 1.00 16.38  ? 185 ALA   B CB  1 
ATOM   1509 N N   . PRO   A 1 180 ? 6.191   3.203   -11.868 1.00 15.77  ? 186 PRO   B N   1 
ATOM   1510 C CA  . PRO   A 1 180 ? 5.025   2.524   -11.315 1.00 16.09  ? 186 PRO   B CA  1 
ATOM   1511 C C   . PRO   A 1 180 ? 5.307   1.781   -9.991  1.00 15.12  ? 186 PRO   B C   1 
ATOM   1512 O O   . PRO   A 1 180 ? 6.456   1.462   -9.691  1.00 16.12  ? 186 PRO   B O   1 
ATOM   1513 C CB  . PRO   A 1 180 ? 4.708   1.523   -12.435 1.00 17.46  ? 186 PRO   B CB  1 
ATOM   1514 C CG  . PRO   A 1 180 ? 6.026   1.165   -12.996 1.00 17.12  ? 186 PRO   B CG  1 
ATOM   1515 C CD  . PRO   A 1 180 ? 6.727   2.509   -13.061 1.00 18.08  ? 186 PRO   B CD  1 
ATOM   1516 N N   . LEU   A 1 181 ? 4.248   1.524   -9.218  1.00 14.75  ? 187 LEU   B N   1 
ATOM   1517 C CA  . LEU   A 1 181 ? 4.250   0.365   -8.275  1.00 14.95  ? 187 LEU   B CA  1 
ATOM   1518 C C   . LEU   A 1 181 ? 3.844   -0.864  -9.091  1.00 15.94  ? 187 LEU   B C   1 
ATOM   1519 O O   . LEU   A 1 181 ? 2.858   -0.765  -9.879  1.00 16.22  ? 187 LEU   B O   1 
ATOM   1520 C CB  . LEU   A 1 181 ? 3.257   0.694   -7.166  1.00 14.67  ? 187 LEU   B CB  1 
ATOM   1521 C CG  . LEU   A 1 181 ? 3.635   1.815   -6.185  1.00 15.64  ? 187 LEU   B CG  1 
ATOM   1522 C CD1 . LEU   A 1 181 ? 2.512   2.082   -5.177  1.00 18.49  ? 187 LEU   B CD1 1 
ATOM   1523 C CD2 . LEU   A 1 181 ? 4.896   1.484   -5.446  1.00 18.26  ? 187 LEU   B CD2 1 
ATOM   1524 N N   . LYS   A 1 182 ? 4.465   -2.017  -8.832  1.00 15.98  ? 188 LYS   B N   1 
ATOM   1525 C CA  . LYS   A 1 182 ? 4.116   -3.252  -9.578  1.00 16.24  ? 188 LYS   B CA  1 
ATOM   1526 C C   . LYS   A 1 182 ? 3.921   -4.388  -8.592  1.00 16.74  ? 188 LYS   B C   1 
ATOM   1527 O O   . LYS   A 1 182 ? 4.833   -4.608  -7.773  1.00 16.94  ? 188 LYS   B O   1 
ATOM   1528 C CB  . LYS   A 1 182 ? 5.228   -3.639  -10.553 1.00 19.26  ? 188 LYS   B CB  1 
ATOM   1529 C CG  . LYS   A 1 182 ? 5.685   -2.567  -11.523 1.00 21.69  ? 188 LYS   B CG  1 
ATOM   1530 C CD  . LYS   A 1 182 ? 6.704   -3.131  -12.531 1.00 26.57  ? 188 LYS   B CD  1 
ATOM   1531 C CE  . LYS   A 1 182 ? 7.322   -2.111  -13.439 1.00 33.75  ? 188 LYS   B CE  1 
ATOM   1532 N NZ  . LYS   A 1 182 ? 8.324   -2.750  -14.329 1.00 38.08  ? 188 LYS   B NZ  1 
ATOM   1533 N N   . LEU   A 1 183 ? 2.817   -5.093  -8.704  1.00 16.87  ? 189 LEU   B N   1 
ATOM   1534 C CA  . LEU   A 1 183 ? 2.617   -6.359  -7.950  1.00 18.23  ? 189 LEU   B CA  1 
ATOM   1535 C C   . LEU   A 1 183 ? 3.532   -7.434  -8.560  1.00 20.03  ? 189 LEU   B C   1 
ATOM   1536 O O   . LEU   A 1 183 ? 3.479   -7.652  -9.778  1.00 23.43  ? 189 LEU   B O   1 
ATOM   1537 C CB  . LEU   A 1 183 ? 1.134   -6.706  -7.963  1.00 20.04  ? 189 LEU   B CB  1 
ATOM   1538 C CG  . LEU   A 1 183 ? 0.346   -5.843  -6.977  1.00 20.17  ? 189 LEU   B CG  1 
ATOM   1539 C CD1 . LEU   A 1 183 ? -1.127  -5.688  -7.331  1.00 25.06  ? 189 LEU   B CD1 1 
ATOM   1540 C CD2 . LEU   A 1 183 ? 0.541   -6.341  -5.532  1.00 19.32  ? 189 LEU   B CD2 1 
ATOM   1541 N N   . CYS   A 1 184 ? 4.345   -8.093  -7.746  1.00 22.19  ? 190 CYS   B N   1 
ATOM   1542 C CA  . CYS   A 1 184 ? 5.377   -9.069  -8.212  1.00 22.61  ? 190 CYS   B CA  1 
ATOM   1543 C C   . CYS   A 1 184 ? 4.782   -10.453 -8.324  1.00 25.04  ? 190 CYS   B C   1 
ATOM   1544 O O   . CYS   A 1 184 ? 4.008   -10.863 -7.487  1.00 22.77  ? 190 CYS   B O   1 
ATOM   1545 C CB  . CYS   A 1 184 ? 6.474   -9.180  -7.177  1.00 25.32  ? 190 CYS   B CB  1 
ATOM   1546 S SG  . CYS   A 1 184 ? 7.318   -7.607  -6.891  1.00 28.64  ? 190 CYS   B SG  1 
ATOM   1547 N N   . PRO   A 1 185 ? 5.223   -11.257 -9.307  1.00 30.81  ? 191 PRO   B N   1 
ATOM   1548 C CA  . PRO   A 1 185 ? 4.778   -12.638 -9.399  1.00 33.26  ? 191 PRO   B CA  1 
ATOM   1549 C C   . PRO   A 1 185 ? 5.229   -13.452 -8.182  1.00 34.13  ? 191 PRO   B C   1 
ATOM   1550 O O   . PRO   A 1 185 ? 6.314   -13.178 -7.642  1.00 32.50  ? 191 PRO   B O   1 
ATOM   1551 C CB  . PRO   A 1 185 ? 5.420   -13.104 -10.719 1.00 34.48  ? 191 PRO   B CB  1 
ATOM   1552 C CG  . PRO   A 1 185 ? 6.625   -12.224 -10.900 1.00 37.26  ? 191 PRO   B CG  1 
ATOM   1553 C CD  . PRO   A 1 185 ? 6.194   -10.886 -10.354 1.00 34.28  ? 191 PRO   B CD  1 
ATOM   1554 N N   . LEU   A 1 186 ? 4.312   -14.309 -7.729  1.00 40.03  ? 192 LEU   B N   1 
ATOM   1555 C CA  . LEU   A 1 186 ? 4.510   -15.574 -6.976  1.00 49.07  ? 192 LEU   B CA  1 
ATOM   1556 C C   . LEU   A 1 186 ? 5.704   -16.349 -7.532  1.00 50.60  ? 192 LEU   B C   1 
ATOM   1557 O O   . LEU   A 1 186 ? 6.134   -17.205 -6.769  1.00 52.59  ? 192 LEU   B O   1 
ATOM   1558 C CB  . LEU   A 1 186 ? 3.235   -16.415 -7.116  1.00 51.20  ? 192 LEU   B CB  1 
HETATM 1559 C C10 . A1BE9 B 2 .   ? -3.878  16.584  -6.875  0.58 20.61  ? 201 A1BE9 B C10 1 
HETATM 1560 C C13 . A1BE9 B 2 .   ? -4.132  13.975  -7.795  0.58 20.60  ? 201 A1BE9 B C13 1 
HETATM 1561 C C15 . A1BE9 B 2 .   ? -3.518  16.267  -8.187  0.58 19.98  ? 201 A1BE9 B C15 1 
HETATM 1562 C C01 . A1BE9 B 2 .   ? -5.795  20.712  -8.330  0.58 31.46  ? 201 A1BE9 B C01 1 
HETATM 1563 C C02 . A1BE9 B 2 .   ? -5.219  19.873  -7.231  0.58 30.32  ? 201 A1BE9 B C02 1 
HETATM 1564 C C05 . A1BE9 B 2 .   ? -3.976  18.527  -8.940  0.58 23.23  ? 201 A1BE9 B C05 1 
HETATM 1565 C C06 . A1BE9 B 2 .   ? -2.890  17.442  -8.910  0.58 22.18  ? 201 A1BE9 B C06 1 
HETATM 1566 C C07 . A1BE9 B 2 .   ? -1.701  17.920  -8.061  0.58 21.22  ? 201 A1BE9 B C07 1 
HETATM 1567 C C08 . A1BE9 B 2 .   ? -2.186  18.318  -6.665  0.58 22.10  ? 201 A1BE9 B C08 1 
HETATM 1568 C C09 . A1BE9 B 2 .   ? -3.686  18.055  -6.560  0.58 22.38  ? 201 A1BE9 B C09 1 
HETATM 1569 C C11 . A1BE9 B 2 .   ? -4.360  15.594  -6.027  0.58 20.37  ? 201 A1BE9 B C11 1 
HETATM 1570 C C12 . A1BE9 B 2 .   ? -4.486  14.291  -6.487  0.58 19.17  ? 201 A1BE9 B C12 1 
HETATM 1571 C C14 . A1BE9 B 2 .   ? -3.652  14.961  -8.648  0.58 20.07  ? 201 A1BE9 B C14 1 
HETATM 1572 N N04 . A1BE9 B 2 .   ? -4.361  18.883  -7.573  0.58 26.08  ? 201 A1BE9 B N04 1 
HETATM 1573 O O03 . A1BE9 B 2 .   ? -5.501  20.081  -6.054  0.58 33.75  ? 201 A1BE9 B O03 1 
HETATM 1574 C C1  . EDO   C 3 .   ? -10.771 22.421  0.619   1.00 55.56  ? 202 EDO   B C1  1 
HETATM 1575 O O1  . EDO   C 3 .   ? -10.655 21.190  -0.079  1.00 48.50  ? 202 EDO   B O1  1 
HETATM 1576 C C2  . EDO   C 3 .   ? -9.479  22.936  1.116   1.00 53.98  ? 202 EDO   B C2  1 
HETATM 1577 O O2  . EDO   C 3 .   ? -8.686  23.395  0.060   1.00 55.68  ? 202 EDO   B O2  1 
HETATM 1578 S S   . SO4   D 4 .   ? -6.479  13.441  10.526  1.00 49.08  ? 203 SO4   B S   1 
HETATM 1579 O O1  . SO4   D 4 .   ? -7.082  12.620  9.491   1.00 30.63  ? 203 SO4   B O1  1 
HETATM 1580 O O2  . SO4   D 4 .   ? -7.458  14.333  11.078  1.00 54.17  ? 203 SO4   B O2  1 
HETATM 1581 O O3  . SO4   D 4 .   ? -5.982  12.577  11.580  1.00 57.88  ? 203 SO4   B O3  1 
HETATM 1582 O O4  . SO4   D 4 .   ? -5.379  14.213  9.998   1.00 51.31  ? 203 SO4   B O4  1 
HETATM 1583 O O   . HOH   E 5 .   ? -9.875  19.091  0.630   1.00 24.01  ? 301 HOH   B O   1 
HETATM 1584 O O   . HOH   E 5 .   ? -0.956  10.694  -18.872 1.00 40.97  ? 302 HOH   B O   1 
HETATM 1585 O O   . HOH   E 5 .   ? -6.680  2.926   -15.189 1.00 22.22  ? 303 HOH   B O   1 
HETATM 1586 O O   . HOH   E 5 .   ? 6.673   20.033  -10.736 1.00 32.79  ? 304 HOH   B O   1 
HETATM 1587 O O   . HOH   E 5 .   ? 3.716   14.307  -20.250 1.00 36.67  ? 305 HOH   B O   1 
HETATM 1588 O O   . HOH   E 5 .   ? -6.472  16.336  -19.694 1.00 33.19  ? 306 HOH   B O   1 
HETATM 1589 O O   . HOH   E 5 .   ? 4.216   8.026   -14.445 1.00 23.17  ? 307 HOH   B O   1 
HETATM 1590 O O   . HOH   E 5 .   ? -17.092 8.633   -0.514  1.00 34.96  ? 308 HOH   B O   1 
HETATM 1591 O O   . HOH   E 5 .   ? 4.193   9.337   -9.113  1.00 19.26  ? 309 HOH   B O   1 
HETATM 1592 O O   . HOH   E 5 .   ? 11.580  5.870   -15.013 1.00 33.08  ? 310 HOH   B O   1 
HETATM 1593 O O   . HOH   E 5 .   ? -0.675  3.454   8.905   1.00 16.44  ? 311 HOH   B O   1 
HETATM 1594 O O   . HOH   E 5 .   ? -3.603  16.862  -1.919  1.00 36.89  ? 312 HOH   B O   1 
HETATM 1595 O O   . HOH   E 5 .   ? -10.726 6.859   7.429   1.00 23.03  ? 313 HOH   B O   1 
HETATM 1596 O O   . HOH   E 5 .   ? -8.668  12.026  -0.560  1.00 17.35  ? 314 HOH   B O   1 
HETATM 1597 O O   . HOH   E 5 .   ? -16.469 5.969   -12.167 1.00 26.31  ? 315 HOH   B O   1 
HETATM 1598 O O   . HOH   E 5 .   ? 3.807   6.891   -10.486 1.00 16.03  ? 316 HOH   B O   1 
HETATM 1599 O O   . HOH   E 5 .   ? -10.017 18.150  3.718   1.00 33.38  ? 317 HOH   B O   1 
HETATM 1600 O O   . HOH   E 5 .   ? -15.698 6.606   -16.652 1.00 38.20  ? 318 HOH   B O   1 
HETATM 1601 O O   . HOH   E 5 .   ? -12.368 12.124  -6.769  1.00 30.72  ? 319 HOH   B O   1 
HETATM 1602 O O   . HOH   E 5 .   ? -4.915  17.466  0.242   1.00 37.42  ? 320 HOH   B O   1 
HETATM 1603 O O   . HOH   E 5 .   ? -12.179 3.667   -13.702 1.00 30.63  ? 321 HOH   B O   1 
HETATM 1604 O O   . HOH   E 5 .   ? 13.154  8.446   -13.416 1.00 38.38  ? 322 HOH   B O   1 
HETATM 1605 O O   . HOH   E 5 .   ? 4.094   11.835  -13.673 1.00 33.80  ? 323 HOH   B O   1 
HETATM 1606 O O   . HOH   E 5 .   ? 0.434   1.436   -15.505 1.00 28.74  ? 324 HOH   B O   1 
HETATM 1607 O O   . HOH   E 5 .   ? 8.403   13.129  -14.910 1.00 27.79  ? 325 HOH   B O   1 
HETATM 1608 O O   . HOH   E 5 .   ? 0.408   11.519  -1.087  1.00 25.41  ? 326 HOH   B O   1 
HETATM 1609 O O   . HOH   E 5 .   ? 1.397   16.970  -15.189 1.00 43.55  ? 327 HOH   B O   1 
HETATM 1610 O O   . HOH   E 5 .   ? 4.445   12.346  -2.700  1.00 19.60  ? 328 HOH   B O   1 
HETATM 1611 O O   . HOH   E 5 .   ? -18.035 12.845  -13.080 1.00 31.01  ? 329 HOH   B O   1 
HETATM 1612 O O   . HOH   E 5 .   ? -10.176 11.255  -8.094  1.00 23.30  ? 330 HOH   B O   1 
HETATM 1613 O O   . HOH   E 5 .   ? 2.704   1.035   -15.365 1.00 30.46  ? 331 HOH   B O   1 
# 
